data_3HA9
# 
_entry.id   3HA9 
# 
_audit_conform.dict_name       mmcif_pdbx.dic 
_audit_conform.dict_version    5.397 
_audit_conform.dict_location   http://mmcif.pdb.org/dictionaries/ascii/mmcif_pdbx.dic 
# 
loop_
_database_2.database_id 
_database_2.database_code 
_database_2.pdbx_database_accession 
_database_2.pdbx_DOI 
PDB   3HA9         pdb_00003ha9 10.2210/pdb3ha9/pdb 
RCSB  RCSB052888   ?            ?                   
WWPDB D_1000052888 ?            ?                   
# 
loop_
_pdbx_audit_revision_history.ordinal 
_pdbx_audit_revision_history.data_content_type 
_pdbx_audit_revision_history.major_revision 
_pdbx_audit_revision_history.minor_revision 
_pdbx_audit_revision_history.revision_date 
1 'Structure model' 1 0 2009-05-19 
2 'Structure model' 1 1 2011-07-13 
3 'Structure model' 1 2 2017-11-01 
4 'Structure model' 1 3 2024-10-09 
# 
_pdbx_audit_revision_details.ordinal             1 
_pdbx_audit_revision_details.revision_ordinal    1 
_pdbx_audit_revision_details.data_content_type   'Structure model' 
_pdbx_audit_revision_details.provider            repository 
_pdbx_audit_revision_details.type                'Initial release' 
_pdbx_audit_revision_details.description         ? 
_pdbx_audit_revision_details.details             ? 
# 
loop_
_pdbx_audit_revision_group.ordinal 
_pdbx_audit_revision_group.revision_ordinal 
_pdbx_audit_revision_group.data_content_type 
_pdbx_audit_revision_group.group 
1 2 'Structure model' Advisory                    
2 2 'Structure model' 'Version format compliance' 
3 3 'Structure model' 'Refinement description'    
4 4 'Structure model' 'Data collection'           
5 4 'Structure model' 'Database references'       
6 4 'Structure model' 'Structure summary'         
# 
loop_
_pdbx_audit_revision_category.ordinal 
_pdbx_audit_revision_category.revision_ordinal 
_pdbx_audit_revision_category.data_content_type 
_pdbx_audit_revision_category.category 
1 3 'Structure model' software                  
2 4 'Structure model' chem_comp_atom            
3 4 'Structure model' chem_comp_bond            
4 4 'Structure model' database_2                
5 4 'Structure model' pdbx_entry_details        
6 4 'Structure model' pdbx_modification_feature 
# 
loop_
_pdbx_audit_revision_item.ordinal 
_pdbx_audit_revision_item.revision_ordinal 
_pdbx_audit_revision_item.data_content_type 
_pdbx_audit_revision_item.item 
1 4 'Structure model' '_database_2.pdbx_DOI'                
2 4 'Structure model' '_database_2.pdbx_database_accession' 
# 
_pdbx_database_status.entry_id                        3HA9 
_pdbx_database_status.deposit_site                    RCSB 
_pdbx_database_status.process_site                    RCSB 
_pdbx_database_status.recvd_initial_deposition_date   2009-05-01 
_pdbx_database_status.status_code                     REL 
_pdbx_database_status.status_code_sf                  REL 
_pdbx_database_status.status_code_mr                  ? 
_pdbx_database_status.SG_entry                        Y 
_pdbx_database_status.pdb_format_compatible           Y 
_pdbx_database_status.status_code_cs                  ? 
_pdbx_database_status.methods_development_category    ? 
_pdbx_database_status.status_code_nmr_data            ? 
# 
_pdbx_database_related.db_name        TargetDB 
_pdbx_database_related.db_id          APC61419.1 
_pdbx_database_related.details        . 
_pdbx_database_related.content_type   unspecified 
# 
loop_
_audit_author.name 
_audit_author.pdbx_ordinal 
'Stein, A.J.'                                   1 
'Cuff, M.E.'                                    2 
'Sather, A.'                                    3 
'Hendricks, R.'                                 4 
'Freeman, L.'                                   5 
'Joachimiak, A.'                                6 
'Midwest Center for Structural Genomics (MCSG)' 7 
# 
_citation.id                        primary 
_citation.title                     'The 1.7A Crystal Structure of a Thioredoxin-like Protein from Aeropyrum pernix' 
_citation.journal_abbrev            'To be Published' 
_citation.journal_volume            ? 
_citation.page_first                ? 
_citation.page_last                 ? 
_citation.year                      ? 
_citation.journal_id_ASTM           ? 
_citation.country                   ? 
_citation.journal_id_ISSN           ? 
_citation.journal_id_CSD            0353 
_citation.book_publisher            ? 
_citation.pdbx_database_id_PubMed   ? 
_citation.pdbx_database_id_DOI      ? 
# 
loop_
_citation_author.citation_id 
_citation_author.name 
_citation_author.ordinal 
_citation_author.identifier_ORCID 
primary 'Stein, A.J.'    1 ? 
primary 'Cuff, M.E.'     2 ? 
primary 'Sather, A.'     3 ? 
primary 'Hendricks, R.'  4 ? 
primary 'Freeman, L.'    5 ? 
primary 'Joachimiak, A.' 6 ? 
# 
loop_
_entity.id 
_entity.type 
_entity.src_method 
_entity.pdbx_description 
_entity.formula_weight 
_entity.pdbx_number_of_molecules 
_entity.pdbx_ec 
_entity.pdbx_mutation 
_entity.pdbx_fragment 
_entity.details 
1 polymer man 'uncharacterized Thioredoxin-like protein' 18172.656 1   ? ? ? ? 
2 water   nat water                                      18.015    130 ? ? ? ? 
# 
_entity_poly.entity_id                      1 
_entity_poly.type                           'polypeptide(L)' 
_entity_poly.nstd_linkage                   no 
_entity_poly.nstd_monomer                   no 
_entity_poly.pdbx_seq_one_letter_code       
;SNAPRAAGHSEEVLEREASFSLTTIDGEVISLNNVGGDVVILWFMAAWCPSCVYMADLLDRLTEKYREISVIAIDFWTAE
ALKALGLNKPGYPPPDTPEMFRKFIANYGDPSWIMVMDDGSLVEKFNVRSIDYIVIMDKSSNVLYAGTTPSLGELESVIK
SVQGG
;
_entity_poly.pdbx_seq_one_letter_code_can   
;SNAPRAAGHSEEVLEREASFSLTTIDGEVISLNNVGGDVVILWFMAAWCPSCVYMADLLDRLTEKYREISVIAIDFWTAE
ALKALGLNKPGYPPPDTPEMFRKFIANYGDPSWIMVMDDGSLVEKFNVRSIDYIVIMDKSSNVLYAGTTPSLGELESVIK
SVQGG
;
_entity_poly.pdbx_strand_id                 A 
_entity_poly.pdbx_target_identifier         APC61419.1 
# 
_pdbx_entity_nonpoly.entity_id   2 
_pdbx_entity_nonpoly.name        water 
_pdbx_entity_nonpoly.comp_id     HOH 
# 
loop_
_entity_poly_seq.entity_id 
_entity_poly_seq.num 
_entity_poly_seq.mon_id 
_entity_poly_seq.hetero 
1 1   SER n 
1 2   ASN n 
1 3   ALA n 
1 4   PRO n 
1 5   ARG n 
1 6   ALA n 
1 7   ALA n 
1 8   GLY n 
1 9   HIS n 
1 10  SER n 
1 11  GLU n 
1 12  GLU n 
1 13  VAL n 
1 14  LEU n 
1 15  GLU n 
1 16  ARG n 
1 17  GLU n 
1 18  ALA n 
1 19  SER n 
1 20  PHE n 
1 21  SER n 
1 22  LEU n 
1 23  THR n 
1 24  THR n 
1 25  ILE n 
1 26  ASP n 
1 27  GLY n 
1 28  GLU n 
1 29  VAL n 
1 30  ILE n 
1 31  SER n 
1 32  LEU n 
1 33  ASN n 
1 34  ASN n 
1 35  VAL n 
1 36  GLY n 
1 37  GLY n 
1 38  ASP n 
1 39  VAL n 
1 40  VAL n 
1 41  ILE n 
1 42  LEU n 
1 43  TRP n 
1 44  PHE n 
1 45  MET n 
1 46  ALA n 
1 47  ALA n 
1 48  TRP n 
1 49  CYS n 
1 50  PRO n 
1 51  SER n 
1 52  CYS n 
1 53  VAL n 
1 54  TYR n 
1 55  MET n 
1 56  ALA n 
1 57  ASP n 
1 58  LEU n 
1 59  LEU n 
1 60  ASP n 
1 61  ARG n 
1 62  LEU n 
1 63  THR n 
1 64  GLU n 
1 65  LYS n 
1 66  TYR n 
1 67  ARG n 
1 68  GLU n 
1 69  ILE n 
1 70  SER n 
1 71  VAL n 
1 72  ILE n 
1 73  ALA n 
1 74  ILE n 
1 75  ASP n 
1 76  PHE n 
1 77  TRP n 
1 78  THR n 
1 79  ALA n 
1 80  GLU n 
1 81  ALA n 
1 82  LEU n 
1 83  LYS n 
1 84  ALA n 
1 85  LEU n 
1 86  GLY n 
1 87  LEU n 
1 88  ASN n 
1 89  LYS n 
1 90  PRO n 
1 91  GLY n 
1 92  TYR n 
1 93  PRO n 
1 94  PRO n 
1 95  PRO n 
1 96  ASP n 
1 97  THR n 
1 98  PRO n 
1 99  GLU n 
1 100 MET n 
1 101 PHE n 
1 102 ARG n 
1 103 LYS n 
1 104 PHE n 
1 105 ILE n 
1 106 ALA n 
1 107 ASN n 
1 108 TYR n 
1 109 GLY n 
1 110 ASP n 
1 111 PRO n 
1 112 SER n 
1 113 TRP n 
1 114 ILE n 
1 115 MET n 
1 116 VAL n 
1 117 MET n 
1 118 ASP n 
1 119 ASP n 
1 120 GLY n 
1 121 SER n 
1 122 LEU n 
1 123 VAL n 
1 124 GLU n 
1 125 LYS n 
1 126 PHE n 
1 127 ASN n 
1 128 VAL n 
1 129 ARG n 
1 130 SER n 
1 131 ILE n 
1 132 ASP n 
1 133 TYR n 
1 134 ILE n 
1 135 VAL n 
1 136 ILE n 
1 137 MET n 
1 138 ASP n 
1 139 LYS n 
1 140 SER n 
1 141 SER n 
1 142 ASN n 
1 143 VAL n 
1 144 LEU n 
1 145 TYR n 
1 146 ALA n 
1 147 GLY n 
1 148 THR n 
1 149 THR n 
1 150 PRO n 
1 151 SER n 
1 152 LEU n 
1 153 GLY n 
1 154 GLU n 
1 155 LEU n 
1 156 GLU n 
1 157 SER n 
1 158 VAL n 
1 159 ILE n 
1 160 LYS n 
1 161 SER n 
1 162 VAL n 
1 163 GLN n 
1 164 GLY n 
1 165 GLY n 
# 
_entity_src_gen.entity_id                          1 
_entity_src_gen.pdbx_src_id                        1 
_entity_src_gen.pdbx_alt_source_flag               sample 
_entity_src_gen.pdbx_seq_type                      ? 
_entity_src_gen.pdbx_beg_seq_num                   ? 
_entity_src_gen.pdbx_end_seq_num                   ? 
_entity_src_gen.gene_src_common_name               ? 
_entity_src_gen.gene_src_genus                     ? 
_entity_src_gen.pdbx_gene_src_gene                 'APE2568, APE_2568.1' 
_entity_src_gen.gene_src_species                   ? 
_entity_src_gen.gene_src_strain                    K1 
_entity_src_gen.gene_src_tissue                    ? 
_entity_src_gen.gene_src_tissue_fraction           ? 
_entity_src_gen.gene_src_details                   ? 
_entity_src_gen.pdbx_gene_src_fragment             ? 
_entity_src_gen.pdbx_gene_src_scientific_name      'Aeropyrum pernix' 
_entity_src_gen.pdbx_gene_src_ncbi_taxonomy_id     56636 
_entity_src_gen.pdbx_gene_src_variant              ? 
_entity_src_gen.pdbx_gene_src_cell_line            ? 
_entity_src_gen.pdbx_gene_src_atcc                 ? 
_entity_src_gen.pdbx_gene_src_organ                ? 
_entity_src_gen.pdbx_gene_src_organelle            ? 
_entity_src_gen.pdbx_gene_src_cell                 ? 
_entity_src_gen.pdbx_gene_src_cellular_location    ? 
_entity_src_gen.host_org_common_name               ? 
_entity_src_gen.pdbx_host_org_scientific_name      'Escherichia coli BL21(DE3)' 
_entity_src_gen.pdbx_host_org_ncbi_taxonomy_id     469008 
_entity_src_gen.host_org_genus                     ? 
_entity_src_gen.pdbx_host_org_gene                 ? 
_entity_src_gen.pdbx_host_org_organ                ? 
_entity_src_gen.host_org_species                   ? 
_entity_src_gen.pdbx_host_org_tissue               ? 
_entity_src_gen.pdbx_host_org_tissue_fraction      ? 
_entity_src_gen.pdbx_host_org_strain               'BL21(DE3)' 
_entity_src_gen.pdbx_host_org_variant              ? 
_entity_src_gen.pdbx_host_org_cell_line            ? 
_entity_src_gen.pdbx_host_org_atcc                 ? 
_entity_src_gen.pdbx_host_org_culture_collection   ? 
_entity_src_gen.pdbx_host_org_cell                 ? 
_entity_src_gen.pdbx_host_org_organelle            ? 
_entity_src_gen.pdbx_host_org_cellular_location    ? 
_entity_src_gen.pdbx_host_org_vector_type          plasmid 
_entity_src_gen.pdbx_host_org_vector               ? 
_entity_src_gen.host_org_details                   ? 
_entity_src_gen.expression_system_id               ? 
_entity_src_gen.plasmid_name                       pMCSG19 
_entity_src_gen.plasmid_details                    ? 
_entity_src_gen.pdbx_description                   ? 
# 
loop_
_chem_comp.id 
_chem_comp.type 
_chem_comp.mon_nstd_flag 
_chem_comp.name 
_chem_comp.pdbx_synonyms 
_chem_comp.formula 
_chem_comp.formula_weight 
ALA 'L-peptide linking' y ALANINE         ? 'C3 H7 N O2'     89.093  
ARG 'L-peptide linking' y ARGININE        ? 'C6 H15 N4 O2 1' 175.209 
ASN 'L-peptide linking' y ASPARAGINE      ? 'C4 H8 N2 O3'    132.118 
ASP 'L-peptide linking' y 'ASPARTIC ACID' ? 'C4 H7 N O4'     133.103 
CYS 'L-peptide linking' y CYSTEINE        ? 'C3 H7 N O2 S'   121.158 
GLN 'L-peptide linking' y GLUTAMINE       ? 'C5 H10 N2 O3'   146.144 
GLU 'L-peptide linking' y 'GLUTAMIC ACID' ? 'C5 H9 N O4'     147.129 
GLY 'peptide linking'   y GLYCINE         ? 'C2 H5 N O2'     75.067  
HIS 'L-peptide linking' y HISTIDINE       ? 'C6 H10 N3 O2 1' 156.162 
HOH non-polymer         . WATER           ? 'H2 O'           18.015  
ILE 'L-peptide linking' y ISOLEUCINE      ? 'C6 H13 N O2'    131.173 
LEU 'L-peptide linking' y LEUCINE         ? 'C6 H13 N O2'    131.173 
LYS 'L-peptide linking' y LYSINE          ? 'C6 H15 N2 O2 1' 147.195 
MET 'L-peptide linking' y METHIONINE      ? 'C5 H11 N O2 S'  149.211 
PHE 'L-peptide linking' y PHENYLALANINE   ? 'C9 H11 N O2'    165.189 
PRO 'L-peptide linking' y PROLINE         ? 'C5 H9 N O2'     115.130 
SER 'L-peptide linking' y SERINE          ? 'C3 H7 N O3'     105.093 
THR 'L-peptide linking' y THREONINE       ? 'C4 H9 N O3'     119.119 
TRP 'L-peptide linking' y TRYPTOPHAN      ? 'C11 H12 N2 O2'  204.225 
TYR 'L-peptide linking' y TYROSINE        ? 'C9 H11 N O3'    181.189 
VAL 'L-peptide linking' y VALINE          ? 'C5 H11 N O2'    117.146 
# 
loop_
_pdbx_poly_seq_scheme.asym_id 
_pdbx_poly_seq_scheme.entity_id 
_pdbx_poly_seq_scheme.seq_id 
_pdbx_poly_seq_scheme.mon_id 
_pdbx_poly_seq_scheme.ndb_seq_num 
_pdbx_poly_seq_scheme.pdb_seq_num 
_pdbx_poly_seq_scheme.auth_seq_num 
_pdbx_poly_seq_scheme.pdb_mon_id 
_pdbx_poly_seq_scheme.auth_mon_id 
_pdbx_poly_seq_scheme.pdb_strand_id 
_pdbx_poly_seq_scheme.pdb_ins_code 
_pdbx_poly_seq_scheme.hetero 
A 1 1   SER 1   26  ?   ?   ?   A . n 
A 1 2   ASN 2   27  27  ASN ASN A . n 
A 1 3   ALA 3   28  28  ALA ALA A . n 
A 1 4   PRO 4   29  29  PRO PRO A . n 
A 1 5   ARG 5   30  30  ARG ARG A . n 
A 1 6   ALA 6   31  31  ALA ALA A . n 
A 1 7   ALA 7   32  32  ALA ALA A . n 
A 1 8   GLY 8   33  33  GLY GLY A . n 
A 1 9   HIS 9   34  34  HIS HIS A . n 
A 1 10  SER 10  35  35  SER SER A . n 
A 1 11  GLU 11  36  36  GLU GLU A . n 
A 1 12  GLU 12  37  37  GLU GLU A . n 
A 1 13  VAL 13  38  38  VAL VAL A . n 
A 1 14  LEU 14  39  39  LEU LEU A . n 
A 1 15  GLU 15  40  40  GLU GLU A . n 
A 1 16  ARG 16  41  41  ARG ARG A . n 
A 1 17  GLU 17  42  42  GLU GLU A . n 
A 1 18  ALA 18  43  43  ALA ALA A . n 
A 1 19  SER 19  44  44  SER SER A . n 
A 1 20  PHE 20  45  45  PHE PHE A . n 
A 1 21  SER 21  46  46  SER SER A . n 
A 1 22  LEU 22  47  47  LEU LEU A . n 
A 1 23  THR 23  48  48  THR THR A . n 
A 1 24  THR 24  49  49  THR THR A . n 
A 1 25  ILE 25  50  50  ILE ILE A . n 
A 1 26  ASP 26  51  51  ASP ASP A . n 
A 1 27  GLY 27  52  52  GLY GLY A . n 
A 1 28  GLU 28  53  53  GLU GLU A . n 
A 1 29  VAL 29  54  54  VAL VAL A . n 
A 1 30  ILE 30  55  55  ILE ILE A . n 
A 1 31  SER 31  56  56  SER SER A . n 
A 1 32  LEU 32  57  57  LEU LEU A . n 
A 1 33  ASN 33  58  58  ASN ASN A . n 
A 1 34  ASN 34  59  59  ASN ASN A . n 
A 1 35  VAL 35  60  60  VAL VAL A . n 
A 1 36  GLY 36  61  61  GLY GLY A . n 
A 1 37  GLY 37  62  62  GLY GLY A . n 
A 1 38  ASP 38  63  63  ASP ASP A . n 
A 1 39  VAL 39  64  64  VAL VAL A . n 
A 1 40  VAL 40  65  65  VAL VAL A . n 
A 1 41  ILE 41  66  66  ILE ILE A . n 
A 1 42  LEU 42  67  67  LEU LEU A . n 
A 1 43  TRP 43  68  68  TRP TRP A . n 
A 1 44  PHE 44  69  69  PHE PHE A . n 
A 1 45  MET 45  70  70  MET MET A . n 
A 1 46  ALA 46  71  71  ALA ALA A . n 
A 1 47  ALA 47  72  72  ALA ALA A . n 
A 1 48  TRP 48  73  73  TRP TRP A . n 
A 1 49  CYS 49  74  74  CYS CYS A . n 
A 1 50  PRO 50  75  75  PRO PRO A . n 
A 1 51  SER 51  76  76  SER SER A . n 
A 1 52  CYS 52  77  77  CYS CYS A . n 
A 1 53  VAL 53  78  78  VAL VAL A . n 
A 1 54  TYR 54  79  79  TYR TYR A . n 
A 1 55  MET 55  80  80  MET MET A . n 
A 1 56  ALA 56  81  81  ALA ALA A . n 
A 1 57  ASP 57  82  82  ASP ASP A . n 
A 1 58  LEU 58  83  83  LEU LEU A . n 
A 1 59  LEU 59  84  84  LEU LEU A . n 
A 1 60  ASP 60  85  85  ASP ASP A . n 
A 1 61  ARG 61  86  86  ARG ARG A . n 
A 1 62  LEU 62  87  87  LEU LEU A . n 
A 1 63  THR 63  88  88  THR THR A . n 
A 1 64  GLU 64  89  89  GLU GLU A . n 
A 1 65  LYS 65  90  90  LYS LYS A . n 
A 1 66  TYR 66  91  91  TYR TYR A . n 
A 1 67  ARG 67  92  92  ARG ARG A . n 
A 1 68  GLU 68  93  93  GLU GLU A . n 
A 1 69  ILE 69  94  94  ILE ILE A . n 
A 1 70  SER 70  95  95  SER SER A . n 
A 1 71  VAL 71  96  96  VAL VAL A . n 
A 1 72  ILE 72  97  97  ILE ILE A . n 
A 1 73  ALA 73  98  98  ALA ALA A . n 
A 1 74  ILE 74  99  99  ILE ILE A . n 
A 1 75  ASP 75  100 100 ASP ASP A . n 
A 1 76  PHE 76  101 101 PHE PHE A . n 
A 1 77  TRP 77  102 102 TRP TRP A . n 
A 1 78  THR 78  103 103 THR THR A . n 
A 1 79  ALA 79  104 104 ALA ALA A . n 
A 1 80  GLU 80  105 105 GLU GLU A . n 
A 1 81  ALA 81  106 106 ALA ALA A . n 
A 1 82  LEU 82  107 107 LEU LEU A . n 
A 1 83  LYS 83  108 108 LYS LYS A . n 
A 1 84  ALA 84  109 109 ALA ALA A . n 
A 1 85  LEU 85  110 110 LEU LEU A . n 
A 1 86  GLY 86  111 111 GLY GLY A . n 
A 1 87  LEU 87  112 112 LEU LEU A . n 
A 1 88  ASN 88  113 113 ASN ASN A . n 
A 1 89  LYS 89  114 114 LYS LYS A . n 
A 1 90  PRO 90  115 115 PRO PRO A . n 
A 1 91  GLY 91  116 116 GLY GLY A . n 
A 1 92  TYR 92  117 117 TYR TYR A . n 
A 1 93  PRO 93  118 118 PRO PRO A . n 
A 1 94  PRO 94  119 119 PRO PRO A . n 
A 1 95  PRO 95  120 120 PRO PRO A . n 
A 1 96  ASP 96  121 121 ASP ASP A . n 
A 1 97  THR 97  122 122 THR THR A . n 
A 1 98  PRO 98  123 123 PRO PRO A . n 
A 1 99  GLU 99  124 124 GLU GLU A . n 
A 1 100 MET 100 125 125 MET MET A . n 
A 1 101 PHE 101 126 126 PHE PHE A . n 
A 1 102 ARG 102 127 127 ARG ARG A . n 
A 1 103 LYS 103 128 128 LYS LYS A . n 
A 1 104 PHE 104 129 129 PHE PHE A . n 
A 1 105 ILE 105 130 130 ILE ILE A . n 
A 1 106 ALA 106 131 131 ALA ALA A . n 
A 1 107 ASN 107 132 132 ASN ASN A . n 
A 1 108 TYR 108 133 133 TYR TYR A . n 
A 1 109 GLY 109 134 134 GLY GLY A . n 
A 1 110 ASP 110 135 135 ASP ASP A . n 
A 1 111 PRO 111 136 136 PRO PRO A . n 
A 1 112 SER 112 137 137 SER SER A . n 
A 1 113 TRP 113 138 138 TRP TRP A . n 
A 1 114 ILE 114 139 139 ILE ILE A . n 
A 1 115 MET 115 140 140 MET MET A . n 
A 1 116 VAL 116 141 141 VAL VAL A . n 
A 1 117 MET 117 142 142 MET MET A . n 
A 1 118 ASP 118 143 143 ASP ASP A . n 
A 1 119 ASP 119 144 144 ASP ASP A . n 
A 1 120 GLY 120 145 145 GLY GLY A . n 
A 1 121 SER 121 146 146 SER SER A . n 
A 1 122 LEU 122 147 147 LEU LEU A . n 
A 1 123 VAL 123 148 148 VAL VAL A . n 
A 1 124 GLU 124 149 149 GLU GLU A . n 
A 1 125 LYS 125 150 150 LYS LYS A . n 
A 1 126 PHE 126 151 151 PHE PHE A . n 
A 1 127 ASN 127 152 152 ASN ASN A . n 
A 1 128 VAL 128 153 153 VAL VAL A . n 
A 1 129 ARG 129 154 154 ARG ARG A . n 
A 1 130 SER 130 155 155 SER SER A . n 
A 1 131 ILE 131 156 156 ILE ILE A . n 
A 1 132 ASP 132 157 157 ASP ASP A . n 
A 1 133 TYR 133 158 158 TYR TYR A . n 
A 1 134 ILE 134 159 159 ILE ILE A . n 
A 1 135 VAL 135 160 160 VAL VAL A . n 
A 1 136 ILE 136 161 161 ILE ILE A . n 
A 1 137 MET 137 162 162 MET MET A . n 
A 1 138 ASP 138 163 163 ASP ASP A . n 
A 1 139 LYS 139 164 164 LYS LYS A . n 
A 1 140 SER 140 165 165 SER SER A . n 
A 1 141 SER 141 166 166 SER SER A . n 
A 1 142 ASN 142 167 167 ASN ASN A . n 
A 1 143 VAL 143 168 168 VAL VAL A . n 
A 1 144 LEU 144 169 169 LEU LEU A . n 
A 1 145 TYR 145 170 170 TYR TYR A . n 
A 1 146 ALA 146 171 171 ALA ALA A . n 
A 1 147 GLY 147 172 172 GLY GLY A . n 
A 1 148 THR 148 173 173 THR THR A . n 
A 1 149 THR 149 174 174 THR THR A . n 
A 1 150 PRO 150 175 175 PRO PRO A . n 
A 1 151 SER 151 176 176 SER SER A . n 
A 1 152 LEU 152 177 177 LEU LEU A . n 
A 1 153 GLY 153 178 178 GLY GLY A . n 
A 1 154 GLU 154 179 179 GLU GLU A . n 
A 1 155 LEU 155 180 180 LEU LEU A . n 
A 1 156 GLU 156 181 181 GLU GLU A . n 
A 1 157 SER 157 182 182 SER SER A . n 
A 1 158 VAL 158 183 183 VAL VAL A . n 
A 1 159 ILE 159 184 184 ILE ILE A . n 
A 1 160 LYS 160 185 185 LYS LYS A . n 
A 1 161 SER 161 186 186 SER SER A . n 
A 1 162 VAL 162 187 187 VAL VAL A . n 
A 1 163 GLN 163 188 ?   ?   ?   A . n 
A 1 164 GLY 164 189 ?   ?   ?   A . n 
A 1 165 GLY 165 190 ?   ?   ?   A . n 
# 
loop_
_pdbx_nonpoly_scheme.asym_id 
_pdbx_nonpoly_scheme.entity_id 
_pdbx_nonpoly_scheme.mon_id 
_pdbx_nonpoly_scheme.ndb_seq_num 
_pdbx_nonpoly_scheme.pdb_seq_num 
_pdbx_nonpoly_scheme.auth_seq_num 
_pdbx_nonpoly_scheme.pdb_mon_id 
_pdbx_nonpoly_scheme.auth_mon_id 
_pdbx_nonpoly_scheme.pdb_strand_id 
_pdbx_nonpoly_scheme.pdb_ins_code 
B 2 HOH 1   1   1   HOH HOH A . 
B 2 HOH 2   2   2   HOH HOH A . 
B 2 HOH 3   3   3   HOH HOH A . 
B 2 HOH 4   4   4   HOH HOH A . 
B 2 HOH 5   5   5   HOH HOH A . 
B 2 HOH 6   6   6   HOH HOH A . 
B 2 HOH 7   7   7   HOH HOH A . 
B 2 HOH 8   8   8   HOH HOH A . 
B 2 HOH 9   9   9   HOH HOH A . 
B 2 HOH 10  10  10  HOH HOH A . 
B 2 HOH 11  11  11  HOH HOH A . 
B 2 HOH 12  12  12  HOH HOH A . 
B 2 HOH 13  13  13  HOH HOH A . 
B 2 HOH 14  14  14  HOH HOH A . 
B 2 HOH 15  15  15  HOH HOH A . 
B 2 HOH 16  16  16  HOH HOH A . 
B 2 HOH 17  17  17  HOH HOH A . 
B 2 HOH 18  18  18  HOH HOH A . 
B 2 HOH 19  19  19  HOH HOH A . 
B 2 HOH 20  20  20  HOH HOH A . 
B 2 HOH 21  21  21  HOH HOH A . 
B 2 HOH 22  22  22  HOH HOH A . 
B 2 HOH 23  23  23  HOH HOH A . 
B 2 HOH 24  24  24  HOH HOH A . 
B 2 HOH 25  25  25  HOH HOH A . 
B 2 HOH 26  191 26  HOH HOH A . 
B 2 HOH 27  192 27  HOH HOH A . 
B 2 HOH 28  193 28  HOH HOH A . 
B 2 HOH 29  194 29  HOH HOH A . 
B 2 HOH 30  195 30  HOH HOH A . 
B 2 HOH 31  196 31  HOH HOH A . 
B 2 HOH 32  197 32  HOH HOH A . 
B 2 HOH 33  198 33  HOH HOH A . 
B 2 HOH 34  199 34  HOH HOH A . 
B 2 HOH 35  200 35  HOH HOH A . 
B 2 HOH 36  201 36  HOH HOH A . 
B 2 HOH 37  202 37  HOH HOH A . 
B 2 HOH 38  203 38  HOH HOH A . 
B 2 HOH 39  204 39  HOH HOH A . 
B 2 HOH 40  205 40  HOH HOH A . 
B 2 HOH 41  206 41  HOH HOH A . 
B 2 HOH 42  207 42  HOH HOH A . 
B 2 HOH 43  208 43  HOH HOH A . 
B 2 HOH 44  209 44  HOH HOH A . 
B 2 HOH 45  210 45  HOH HOH A . 
B 2 HOH 46  211 46  HOH HOH A . 
B 2 HOH 47  212 47  HOH HOH A . 
B 2 HOH 48  213 48  HOH HOH A . 
B 2 HOH 49  214 49  HOH HOH A . 
B 2 HOH 50  215 50  HOH HOH A . 
B 2 HOH 51  216 51  HOH HOH A . 
B 2 HOH 52  217 52  HOH HOH A . 
B 2 HOH 53  218 53  HOH HOH A . 
B 2 HOH 54  219 54  HOH HOH A . 
B 2 HOH 55  220 55  HOH HOH A . 
B 2 HOH 56  221 56  HOH HOH A . 
B 2 HOH 57  222 57  HOH HOH A . 
B 2 HOH 58  223 58  HOH HOH A . 
B 2 HOH 59  224 59  HOH HOH A . 
B 2 HOH 60  225 60  HOH HOH A . 
B 2 HOH 61  226 61  HOH HOH A . 
B 2 HOH 62  227 62  HOH HOH A . 
B 2 HOH 63  228 63  HOH HOH A . 
B 2 HOH 64  229 64  HOH HOH A . 
B 2 HOH 65  230 65  HOH HOH A . 
B 2 HOH 66  231 66  HOH HOH A . 
B 2 HOH 67  232 67  HOH HOH A . 
B 2 HOH 68  233 68  HOH HOH A . 
B 2 HOH 69  234 69  HOH HOH A . 
B 2 HOH 70  235 70  HOH HOH A . 
B 2 HOH 71  236 71  HOH HOH A . 
B 2 HOH 72  237 72  HOH HOH A . 
B 2 HOH 73  238 73  HOH HOH A . 
B 2 HOH 74  239 74  HOH HOH A . 
B 2 HOH 75  240 75  HOH HOH A . 
B 2 HOH 76  241 76  HOH HOH A . 
B 2 HOH 77  242 77  HOH HOH A . 
B 2 HOH 78  243 78  HOH HOH A . 
B 2 HOH 79  244 79  HOH HOH A . 
B 2 HOH 80  245 80  HOH HOH A . 
B 2 HOH 81  246 81  HOH HOH A . 
B 2 HOH 82  247 82  HOH HOH A . 
B 2 HOH 83  248 83  HOH HOH A . 
B 2 HOH 84  249 84  HOH HOH A . 
B 2 HOH 85  250 85  HOH HOH A . 
B 2 HOH 86  251 86  HOH HOH A . 
B 2 HOH 87  252 87  HOH HOH A . 
B 2 HOH 88  253 88  HOH HOH A . 
B 2 HOH 89  254 89  HOH HOH A . 
B 2 HOH 90  255 90  HOH HOH A . 
B 2 HOH 91  256 91  HOH HOH A . 
B 2 HOH 92  257 92  HOH HOH A . 
B 2 HOH 93  258 93  HOH HOH A . 
B 2 HOH 94  259 94  HOH HOH A . 
B 2 HOH 95  260 95  HOH HOH A . 
B 2 HOH 96  261 96  HOH HOH A . 
B 2 HOH 97  262 97  HOH HOH A . 
B 2 HOH 98  263 98  HOH HOH A . 
B 2 HOH 99  264 99  HOH HOH A . 
B 2 HOH 100 265 100 HOH HOH A . 
B 2 HOH 101 266 101 HOH HOH A . 
B 2 HOH 102 267 102 HOH HOH A . 
B 2 HOH 103 268 103 HOH HOH A . 
B 2 HOH 104 269 104 HOH HOH A . 
B 2 HOH 105 270 105 HOH HOH A . 
B 2 HOH 106 271 106 HOH HOH A . 
B 2 HOH 107 272 107 HOH HOH A . 
B 2 HOH 108 273 108 HOH HOH A . 
B 2 HOH 109 274 109 HOH HOH A . 
B 2 HOH 110 275 110 HOH HOH A . 
B 2 HOH 111 276 111 HOH HOH A . 
B 2 HOH 112 277 112 HOH HOH A . 
B 2 HOH 113 278 113 HOH HOH A . 
B 2 HOH 114 279 114 HOH HOH A . 
B 2 HOH 115 280 115 HOH HOH A . 
B 2 HOH 116 281 116 HOH HOH A . 
B 2 HOH 117 282 117 HOH HOH A . 
B 2 HOH 118 283 118 HOH HOH A . 
B 2 HOH 119 284 119 HOH HOH A . 
B 2 HOH 120 285 120 HOH HOH A . 
B 2 HOH 121 286 121 HOH HOH A . 
B 2 HOH 122 287 122 HOH HOH A . 
B 2 HOH 123 288 123 HOH HOH A . 
B 2 HOH 124 289 124 HOH HOH A . 
B 2 HOH 125 290 125 HOH HOH A . 
B 2 HOH 126 291 126 HOH HOH A . 
B 2 HOH 127 292 127 HOH HOH A . 
B 2 HOH 128 293 128 HOH HOH A . 
B 2 HOH 129 294 129 HOH HOH A . 
B 2 HOH 130 295 130 HOH HOH A . 
# 
loop_
_pdbx_unobs_or_zero_occ_atoms.id 
_pdbx_unobs_or_zero_occ_atoms.PDB_model_num 
_pdbx_unobs_or_zero_occ_atoms.polymer_flag 
_pdbx_unobs_or_zero_occ_atoms.occupancy_flag 
_pdbx_unobs_or_zero_occ_atoms.auth_asym_id 
_pdbx_unobs_or_zero_occ_atoms.auth_comp_id 
_pdbx_unobs_or_zero_occ_atoms.auth_seq_id 
_pdbx_unobs_or_zero_occ_atoms.PDB_ins_code 
_pdbx_unobs_or_zero_occ_atoms.auth_atom_id 
_pdbx_unobs_or_zero_occ_atoms.label_alt_id 
_pdbx_unobs_or_zero_occ_atoms.label_asym_id 
_pdbx_unobs_or_zero_occ_atoms.label_comp_id 
_pdbx_unobs_or_zero_occ_atoms.label_seq_id 
_pdbx_unobs_or_zero_occ_atoms.label_atom_id 
1 1 Y 1 A ASN 59  ? CG  ? A ASN 34  CG  
2 1 Y 1 A ASN 59  ? OD1 ? A ASN 34  OD1 
3 1 Y 1 A ASN 59  ? ND2 ? A ASN 34  ND2 
4 1 Y 1 A LYS 185 ? CG  ? A LYS 160 CG  
5 1 Y 1 A LYS 185 ? CD  ? A LYS 160 CD  
6 1 Y 1 A LYS 185 ? CE  ? A LYS 160 CE  
7 1 Y 1 A LYS 185 ? NZ  ? A LYS 160 NZ  
# 
loop_
_software.name 
_software.version 
_software.date 
_software.type 
_software.contact_author 
_software.contact_author_email 
_software.classification 
_software.location 
_software.language 
_software.citation_id 
_software.pdbx_ordinal 
DENZO       .               ?                    package 'Zbyszek Otwinowski' zbyszek@mix.swmed.edu    'data reduction'  
http://www.lnls.br/infra/linhasluz/denzo-hkl.htm ?          ? 1  
SCALEPACK   .               ?                    package 'Zbyszek Otwinowski' zbyszek@mix.swmed.edu    'data scaling'    
http://www.lnls.br/infra/linhasluz/denzo-hkl.htm ?          ? 2  
REFMAC      refmac_5.5.0054 24/04/2001           program 'Murshudov, G.N.'    ccp4@dl.ac.uk            refinement        
http://www.ccp4.ac.uk/main.html                  Fortran_77 ? 3  
PDB_EXTRACT 3.004           'September 10, 2007' package PDB                  sw-help@rcsb.rutgers.edu 'data extraction' 
http://pdb.rutgers.edu/software/                 C++        ? 4  
SBC-Collect .               ?                    ?       ?                    ?                        'data collection' ? ? ? 5  
HKL-3000    .               ?                    ?       ?                    ?                        'data reduction'  ? ? ? 6  
HKL-3000    .               ?                    ?       ?                    ?                        'data scaling'    ? ? ? 7  
HKL-3000    .               ?                    ?       ?                    ?                        phasing           ? ? ? 8  
SHELX       .               ?                    ?       ?                    ?                        phasing           ? ? ? 9  
MLPHARE     .               ?                    ?       ?                    ?                        phasing           ? ? ? 10 
DM          .               ?                    ?       ?                    ?                        phasing           ? ? ? 11 
ARP/wARP    .               ?                    ?       ?                    ?                        'model building'  ? ? ? 12 
Coot        .               ?                    ?       ?                    ?                        'model building'  ? ? ? 13 
# 
_cell.entry_id           3HA9 
_cell.length_a           74.742 
_cell.length_b           74.742 
_cell.length_c           59.451 
_cell.angle_alpha        90.000 
_cell.angle_beta         90.000 
_cell.angle_gamma        90.000 
_cell.pdbx_unique_axis   ? 
_cell.Z_PDB              8 
_cell.length_a_esd       ? 
_cell.length_b_esd       ? 
_cell.length_c_esd       ? 
_cell.angle_alpha_esd    ? 
_cell.angle_beta_esd     ? 
_cell.angle_gamma_esd    ? 
# 
_symmetry.Int_Tables_number                96 
_symmetry.entry_id                         3HA9 
_symmetry.space_group_name_H-M             'P 43 21 2' 
_symmetry.pdbx_full_space_group_name_H-M   ? 
_symmetry.cell_setting                     ? 
_symmetry.space_group_name_Hall            ? 
# 
_exptl.crystals_number   1 
_exptl.entry_id          3HA9 
_exptl.method            'X-RAY DIFFRACTION' 
# 
_exptl_crystal.id                    1 
_exptl_crystal.density_percent_sol   47.6 
_exptl_crystal.density_Matthews      2.32 
_exptl_crystal.density_meas          ? 
_exptl_crystal.description           ? 
_exptl_crystal.F_000                 ? 
_exptl_crystal.preparation           ? 
# 
_exptl_crystal_grow.crystal_id      1 
_exptl_crystal_grow.method          'VAPOR DIFFUSION' 
_exptl_crystal_grow.pH              4.6 
_exptl_crystal_grow.temp            277 
_exptl_crystal_grow.pdbx_details    '3.5M Sodium formate, 0.1M Sodium acetate, pH 4.6, vapor diffusion, temperature 277K' 
_exptl_crystal_grow.temp_details    ? 
_exptl_crystal_grow.pdbx_pH_range   ? 
# 
_diffrn.id                     1 
_diffrn.ambient_temp           100 
_diffrn.ambient_temp_details   ? 
_diffrn.crystal_id             1 
# 
_diffrn_detector.diffrn_id              1 
_diffrn_detector.detector               CCD 
_diffrn_detector.type                   'ADSC QUANTUM 315r' 
_diffrn_detector.pdbx_collection_date   2009-04-21 
_diffrn_detector.details                ? 
# 
_diffrn_radiation.diffrn_id                        1 
_diffrn_radiation.pdbx_diffrn_protocol             'SINGLE WAVELENGTH' 
_diffrn_radiation.monochromator                    'Double crystal' 
_diffrn_radiation.wavelength_id                    1 
_diffrn_radiation.pdbx_monochromatic_or_laue_m_l   ? 
_diffrn_radiation.pdbx_scattering_type             x-ray 
# 
_diffrn_radiation_wavelength.id           1 
_diffrn_radiation_wavelength.wavelength   0.97926 
_diffrn_radiation_wavelength.wt           1.0 
# 
_diffrn_source.diffrn_id                   1 
_diffrn_source.source                      SYNCHROTRON 
_diffrn_source.type                        'APS BEAMLINE 19-ID' 
_diffrn_source.pdbx_wavelength_list        0.97926 
_diffrn_source.pdbx_wavelength             ? 
_diffrn_source.pdbx_synchrotron_site       APS 
_diffrn_source.pdbx_synchrotron_beamline   19-ID 
# 
_reflns.entry_id                     3HA9 
_reflns.d_resolution_high            1.650 
_reflns.d_resolution_low             50.000 
_reflns.number_obs                   20769 
_reflns.pdbx_Rmerge_I_obs            0.088 
_reflns.pdbx_netI_over_sigmaI        13.000 
_reflns.pdbx_chi_squared             2.821 
_reflns.pdbx_redundancy              9.300 
_reflns.percent_possible_obs         99.400 
_reflns.observed_criterion_sigma_F   ? 
_reflns.observed_criterion_sigma_I   ? 
_reflns.number_all                   ? 
_reflns.pdbx_Rsym_value              ? 
_reflns.B_iso_Wilson_estimate        ? 
_reflns.R_free_details               ? 
_reflns.limit_h_max                  ? 
_reflns.limit_h_min                  ? 
_reflns.limit_k_max                  ? 
_reflns.limit_k_min                  ? 
_reflns.limit_l_max                  ? 
_reflns.limit_l_min                  ? 
_reflns.observed_criterion_F_max     ? 
_reflns.observed_criterion_F_min     ? 
_reflns.pdbx_scaling_rejects         ? 
_reflns.pdbx_ordinal                 1 
_reflns.pdbx_diffrn_id               1 
# 
loop_
_reflns_shell.d_res_high 
_reflns_shell.d_res_low 
_reflns_shell.number_measured_obs 
_reflns_shell.number_measured_all 
_reflns_shell.number_unique_obs 
_reflns_shell.Rmerge_I_obs 
_reflns_shell.meanI_over_sigI_obs 
_reflns_shell.pdbx_Rsym_value 
_reflns_shell.pdbx_chi_squared 
_reflns_shell.pdbx_redundancy 
_reflns_shell.percent_possible_obs 
_reflns_shell.number_unique_all 
_reflns_shell.percent_possible_all 
_reflns_shell.pdbx_ordinal 
_reflns_shell.pdbx_diffrn_id 
1.65 1.71  ? ? ? 0.752 ? ? 1.177 9.50 ? 2046 100.00 1  1 
1.71 1.78  ? ? ? 0.526 ? ? 1.169 9.50 ? 2027 100.00 2  1 
1.78 1.86  ? ? ? 0.350 ? ? 1.176 9.50 ? 2050 100.00 3  1 
1.86 1.96  ? ? ? 0.217 ? ? 1.328 9.50 ? 2059 100.00 4  1 
1.96 2.08  ? ? ? 0.151 ? ? 1.680 9.50 ? 2062 100.00 5  1 
2.08 2.24  ? ? ? 0.112 ? ? 2.070 9.50 ? 2056 100.00 6  1 
2.24 2.46  ? ? ? 0.096 ? ? 2.701 9.40 ? 2096 100.00 7  1 
2.46 2.82  ? ? ? 0.095 ? ? 4.427 9.30 ? 2094 100.00 8  1 
2.82 3.55  ? ? ? 0.073 ? ? 5.131 9.00 ? 2116 99.50  9  1 
3.55 50.00 ? ? ? 0.069 ? ? 7.882 8.30 ? 2163 95.10  10 1 
# 
_refine.entry_id                                 3HA9 
_refine.ls_d_res_high                            1.700 
_refine.ls_d_res_low                             27.620 
_refine.pdbx_ls_sigma_F                          0.00 
_refine.ls_percent_reflns_obs                    99.350 
_refine.ls_number_reflns_obs                     18952 
_refine.pdbx_ls_cross_valid_method               THROUGHOUT 
_refine.pdbx_R_Free_selection_details            RANDOM 
_refine.details                                  
;HYDROGENS HAVE BEEN ADDED IN THE RIDING POSITIONS 
 U VALUES      : RESIDUAL ONLY
;
_refine.ls_R_factor_obs                          0.196 
_refine.ls_R_factor_R_work                       0.194 
_refine.ls_wR_factor_R_work                      0.203 
_refine.ls_R_factor_R_free                       0.232 
_refine.ls_wR_factor_R_free                      0.242 
_refine.ls_percent_reflns_R_free                 5.200 
_refine.ls_number_reflns_R_free                  978 
_refine.B_iso_mean                               16.861 
_refine.aniso_B[1][1]                            0.000 
_refine.aniso_B[2][2]                            0.000 
_refine.aniso_B[3][3]                            0.000 
_refine.aniso_B[1][2]                            0.000 
_refine.aniso_B[1][3]                            0.000 
_refine.aniso_B[2][3]                            0.000 
_refine.correlation_coeff_Fo_to_Fc               0.956 
_refine.correlation_coeff_Fo_to_Fc_free          0.936 
_refine.pdbx_overall_ESU_R                       0.112 
_refine.pdbx_overall_ESU_R_Free                  0.112 
_refine.overall_SU_ML                            0.071 
_refine.overall_SU_B                             4.705 
_refine.solvent_model_details                    MASK 
_refine.pdbx_solvent_vdw_probe_radii             1.200 
_refine.pdbx_solvent_ion_probe_radii             0.800 
_refine.pdbx_solvent_shrinkage_radii             0.800 
_refine.pdbx_method_to_determine_struct          ? 
_refine.pdbx_stereochemistry_target_values       'MAXIMUM LIKELIHOOD' 
_refine.pdbx_ls_sigma_I                          ? 
_refine.ls_number_reflns_all                     ? 
_refine.ls_R_factor_all                          ? 
_refine.ls_redundancy_reflns_obs                 ? 
_refine.pdbx_data_cutoff_high_absF               ? 
_refine.pdbx_data_cutoff_low_absF                ? 
_refine.ls_number_parameters                     ? 
_refine.ls_number_restraints                     ? 
_refine.ls_R_factor_R_free_error                 ? 
_refine.ls_R_factor_R_free_error_details         ? 
_refine.pdbx_starting_model                      ? 
_refine.pdbx_stereochem_target_val_spec_case     ? 
_refine.solvent_model_param_bsol                 ? 
_refine.solvent_model_param_ksol                 ? 
_refine.occupancy_max                            ? 
_refine.occupancy_min                            ? 
_refine.pdbx_isotropic_thermal_model             ? 
_refine.B_iso_min                                ? 
_refine.B_iso_max                                ? 
_refine.overall_SU_R_Cruickshank_DPI             ? 
_refine.overall_SU_R_free                        ? 
_refine.pdbx_data_cutoff_high_rms_absF           ? 
_refine.overall_FOM_free_R_set                   ? 
_refine.overall_FOM_work_R_set                   ? 
_refine.pdbx_overall_phase_error                 ? 
_refine.pdbx_refine_id                           'X-RAY DIFFRACTION' 
_refine.pdbx_TLS_residual_ADP_flag               'LIKELY RESIDUAL' 
_refine.pdbx_diffrn_id                           1 
_refine.pdbx_overall_SU_R_free_Cruickshank_DPI   ? 
_refine.pdbx_overall_SU_R_Blow_DPI               ? 
_refine.pdbx_overall_SU_R_free_Blow_DPI          ? 
# 
_refine_hist.pdbx_refine_id                   'X-RAY DIFFRACTION' 
_refine_hist.cycle_id                         LAST 
_refine_hist.pdbx_number_atoms_protein        1245 
_refine_hist.pdbx_number_atoms_nucleic_acid   0 
_refine_hist.pdbx_number_atoms_ligand         0 
_refine_hist.number_atoms_solvent             130 
_refine_hist.number_atoms_total               1375 
_refine_hist.d_res_high                       1.700 
_refine_hist.d_res_low                        27.620 
# 
loop_
_refine_ls_restr.type 
_refine_ls_restr.number 
_refine_ls_restr.dev_ideal 
_refine_ls_restr.dev_ideal_target 
_refine_ls_restr.weight 
_refine_ls_restr.pdbx_refine_id 
_refine_ls_restr.pdbx_restraint_function 
r_bond_refined_d       1288 0.011  0.022  ? 'X-RAY DIFFRACTION' ? 
r_angle_refined_deg    1761 1.198  1.968  ? 'X-RAY DIFFRACTION' ? 
r_dihedral_angle_1_deg 166  5.361  5.000  ? 'X-RAY DIFFRACTION' ? 
r_dihedral_angle_2_deg 52   36.422 24.423 ? 'X-RAY DIFFRACTION' ? 
r_dihedral_angle_3_deg 210  13.366 15.000 ? 'X-RAY DIFFRACTION' ? 
r_dihedral_angle_4_deg 6    15.427 15.000 ? 'X-RAY DIFFRACTION' ? 
r_chiral_restr         202  0.080  0.200  ? 'X-RAY DIFFRACTION' ? 
r_gen_planes_refined   970  0.007  0.021  ? 'X-RAY DIFFRACTION' ? 
r_mcbond_it            812  0.555  1.500  ? 'X-RAY DIFFRACTION' ? 
r_mcangle_it           1319 0.981  2.000  ? 'X-RAY DIFFRACTION' ? 
r_scbond_it            476  2.098  3.000  ? 'X-RAY DIFFRACTION' ? 
r_scangle_it           439  2.790  4.500  ? 'X-RAY DIFFRACTION' ? 
# 
loop_
_refine_ls_shell.pdbx_total_number_of_bins_used 
_refine_ls_shell.d_res_low 
_refine_ls_shell.d_res_high 
_refine_ls_shell.number_reflns_all 
_refine_ls_shell.percent_reflns_obs 
_refine_ls_shell.number_reflns_R_work 
_refine_ls_shell.R_factor_R_work 
_refine_ls_shell.number_reflns_R_free 
_refine_ls_shell.R_factor_R_free 
_refine_ls_shell.number_reflns_obs 
_refine_ls_shell.R_factor_R_free_error 
_refine_ls_shell.percent_reflns_R_free 
_refine_ls_shell.redundancy_reflns_obs 
_refine_ls_shell.R_factor_all 
_refine_ls_shell.pdbx_refine_id 
20 1.744  1.700 1372 99.708  1292 0.225 76 0.247 . . . . . 'X-RAY DIFFRACTION' 
20 1.792  1.744 1340 99.851  1274 0.210 64 0.283 . . . . . 'X-RAY DIFFRACTION' 
20 1.843  1.792 1298 100.000 1230 0.197 68 0.249 . . . . . 'X-RAY DIFFRACTION' 
20 1.900  1.843 1276 100.000 1201 0.187 75 0.244 . . . . . 'X-RAY DIFFRACTION' 
20 1.962  1.900 1239 99.919  1170 0.185 68 0.230 . . . . . 'X-RAY DIFFRACTION' 
20 2.030  1.962 1203 100.000 1147 0.183 56 0.212 . . . . . 'X-RAY DIFFRACTION' 
20 2.106  2.030 1136 100.000 1070 0.186 66 0.191 . . . . . 'X-RAY DIFFRACTION' 
20 2.192  2.106 1125 100.000 1063 0.174 62 0.229 . . . . . 'X-RAY DIFFRACTION' 
20 2.289  2.192 1078 100.000 1032 0.183 46 0.217 . . . . . 'X-RAY DIFFRACTION' 
20 2.400  2.289 1025 100.000 970  0.176 55 0.224 . . . . . 'X-RAY DIFFRACTION' 
20 2.528  2.400 989  100.000 928  0.192 61 0.243 . . . . . 'X-RAY DIFFRACTION' 
20 2.680  2.528 931  100.000 891  0.209 40 0.264 . . . . . 'X-RAY DIFFRACTION' 
20 2.863  2.680 879  100.000 842  0.225 37 0.234 . . . . . 'X-RAY DIFFRACTION' 
20 3.090  2.863 828  99.879  787  0.217 40 0.241 . . . . . 'X-RAY DIFFRACTION' 
20 3.381  3.090 766  99.478  728  0.202 34 0.193 . . . . . 'X-RAY DIFFRACTION' 
20 3.773  3.381 701  98.288  647  0.179 42 0.284 . . . . . 'X-RAY DIFFRACTION' 
20 4.343  3.773 628  96.497  575  0.161 31 0.238 . . . . . 'X-RAY DIFFRACTION' 
20 5.286  4.343 545  96.147  496  0.179 28 0.179 . . . . . 'X-RAY DIFFRACTION' 
20 7.343  5.286 434  98.848  413  0.224 16 0.305 . . . . . 'X-RAY DIFFRACTION' 
20 27.618 7.343 283  81.625  218  0.248 13 0.217 . . . . . 'X-RAY DIFFRACTION' 
# 
_struct.entry_id                  3HA9 
_struct.title                     'The 1.7A Crystal Structure of a Thioredoxin-like Protein from Aeropyrum pernix' 
_struct.pdbx_model_details        ? 
_struct.pdbx_CASP_flag            ? 
_struct.pdbx_model_type_details   ? 
# 
_struct_keywords.entry_id        3HA9 
_struct_keywords.pdbx_keywords   'structural genomics, unknown function' 
_struct_keywords.text            
;thioredoxin-like, aeropyrum, pernix, PSI, MCSG, Structural Genomics, Midwest Center for Structural Genomics, Protein Structure Initiative, unknown function
;
# 
loop_
_struct_asym.id 
_struct_asym.pdbx_blank_PDB_chainid_flag 
_struct_asym.pdbx_modified 
_struct_asym.entity_id 
_struct_asym.details 
A N N 1 ? 
B N N 2 ? 
# 
_struct_ref.id                         1 
_struct_ref.db_name                    UNP 
_struct_ref.db_code                    Q9Y8R5_AERPE 
_struct_ref.pdbx_db_accession          Q9Y8R5 
_struct_ref.entity_id                  1 
_struct_ref.pdbx_seq_one_letter_code   
;PRAAGHSEEVLEREASFSLTTIDGEVISLNNVGGDVVILWFMAAWCPSCVYMADLLDRLTEKYREISVIAIDFWTAEALK
ALGLNKPGYPPPDTPEMFRKFIANYGDPSWIMVMDDGSLVEKFNVRSIDYIVIMDKSSNVLYAGTTPSLGELESVIKSVQ
GG
;
_struct_ref.pdbx_align_begin           29 
_struct_ref.pdbx_db_isoform            ? 
# 
_struct_ref_seq.align_id                      1 
_struct_ref_seq.ref_id                        1 
_struct_ref_seq.pdbx_PDB_id_code              3HA9 
_struct_ref_seq.pdbx_strand_id                A 
_struct_ref_seq.seq_align_beg                 4 
_struct_ref_seq.pdbx_seq_align_beg_ins_code   ? 
_struct_ref_seq.seq_align_end                 165 
_struct_ref_seq.pdbx_seq_align_end_ins_code   ? 
_struct_ref_seq.pdbx_db_accession             Q9Y8R5 
_struct_ref_seq.db_align_beg                  29 
_struct_ref_seq.pdbx_db_align_beg_ins_code    ? 
_struct_ref_seq.db_align_end                  190 
_struct_ref_seq.pdbx_db_align_end_ins_code    ? 
_struct_ref_seq.pdbx_auth_seq_align_beg       29 
_struct_ref_seq.pdbx_auth_seq_align_end       190 
# 
loop_
_struct_ref_seq_dif.align_id 
_struct_ref_seq_dif.pdbx_pdb_id_code 
_struct_ref_seq_dif.mon_id 
_struct_ref_seq_dif.pdbx_pdb_strand_id 
_struct_ref_seq_dif.seq_num 
_struct_ref_seq_dif.pdbx_pdb_ins_code 
_struct_ref_seq_dif.pdbx_seq_db_name 
_struct_ref_seq_dif.pdbx_seq_db_accession_code 
_struct_ref_seq_dif.db_mon_id 
_struct_ref_seq_dif.pdbx_seq_db_seq_num 
_struct_ref_seq_dif.details 
_struct_ref_seq_dif.pdbx_auth_seq_num 
_struct_ref_seq_dif.pdbx_ordinal 
1 3HA9 SER A 1 ? UNP Q9Y8R5 ? ? 'expression tag' 26 1 
1 3HA9 ASN A 2 ? UNP Q9Y8R5 ? ? 'expression tag' 27 2 
1 3HA9 ALA A 3 ? UNP Q9Y8R5 ? ? 'expression tag' 28 3 
# 
loop_
_pdbx_struct_assembly.id 
_pdbx_struct_assembly.details 
_pdbx_struct_assembly.method_details 
_pdbx_struct_assembly.oligomeric_details 
_pdbx_struct_assembly.oligomeric_count 
1 author_defined_assembly   ?    monomeric 1 
2 software_defined_assembly PISA dimeric   2 
# 
loop_
_pdbx_struct_assembly_prop.biol_id 
_pdbx_struct_assembly_prop.type 
_pdbx_struct_assembly_prop.value 
_pdbx_struct_assembly_prop.details 
2 'ABSA (A^2)' 3150  ? 
2 MORE         -20   ? 
2 'SSA (A^2)'  14720 ? 
# 
loop_
_pdbx_struct_assembly_gen.assembly_id 
_pdbx_struct_assembly_gen.oper_expression 
_pdbx_struct_assembly_gen.asym_id_list 
1 1   A,B 
2 1,2 A,B 
# 
loop_
_pdbx_struct_oper_list.id 
_pdbx_struct_oper_list.type 
_pdbx_struct_oper_list.name 
_pdbx_struct_oper_list.symmetry_operation 
_pdbx_struct_oper_list.matrix[1][1] 
_pdbx_struct_oper_list.matrix[1][2] 
_pdbx_struct_oper_list.matrix[1][3] 
_pdbx_struct_oper_list.vector[1] 
_pdbx_struct_oper_list.matrix[2][1] 
_pdbx_struct_oper_list.matrix[2][2] 
_pdbx_struct_oper_list.matrix[2][3] 
_pdbx_struct_oper_list.vector[2] 
_pdbx_struct_oper_list.matrix[3][1] 
_pdbx_struct_oper_list.matrix[3][2] 
_pdbx_struct_oper_list.matrix[3][3] 
_pdbx_struct_oper_list.vector[3] 
1 'identity operation'         1_555 x,y,z    1.0000000000  0.0000000000 0.0000000000  0.0000000000  0.0000000000 1.0000000000  0.0000000000  0.0000000000  0.0000000000  0.0000000000  1.0000000000 0.0000000000 
2 'crystal symmetry operation' 7_556 y,x,-z+1 -0.9228634706 0.1390520704 -0.3591483486 22.5882988449 0.1390520704 -0.7493343500 -0.6474276436 -0.8823124296 -0.3591483486 -0.6474276436 0.6721978206 4.5098233467 
# 
_struct_biol.id        1 
_struct_biol.details   'biological unit is the same as asymmetric unit.' 
# 
loop_
_struct_conf.conf_type_id 
_struct_conf.id 
_struct_conf.pdbx_PDB_helix_id 
_struct_conf.beg_label_comp_id 
_struct_conf.beg_label_asym_id 
_struct_conf.beg_label_seq_id 
_struct_conf.pdbx_beg_PDB_ins_code 
_struct_conf.end_label_comp_id 
_struct_conf.end_label_asym_id 
_struct_conf.end_label_seq_id 
_struct_conf.pdbx_end_PDB_ins_code 
_struct_conf.beg_auth_comp_id 
_struct_conf.beg_auth_asym_id 
_struct_conf.beg_auth_seq_id 
_struct_conf.end_auth_comp_id 
_struct_conf.end_auth_asym_id 
_struct_conf.end_auth_seq_id 
_struct_conf.pdbx_PDB_helix_class 
_struct_conf.details 
_struct_conf.pdbx_PDB_helix_length 
HELX_P HELX_P1 1 ASN A 2   ? SER A 19  ? ASN A 27  SER A 44  1 ? 18 
HELX_P HELX_P2 2 SER A 31  ? VAL A 35  ? SER A 56  VAL A 60  5 ? 5  
HELX_P HELX_P3 3 SER A 51  ? TYR A 66  ? SER A 76  TYR A 91  1 ? 16 
HELX_P HELX_P4 4 THR A 78  ? LEU A 85  ? THR A 103 LEU A 110 1 ? 8  
HELX_P HELX_P5 5 THR A 97  ? GLY A 109 ? THR A 122 GLY A 134 1 ? 13 
HELX_P HELX_P6 6 GLY A 120 ? PHE A 126 ? GLY A 145 PHE A 151 1 ? 7  
HELX_P HELX_P7 7 SER A 151 ? VAL A 162 ? SER A 176 VAL A 187 1 ? 12 
# 
_struct_conf_type.id          HELX_P 
_struct_conf_type.criteria    ? 
_struct_conf_type.reference   ? 
# 
_struct_conn.id                            disulf1 
_struct_conn.conn_type_id                  disulf 
_struct_conn.pdbx_leaving_atom_flag        ? 
_struct_conn.pdbx_PDB_id                   ? 
_struct_conn.ptnr1_label_asym_id           A 
_struct_conn.ptnr1_label_comp_id           CYS 
_struct_conn.ptnr1_label_seq_id            49 
_struct_conn.ptnr1_label_atom_id           SG 
_struct_conn.pdbx_ptnr1_label_alt_id       ? 
_struct_conn.pdbx_ptnr1_PDB_ins_code       ? 
_struct_conn.pdbx_ptnr1_standard_comp_id   ? 
_struct_conn.ptnr1_symmetry                1_555 
_struct_conn.ptnr2_label_asym_id           A 
_struct_conn.ptnr2_label_comp_id           CYS 
_struct_conn.ptnr2_label_seq_id            52 
_struct_conn.ptnr2_label_atom_id           SG 
_struct_conn.pdbx_ptnr2_label_alt_id       ? 
_struct_conn.pdbx_ptnr2_PDB_ins_code       ? 
_struct_conn.ptnr1_auth_asym_id            A 
_struct_conn.ptnr1_auth_comp_id            CYS 
_struct_conn.ptnr1_auth_seq_id             74 
_struct_conn.ptnr2_auth_asym_id            A 
_struct_conn.ptnr2_auth_comp_id            CYS 
_struct_conn.ptnr2_auth_seq_id             77 
_struct_conn.ptnr2_symmetry                1_555 
_struct_conn.pdbx_ptnr3_label_atom_id      ? 
_struct_conn.pdbx_ptnr3_label_seq_id       ? 
_struct_conn.pdbx_ptnr3_label_comp_id      ? 
_struct_conn.pdbx_ptnr3_label_asym_id      ? 
_struct_conn.pdbx_ptnr3_label_alt_id       ? 
_struct_conn.pdbx_ptnr3_PDB_ins_code       ? 
_struct_conn.details                       ? 
_struct_conn.pdbx_dist_value               2.100 
_struct_conn.pdbx_value_order              ? 
_struct_conn.pdbx_role                     ? 
# 
_struct_conn_type.id          disulf 
_struct_conn_type.criteria    ? 
_struct_conn_type.reference   ? 
# 
_pdbx_modification_feature.ordinal                            1 
_pdbx_modification_feature.label_comp_id                      CYS 
_pdbx_modification_feature.label_asym_id                      A 
_pdbx_modification_feature.label_seq_id                       49 
_pdbx_modification_feature.label_alt_id                       ? 
_pdbx_modification_feature.modified_residue_label_comp_id     CYS 
_pdbx_modification_feature.modified_residue_label_asym_id     A 
_pdbx_modification_feature.modified_residue_label_seq_id      52 
_pdbx_modification_feature.modified_residue_label_alt_id      ? 
_pdbx_modification_feature.auth_comp_id                       CYS 
_pdbx_modification_feature.auth_asym_id                       A 
_pdbx_modification_feature.auth_seq_id                        74 
_pdbx_modification_feature.PDB_ins_code                       ? 
_pdbx_modification_feature.symmetry                           1_555 
_pdbx_modification_feature.modified_residue_auth_comp_id      CYS 
_pdbx_modification_feature.modified_residue_auth_asym_id      A 
_pdbx_modification_feature.modified_residue_auth_seq_id       77 
_pdbx_modification_feature.modified_residue_PDB_ins_code      ? 
_pdbx_modification_feature.modified_residue_symmetry          1_555 
_pdbx_modification_feature.comp_id_linking_atom               SG 
_pdbx_modification_feature.modified_residue_id_linking_atom   SG 
_pdbx_modification_feature.modified_residue_id                . 
_pdbx_modification_feature.ref_pcm_id                         . 
_pdbx_modification_feature.ref_comp_id                        . 
_pdbx_modification_feature.type                               None 
_pdbx_modification_feature.category                           'Disulfide bridge' 
# 
loop_
_struct_sheet.id 
_struct_sheet.type 
_struct_sheet.number_strands 
_struct_sheet.details 
A ? 2 ? 
B ? 5 ? 
# 
loop_
_struct_sheet_order.sheet_id 
_struct_sheet_order.range_id_1 
_struct_sheet_order.range_id_2 
_struct_sheet_order.offset 
_struct_sheet_order.sense 
A 1 2 ? anti-parallel 
B 1 2 ? parallel      
B 2 3 ? parallel      
B 3 4 ? anti-parallel 
B 4 5 ? anti-parallel 
# 
loop_
_struct_sheet_range.sheet_id 
_struct_sheet_range.id 
_struct_sheet_range.beg_label_comp_id 
_struct_sheet_range.beg_label_asym_id 
_struct_sheet_range.beg_label_seq_id 
_struct_sheet_range.pdbx_beg_PDB_ins_code 
_struct_sheet_range.end_label_comp_id 
_struct_sheet_range.end_label_asym_id 
_struct_sheet_range.end_label_seq_id 
_struct_sheet_range.pdbx_end_PDB_ins_code 
_struct_sheet_range.beg_auth_comp_id 
_struct_sheet_range.beg_auth_asym_id 
_struct_sheet_range.beg_auth_seq_id 
_struct_sheet_range.end_auth_comp_id 
_struct_sheet_range.end_auth_asym_id 
_struct_sheet_range.end_auth_seq_id 
A 1 LEU A 22  ? THR A 23  ? LEU A 47  THR A 48  
A 2 VAL A 29  ? ILE A 30  ? VAL A 54  ILE A 55  
B 1 ILE A 114 ? MET A 117 ? ILE A 139 MET A 142 
B 2 ILE A 69  ? ASP A 75  ? ILE A 94  ASP A 100 
B 3 VAL A 39  ? MET A 45  ? VAL A 64  MET A 70  
B 4 TYR A 133 ? ASP A 138 ? TYR A 158 ASP A 163 
B 5 VAL A 143 ? THR A 148 ? VAL A 168 THR A 173 
# 
loop_
_pdbx_struct_sheet_hbond.sheet_id 
_pdbx_struct_sheet_hbond.range_id_1 
_pdbx_struct_sheet_hbond.range_id_2 
_pdbx_struct_sheet_hbond.range_1_label_atom_id 
_pdbx_struct_sheet_hbond.range_1_label_comp_id 
_pdbx_struct_sheet_hbond.range_1_label_asym_id 
_pdbx_struct_sheet_hbond.range_1_label_seq_id 
_pdbx_struct_sheet_hbond.range_1_PDB_ins_code 
_pdbx_struct_sheet_hbond.range_1_auth_atom_id 
_pdbx_struct_sheet_hbond.range_1_auth_comp_id 
_pdbx_struct_sheet_hbond.range_1_auth_asym_id 
_pdbx_struct_sheet_hbond.range_1_auth_seq_id 
_pdbx_struct_sheet_hbond.range_2_label_atom_id 
_pdbx_struct_sheet_hbond.range_2_label_comp_id 
_pdbx_struct_sheet_hbond.range_2_label_asym_id 
_pdbx_struct_sheet_hbond.range_2_label_seq_id 
_pdbx_struct_sheet_hbond.range_2_PDB_ins_code 
_pdbx_struct_sheet_hbond.range_2_auth_atom_id 
_pdbx_struct_sheet_hbond.range_2_auth_comp_id 
_pdbx_struct_sheet_hbond.range_2_auth_asym_id 
_pdbx_struct_sheet_hbond.range_2_auth_seq_id 
A 1 2 N LEU A 22  ? N LEU A 47  O ILE A 30  ? O ILE A 55  
B 1 2 O VAL A 116 ? O VAL A 141 N ALA A 73  ? N ALA A 98  
B 2 3 O ILE A 74  ? O ILE A 99  N TRP A 43  ? N TRP A 68  
B 3 4 N LEU A 42  ? N LEU A 67  O VAL A 135 ? O VAL A 160 
B 4 5 N ILE A 136 ? N ILE A 161 O TYR A 145 ? O TYR A 170 
# 
_pdbx_entry_details.entry_id                   3HA9 
_pdbx_entry_details.compound_details           ? 
_pdbx_entry_details.source_details             ? 
_pdbx_entry_details.nonpolymer_details         ? 
_pdbx_entry_details.sequence_details           ? 
_pdbx_entry_details.has_ligand_of_interest     ? 
_pdbx_entry_details.has_protein_modification   Y 
# 
loop_
_pdbx_validate_close_contact.id 
_pdbx_validate_close_contact.PDB_model_num 
_pdbx_validate_close_contact.auth_atom_id_1 
_pdbx_validate_close_contact.auth_asym_id_1 
_pdbx_validate_close_contact.auth_comp_id_1 
_pdbx_validate_close_contact.auth_seq_id_1 
_pdbx_validate_close_contact.PDB_ins_code_1 
_pdbx_validate_close_contact.label_alt_id_1 
_pdbx_validate_close_contact.auth_atom_id_2 
_pdbx_validate_close_contact.auth_asym_id_2 
_pdbx_validate_close_contact.auth_comp_id_2 
_pdbx_validate_close_contact.auth_seq_id_2 
_pdbx_validate_close_contact.PDB_ins_code_2 
_pdbx_validate_close_contact.label_alt_id_2 
_pdbx_validate_close_contact.dist 
1 1 O A HOH 262 ? ? O A HOH 268 ? ? 2.10 
2 1 O A HOH 216 ? ? O A HOH 243 ? ? 2.11 
# 
_pdbx_validate_symm_contact.id                1 
_pdbx_validate_symm_contact.PDB_model_num     1 
_pdbx_validate_symm_contact.auth_atom_id_1    O 
_pdbx_validate_symm_contact.auth_asym_id_1    A 
_pdbx_validate_symm_contact.auth_comp_id_1    HOH 
_pdbx_validate_symm_contact.auth_seq_id_1     7 
_pdbx_validate_symm_contact.PDB_ins_code_1    ? 
_pdbx_validate_symm_contact.label_alt_id_1    ? 
_pdbx_validate_symm_contact.site_symmetry_1   1_555 
_pdbx_validate_symm_contact.auth_atom_id_2    O 
_pdbx_validate_symm_contact.auth_asym_id_2    A 
_pdbx_validate_symm_contact.auth_comp_id_2    HOH 
_pdbx_validate_symm_contact.auth_seq_id_2     7 
_pdbx_validate_symm_contact.PDB_ins_code_2    ? 
_pdbx_validate_symm_contact.label_alt_id_2    ? 
_pdbx_validate_symm_contact.site_symmetry_2   7_556 
_pdbx_validate_symm_contact.dist              2.11 
# 
_pdbx_validate_torsion.id              1 
_pdbx_validate_torsion.PDB_model_num   1 
_pdbx_validate_torsion.auth_comp_id    THR 
_pdbx_validate_torsion.auth_asym_id    A 
_pdbx_validate_torsion.auth_seq_id     174 
_pdbx_validate_torsion.PDB_ins_code    ? 
_pdbx_validate_torsion.label_alt_id    ? 
_pdbx_validate_torsion.phi             37.21 
_pdbx_validate_torsion.psi             63.25 
# 
_pdbx_SG_project.id                    1 
_pdbx_SG_project.project_name          'PSI, Protein Structure Initiative' 
_pdbx_SG_project.full_name_of_center   'Midwest Center for Structural Genomics' 
_pdbx_SG_project.initial_of_center     MCSG 
# 
loop_
_pdbx_refine_tls.id 
_pdbx_refine_tls.details 
_pdbx_refine_tls.method 
_pdbx_refine_tls.origin_x 
_pdbx_refine_tls.origin_y 
_pdbx_refine_tls.origin_z 
_pdbx_refine_tls.T[1][1] 
_pdbx_refine_tls.T[2][2] 
_pdbx_refine_tls.T[3][3] 
_pdbx_refine_tls.T[1][2] 
_pdbx_refine_tls.T[1][3] 
_pdbx_refine_tls.T[2][3] 
_pdbx_refine_tls.L[1][1] 
_pdbx_refine_tls.L[2][2] 
_pdbx_refine_tls.L[3][3] 
_pdbx_refine_tls.L[1][2] 
_pdbx_refine_tls.L[1][3] 
_pdbx_refine_tls.L[2][3] 
_pdbx_refine_tls.S[1][1] 
_pdbx_refine_tls.S[2][2] 
_pdbx_refine_tls.S[3][3] 
_pdbx_refine_tls.S[1][2] 
_pdbx_refine_tls.S[1][3] 
_pdbx_refine_tls.S[2][3] 
_pdbx_refine_tls.S[2][1] 
_pdbx_refine_tls.S[3][1] 
_pdbx_refine_tls.S[3][2] 
_pdbx_refine_tls.pdbx_refine_id 
1  ? refined 25.8499  20.9643  9.8728   0.2625 0.1489 0.1714 -0.0086 -0.0198 -0.0311 7.6196  6.8817  5.2467 -3.0131 4.1300  1.3305  -0.1219 0.0774  0.0445  -0.3135 0.4740  -0.4412 0.3195  -0.4690 0.0103  'X-RAY DIFFRACTION' 
2  ? refined 18.9270  17.9842  5.6792   0.1726 0.0997 0.1889 0.0165  0.0103  -0.0427 0.0695  7.1401  5.5009 0.3462  0.6093  3.9241  -0.0126 -0.0660 0.0786  -0.0178 0.0139  0.1226  0.2022  -0.0840 -0.1349 'X-RAY DIFFRACTION' 
3  ? refined 14.5231  12.9899  0.5417   0.1482 0.1622 0.1375 -0.0048 0.0011  0.0020  12.2596 11.1597 2.2889 3.0907  2.4552  1.9265  -0.0481 -0.0080 0.0562  0.1345  -0.0099 0.3290  -0.0682 0.0498  -0.2666 'X-RAY DIFFRACTION' 
4  ? refined -0.1196  8.6359   -4.0439  0.1453 0.2014 0.2211 0.0205  0.0082  0.0508  5.1994  2.3013  0.5275 0.1132  1.2273  0.7584  -0.1053 0.0481  0.0572  0.3709  0.5524  -0.0558 0.0327  -0.0194 0.1010  'X-RAY DIFFRACTION' 
5  ? refined -4.7546  10.8183  -1.1985  0.1427 0.0815 0.2931 0.0237  0.0119  -0.0111 6.8420  1.3559  5.3170 1.2083  2.0164  0.2448  -0.3115 -0.0630 0.3745  -0.0776 1.2095  0.3056  -0.0302 -0.5756 0.1472  'X-RAY DIFFRACTION' 
6  ? refined -1.1863  0.4364   4.8728   0.1322 0.1627 0.1295 -0.0049 0.0203  -0.0071 3.1720  1.3832  3.7679 0.7868  0.6628  1.4200  0.0101  0.0056  -0.0157 -0.4269 0.1913  0.0836  0.0662  -0.0513 -0.0500 'X-RAY DIFFRACTION' 
7  ? refined -5.9180  -11.3947 -5.2233  0.1391 0.1460 0.2296 -0.0156 0.0157  0.0422  0.4619  0.4219  2.1560 0.3868  -0.7747 -0.9368 -0.0680 0.0163  0.0517  -0.0444 -0.2103 -0.0730 -0.0508 0.1059  -0.1501 'X-RAY DIFFRACTION' 
8  ? refined -8.0965  -9.3553  7.5479   0.1938 0.2018 0.1032 -0.0303 -0.0015 0.0676  3.0002  0.6161  2.1444 1.1723  0.9459  0.5146  0.1178  -0.0699 -0.0479 -0.3652 -0.2441 -0.0853 0.1714  0.0877  -0.0748 'X-RAY DIFFRACTION' 
9  ? refined -8.9690  -0.6563  15.2647  0.2682 0.3523 0.0531 -0.0305 0.0514  -0.0413 5.4096  11.1277 0.1309 -6.0804 -0.4574 -0.0765 -0.1333 0.1315  0.0018  -0.1886 -0.0140 0.1734  0.4036  0.0106  -0.0211 'X-RAY DIFFRACTION' 
10 ? refined -3.5025  -0.8787  -2.6471  0.1375 0.1124 0.1368 -0.0005 0.0148  -0.0177 2.1508  0.8684  3.5997 -0.4939 -1.5717 0.8937  -0.0282 0.0203  0.0078  -0.1589 0.1028  0.0194  0.0576  -0.0251 0.1101  'X-RAY DIFFRACTION' 
11 ? refined 3.3463   -4.4676  -17.7390 0.1315 0.1316 0.0952 -0.0110 0.0420  -0.0120 4.3137  9.6766  5.9068 -2.6953 1.7132  1.3180  -0.1076 0.1012  0.0064  0.3553  0.0709  -0.1560 -0.0992 -0.1483 -0.0156 'X-RAY DIFFRACTION' 
12 ? refined -4.2717  -9.0386  -17.0563 0.1395 0.1487 0.1389 -0.0109 0.0085  -0.0569 3.2332  3.0639  2.3857 -2.4845 -2.6196 1.5370  0.1081  -0.0440 -0.0640 0.2345  -0.0009 -0.0533 -0.1468 -0.0979 -0.1814 'X-RAY DIFFRACTION' 
13 ? refined -14.1376 -3.0889  -8.6437  0.1022 0.1237 0.1113 0.0048  0.0155  0.0052  5.4033  6.3928  7.5560 0.9441  -0.2097 1.2388  0.0603  -0.0138 -0.0464 0.2223  0.1132  0.3720  -0.0046 -0.0291 -0.4146 'X-RAY DIFFRACTION' 
14 ? refined -14.2039 -7.3330  -1.5427  0.1443 0.1359 0.1226 -0.0237 0.0144  0.0029  1.6135  2.4804  4.9951 0.0713  -1.7456 -2.8510 0.0439  0.0009  -0.0448 -0.0442 -0.0212 0.0570  -0.1060 0.0757  0.0343  'X-RAY DIFFRACTION' 
15 ? refined -8.8823  1.5920   -0.9133  0.1208 0.1256 0.1600 -0.0004 0.0224  -0.0272 2.6462  1.9173  2.1504 1.2123  -0.6401 -1.9177 0.1559  0.0546  -0.2104 -0.2583 0.3171  0.2626  0.1435  -0.1775 -0.1345 'X-RAY DIFFRACTION' 
16 ? refined 5.5045   1.7900   -9.0706  0.1311 0.1398 0.1300 -0.0059 0.0109  0.0101  6.9972  4.7025  6.1567 -2.4468 5.4298  0.0067  -0.0227 -0.0294 0.0521  0.4270  0.1968  -0.2106 -0.1805 -0.1596 0.2680  'X-RAY DIFFRACTION' 
17 ? refined 4.9898   -2.4657  0.9899   0.1430 0.1264 0.1443 -0.0102 -0.0075 0.0010  2.3875  0.0306  2.3708 0.2300  0.1310  0.0463  0.0699  -0.0317 -0.0382 -0.1970 -0.0498 -0.0328 0.0243  -0.0674 -0.0163 'X-RAY DIFFRACTION' 
18 ? refined 7.7055   0.7207   8.6209   0.1298 0.1864 0.1356 -0.0064 0.0119  -0.0061 3.7400  11.3247 3.5611 1.1693  0.6054  2.5435  0.0842  -0.1485 0.0644  -0.3036 0.1625  0.2457  0.3388  -0.0295 -0.1548 'X-RAY DIFFRACTION' 
19 ? refined 1.3834   -11.6958 6.9278   0.1395 0.1857 0.2143 -0.0406 -0.0757 0.1016  7.2856  4.3396  4.0946 -0.3901 -5.1665 1.6065  -0.3196 0.0152  0.3044  -0.5700 -0.5244 0.0553  0.0888  0.2777  0.3852  'X-RAY DIFFRACTION' 
20 ? refined 1.7240   -5.3789  15.2043  0.1957 0.2472 0.1574 -0.0220 -0.0001 0.0259  6.8545  5.4542  5.4363 2.2541  1.8769  0.6398  -0.0110 -0.0259 0.0370  -0.4679 0.3526  0.0367  0.3637  -0.2688 0.1696  'X-RAY DIFFRACTION' 
# 
loop_
_pdbx_refine_tls_group.id 
_pdbx_refine_tls_group.refine_tls_id 
_pdbx_refine_tls_group.beg_label_asym_id 
_pdbx_refine_tls_group.beg_label_seq_id 
_pdbx_refine_tls_group.end_label_asym_id 
_pdbx_refine_tls_group.end_label_seq_id 
_pdbx_refine_tls_group.selection 
_pdbx_refine_tls_group.beg_auth_asym_id 
_pdbx_refine_tls_group.beg_auth_seq_id 
_pdbx_refine_tls_group.end_auth_asym_id 
_pdbx_refine_tls_group.end_auth_seq_id 
_pdbx_refine_tls_group.pdbx_refine_id 
_pdbx_refine_tls_group.selection_details 
1  1  . . . . ? A 27  A 32  'X-RAY DIFFRACTION' ? 
2  2  . . . . ? A 33  A 37  'X-RAY DIFFRACTION' ? 
3  3  . . . . ? A 38  A 43  'X-RAY DIFFRACTION' ? 
4  4  . . . . ? A 44  A 49  'X-RAY DIFFRACTION' ? 
5  5  . . . . ? A 50  A 61  'X-RAY DIFFRACTION' ? 
6  6  . . . . ? A 62  A 69  'X-RAY DIFFRACTION' ? 
7  7  . . . . ? A 70  A 78  'X-RAY DIFFRACTION' ? 
8  8  . . . . ? A 79  A 87  'X-RAY DIFFRACTION' ? 
9  9  . . . . ? A 88  A 92  'X-RAY DIFFRACTION' ? 
10 10 . . . . ? A 93  A 104 'X-RAY DIFFRACTION' ? 
11 11 . . . . ? A 105 A 113 'X-RAY DIFFRACTION' ? 
12 12 . . . . ? A 114 A 123 'X-RAY DIFFRACTION' ? 
13 13 . . . . ? A 124 A 128 'X-RAY DIFFRACTION' ? 
14 14 . . . . ? A 129 A 134 'X-RAY DIFFRACTION' ? 
15 15 . . . . ? A 135 A 143 'X-RAY DIFFRACTION' ? 
16 16 . . . . ? A 144 A 149 'X-RAY DIFFRACTION' ? 
17 17 . . . . ? A 150 A 164 'X-RAY DIFFRACTION' ? 
18 18 . . . . ? A 165 A 171 'X-RAY DIFFRACTION' ? 
19 19 . . . . ? A 172 A 178 'X-RAY DIFFRACTION' ? 
20 20 . . . . ? A 179 A 187 'X-RAY DIFFRACTION' ? 
# 
loop_
_pdbx_unobs_or_zero_occ_residues.id 
_pdbx_unobs_or_zero_occ_residues.PDB_model_num 
_pdbx_unobs_or_zero_occ_residues.polymer_flag 
_pdbx_unobs_or_zero_occ_residues.occupancy_flag 
_pdbx_unobs_or_zero_occ_residues.auth_asym_id 
_pdbx_unobs_or_zero_occ_residues.auth_comp_id 
_pdbx_unobs_or_zero_occ_residues.auth_seq_id 
_pdbx_unobs_or_zero_occ_residues.PDB_ins_code 
_pdbx_unobs_or_zero_occ_residues.label_asym_id 
_pdbx_unobs_or_zero_occ_residues.label_comp_id 
_pdbx_unobs_or_zero_occ_residues.label_seq_id 
1 1 Y 1 A SER 26  ? A SER 1   
2 1 Y 1 A GLN 188 ? A GLN 163 
3 1 Y 1 A GLY 189 ? A GLY 164 
4 1 Y 1 A GLY 190 ? A GLY 165 
# 
loop_
_chem_comp_atom.comp_id 
_chem_comp_atom.atom_id 
_chem_comp_atom.type_symbol 
_chem_comp_atom.pdbx_aromatic_flag 
_chem_comp_atom.pdbx_stereo_config 
_chem_comp_atom.pdbx_ordinal 
ALA N    N N N 1   
ALA CA   C N S 2   
ALA C    C N N 3   
ALA O    O N N 4   
ALA CB   C N N 5   
ALA OXT  O N N 6   
ALA H    H N N 7   
ALA H2   H N N 8   
ALA HA   H N N 9   
ALA HB1  H N N 10  
ALA HB2  H N N 11  
ALA HB3  H N N 12  
ALA HXT  H N N 13  
ARG N    N N N 14  
ARG CA   C N S 15  
ARG C    C N N 16  
ARG O    O N N 17  
ARG CB   C N N 18  
ARG CG   C N N 19  
ARG CD   C N N 20  
ARG NE   N N N 21  
ARG CZ   C N N 22  
ARG NH1  N N N 23  
ARG NH2  N N N 24  
ARG OXT  O N N 25  
ARG H    H N N 26  
ARG H2   H N N 27  
ARG HA   H N N 28  
ARG HB2  H N N 29  
ARG HB3  H N N 30  
ARG HG2  H N N 31  
ARG HG3  H N N 32  
ARG HD2  H N N 33  
ARG HD3  H N N 34  
ARG HE   H N N 35  
ARG HH11 H N N 36  
ARG HH12 H N N 37  
ARG HH21 H N N 38  
ARG HH22 H N N 39  
ARG HXT  H N N 40  
ASN N    N N N 41  
ASN CA   C N S 42  
ASN C    C N N 43  
ASN O    O N N 44  
ASN CB   C N N 45  
ASN CG   C N N 46  
ASN OD1  O N N 47  
ASN ND2  N N N 48  
ASN OXT  O N N 49  
ASN H    H N N 50  
ASN H2   H N N 51  
ASN HA   H N N 52  
ASN HB2  H N N 53  
ASN HB3  H N N 54  
ASN HD21 H N N 55  
ASN HD22 H N N 56  
ASN HXT  H N N 57  
ASP N    N N N 58  
ASP CA   C N S 59  
ASP C    C N N 60  
ASP O    O N N 61  
ASP CB   C N N 62  
ASP CG   C N N 63  
ASP OD1  O N N 64  
ASP OD2  O N N 65  
ASP OXT  O N N 66  
ASP H    H N N 67  
ASP H2   H N N 68  
ASP HA   H N N 69  
ASP HB2  H N N 70  
ASP HB3  H N N 71  
ASP HD2  H N N 72  
ASP HXT  H N N 73  
CYS N    N N N 74  
CYS CA   C N R 75  
CYS C    C N N 76  
CYS O    O N N 77  
CYS CB   C N N 78  
CYS SG   S N N 79  
CYS OXT  O N N 80  
CYS H    H N N 81  
CYS H2   H N N 82  
CYS HA   H N N 83  
CYS HB2  H N N 84  
CYS HB3  H N N 85  
CYS HG   H N N 86  
CYS HXT  H N N 87  
GLN N    N N N 88  
GLN CA   C N S 89  
GLN C    C N N 90  
GLN O    O N N 91  
GLN CB   C N N 92  
GLN CG   C N N 93  
GLN CD   C N N 94  
GLN OE1  O N N 95  
GLN NE2  N N N 96  
GLN OXT  O N N 97  
GLN H    H N N 98  
GLN H2   H N N 99  
GLN HA   H N N 100 
GLN HB2  H N N 101 
GLN HB3  H N N 102 
GLN HG2  H N N 103 
GLN HG3  H N N 104 
GLN HE21 H N N 105 
GLN HE22 H N N 106 
GLN HXT  H N N 107 
GLU N    N N N 108 
GLU CA   C N S 109 
GLU C    C N N 110 
GLU O    O N N 111 
GLU CB   C N N 112 
GLU CG   C N N 113 
GLU CD   C N N 114 
GLU OE1  O N N 115 
GLU OE2  O N N 116 
GLU OXT  O N N 117 
GLU H    H N N 118 
GLU H2   H N N 119 
GLU HA   H N N 120 
GLU HB2  H N N 121 
GLU HB3  H N N 122 
GLU HG2  H N N 123 
GLU HG3  H N N 124 
GLU HE2  H N N 125 
GLU HXT  H N N 126 
GLY N    N N N 127 
GLY CA   C N N 128 
GLY C    C N N 129 
GLY O    O N N 130 
GLY OXT  O N N 131 
GLY H    H N N 132 
GLY H2   H N N 133 
GLY HA2  H N N 134 
GLY HA3  H N N 135 
GLY HXT  H N N 136 
HIS N    N N N 137 
HIS CA   C N S 138 
HIS C    C N N 139 
HIS O    O N N 140 
HIS CB   C N N 141 
HIS CG   C Y N 142 
HIS ND1  N Y N 143 
HIS CD2  C Y N 144 
HIS CE1  C Y N 145 
HIS NE2  N Y N 146 
HIS OXT  O N N 147 
HIS H    H N N 148 
HIS H2   H N N 149 
HIS HA   H N N 150 
HIS HB2  H N N 151 
HIS HB3  H N N 152 
HIS HD1  H N N 153 
HIS HD2  H N N 154 
HIS HE1  H N N 155 
HIS HE2  H N N 156 
HIS HXT  H N N 157 
HOH O    O N N 158 
HOH H1   H N N 159 
HOH H2   H N N 160 
ILE N    N N N 161 
ILE CA   C N S 162 
ILE C    C N N 163 
ILE O    O N N 164 
ILE CB   C N S 165 
ILE CG1  C N N 166 
ILE CG2  C N N 167 
ILE CD1  C N N 168 
ILE OXT  O N N 169 
ILE H    H N N 170 
ILE H2   H N N 171 
ILE HA   H N N 172 
ILE HB   H N N 173 
ILE HG12 H N N 174 
ILE HG13 H N N 175 
ILE HG21 H N N 176 
ILE HG22 H N N 177 
ILE HG23 H N N 178 
ILE HD11 H N N 179 
ILE HD12 H N N 180 
ILE HD13 H N N 181 
ILE HXT  H N N 182 
LEU N    N N N 183 
LEU CA   C N S 184 
LEU C    C N N 185 
LEU O    O N N 186 
LEU CB   C N N 187 
LEU CG   C N N 188 
LEU CD1  C N N 189 
LEU CD2  C N N 190 
LEU OXT  O N N 191 
LEU H    H N N 192 
LEU H2   H N N 193 
LEU HA   H N N 194 
LEU HB2  H N N 195 
LEU HB3  H N N 196 
LEU HG   H N N 197 
LEU HD11 H N N 198 
LEU HD12 H N N 199 
LEU HD13 H N N 200 
LEU HD21 H N N 201 
LEU HD22 H N N 202 
LEU HD23 H N N 203 
LEU HXT  H N N 204 
LYS N    N N N 205 
LYS CA   C N S 206 
LYS C    C N N 207 
LYS O    O N N 208 
LYS CB   C N N 209 
LYS CG   C N N 210 
LYS CD   C N N 211 
LYS CE   C N N 212 
LYS NZ   N N N 213 
LYS OXT  O N N 214 
LYS H    H N N 215 
LYS H2   H N N 216 
LYS HA   H N N 217 
LYS HB2  H N N 218 
LYS HB3  H N N 219 
LYS HG2  H N N 220 
LYS HG3  H N N 221 
LYS HD2  H N N 222 
LYS HD3  H N N 223 
LYS HE2  H N N 224 
LYS HE3  H N N 225 
LYS HZ1  H N N 226 
LYS HZ2  H N N 227 
LYS HZ3  H N N 228 
LYS HXT  H N N 229 
MET N    N N N 230 
MET CA   C N S 231 
MET C    C N N 232 
MET O    O N N 233 
MET CB   C N N 234 
MET CG   C N N 235 
MET SD   S N N 236 
MET CE   C N N 237 
MET OXT  O N N 238 
MET H    H N N 239 
MET H2   H N N 240 
MET HA   H N N 241 
MET HB2  H N N 242 
MET HB3  H N N 243 
MET HG2  H N N 244 
MET HG3  H N N 245 
MET HE1  H N N 246 
MET HE2  H N N 247 
MET HE3  H N N 248 
MET HXT  H N N 249 
PHE N    N N N 250 
PHE CA   C N S 251 
PHE C    C N N 252 
PHE O    O N N 253 
PHE CB   C N N 254 
PHE CG   C Y N 255 
PHE CD1  C Y N 256 
PHE CD2  C Y N 257 
PHE CE1  C Y N 258 
PHE CE2  C Y N 259 
PHE CZ   C Y N 260 
PHE OXT  O N N 261 
PHE H    H N N 262 
PHE H2   H N N 263 
PHE HA   H N N 264 
PHE HB2  H N N 265 
PHE HB3  H N N 266 
PHE HD1  H N N 267 
PHE HD2  H N N 268 
PHE HE1  H N N 269 
PHE HE2  H N N 270 
PHE HZ   H N N 271 
PHE HXT  H N N 272 
PRO N    N N N 273 
PRO CA   C N S 274 
PRO C    C N N 275 
PRO O    O N N 276 
PRO CB   C N N 277 
PRO CG   C N N 278 
PRO CD   C N N 279 
PRO OXT  O N N 280 
PRO H    H N N 281 
PRO HA   H N N 282 
PRO HB2  H N N 283 
PRO HB3  H N N 284 
PRO HG2  H N N 285 
PRO HG3  H N N 286 
PRO HD2  H N N 287 
PRO HD3  H N N 288 
PRO HXT  H N N 289 
SER N    N N N 290 
SER CA   C N S 291 
SER C    C N N 292 
SER O    O N N 293 
SER CB   C N N 294 
SER OG   O N N 295 
SER OXT  O N N 296 
SER H    H N N 297 
SER H2   H N N 298 
SER HA   H N N 299 
SER HB2  H N N 300 
SER HB3  H N N 301 
SER HG   H N N 302 
SER HXT  H N N 303 
THR N    N N N 304 
THR CA   C N S 305 
THR C    C N N 306 
THR O    O N N 307 
THR CB   C N R 308 
THR OG1  O N N 309 
THR CG2  C N N 310 
THR OXT  O N N 311 
THR H    H N N 312 
THR H2   H N N 313 
THR HA   H N N 314 
THR HB   H N N 315 
THR HG1  H N N 316 
THR HG21 H N N 317 
THR HG22 H N N 318 
THR HG23 H N N 319 
THR HXT  H N N 320 
TRP N    N N N 321 
TRP CA   C N S 322 
TRP C    C N N 323 
TRP O    O N N 324 
TRP CB   C N N 325 
TRP CG   C Y N 326 
TRP CD1  C Y N 327 
TRP CD2  C Y N 328 
TRP NE1  N Y N 329 
TRP CE2  C Y N 330 
TRP CE3  C Y N 331 
TRP CZ2  C Y N 332 
TRP CZ3  C Y N 333 
TRP CH2  C Y N 334 
TRP OXT  O N N 335 
TRP H    H N N 336 
TRP H2   H N N 337 
TRP HA   H N N 338 
TRP HB2  H N N 339 
TRP HB3  H N N 340 
TRP HD1  H N N 341 
TRP HE1  H N N 342 
TRP HE3  H N N 343 
TRP HZ2  H N N 344 
TRP HZ3  H N N 345 
TRP HH2  H N N 346 
TRP HXT  H N N 347 
TYR N    N N N 348 
TYR CA   C N S 349 
TYR C    C N N 350 
TYR O    O N N 351 
TYR CB   C N N 352 
TYR CG   C Y N 353 
TYR CD1  C Y N 354 
TYR CD2  C Y N 355 
TYR CE1  C Y N 356 
TYR CE2  C Y N 357 
TYR CZ   C Y N 358 
TYR OH   O N N 359 
TYR OXT  O N N 360 
TYR H    H N N 361 
TYR H2   H N N 362 
TYR HA   H N N 363 
TYR HB2  H N N 364 
TYR HB3  H N N 365 
TYR HD1  H N N 366 
TYR HD2  H N N 367 
TYR HE1  H N N 368 
TYR HE2  H N N 369 
TYR HH   H N N 370 
TYR HXT  H N N 371 
VAL N    N N N 372 
VAL CA   C N S 373 
VAL C    C N N 374 
VAL O    O N N 375 
VAL CB   C N N 376 
VAL CG1  C N N 377 
VAL CG2  C N N 378 
VAL OXT  O N N 379 
VAL H    H N N 380 
VAL H2   H N N 381 
VAL HA   H N N 382 
VAL HB   H N N 383 
VAL HG11 H N N 384 
VAL HG12 H N N 385 
VAL HG13 H N N 386 
VAL HG21 H N N 387 
VAL HG22 H N N 388 
VAL HG23 H N N 389 
VAL HXT  H N N 390 
# 
loop_
_chem_comp_bond.comp_id 
_chem_comp_bond.atom_id_1 
_chem_comp_bond.atom_id_2 
_chem_comp_bond.value_order 
_chem_comp_bond.pdbx_aromatic_flag 
_chem_comp_bond.pdbx_stereo_config 
_chem_comp_bond.pdbx_ordinal 
ALA N   CA   sing N N 1   
ALA N   H    sing N N 2   
ALA N   H2   sing N N 3   
ALA CA  C    sing N N 4   
ALA CA  CB   sing N N 5   
ALA CA  HA   sing N N 6   
ALA C   O    doub N N 7   
ALA C   OXT  sing N N 8   
ALA CB  HB1  sing N N 9   
ALA CB  HB2  sing N N 10  
ALA CB  HB3  sing N N 11  
ALA OXT HXT  sing N N 12  
ARG N   CA   sing N N 13  
ARG N   H    sing N N 14  
ARG N   H2   sing N N 15  
ARG CA  C    sing N N 16  
ARG CA  CB   sing N N 17  
ARG CA  HA   sing N N 18  
ARG C   O    doub N N 19  
ARG C   OXT  sing N N 20  
ARG CB  CG   sing N N 21  
ARG CB  HB2  sing N N 22  
ARG CB  HB3  sing N N 23  
ARG CG  CD   sing N N 24  
ARG CG  HG2  sing N N 25  
ARG CG  HG3  sing N N 26  
ARG CD  NE   sing N N 27  
ARG CD  HD2  sing N N 28  
ARG CD  HD3  sing N N 29  
ARG NE  CZ   sing N N 30  
ARG NE  HE   sing N N 31  
ARG CZ  NH1  sing N N 32  
ARG CZ  NH2  doub N N 33  
ARG NH1 HH11 sing N N 34  
ARG NH1 HH12 sing N N 35  
ARG NH2 HH21 sing N N 36  
ARG NH2 HH22 sing N N 37  
ARG OXT HXT  sing N N 38  
ASN N   CA   sing N N 39  
ASN N   H    sing N N 40  
ASN N   H2   sing N N 41  
ASN CA  C    sing N N 42  
ASN CA  CB   sing N N 43  
ASN CA  HA   sing N N 44  
ASN C   O    doub N N 45  
ASN C   OXT  sing N N 46  
ASN CB  CG   sing N N 47  
ASN CB  HB2  sing N N 48  
ASN CB  HB3  sing N N 49  
ASN CG  OD1  doub N N 50  
ASN CG  ND2  sing N N 51  
ASN ND2 HD21 sing N N 52  
ASN ND2 HD22 sing N N 53  
ASN OXT HXT  sing N N 54  
ASP N   CA   sing N N 55  
ASP N   H    sing N N 56  
ASP N   H2   sing N N 57  
ASP CA  C    sing N N 58  
ASP CA  CB   sing N N 59  
ASP CA  HA   sing N N 60  
ASP C   O    doub N N 61  
ASP C   OXT  sing N N 62  
ASP CB  CG   sing N N 63  
ASP CB  HB2  sing N N 64  
ASP CB  HB3  sing N N 65  
ASP CG  OD1  doub N N 66  
ASP CG  OD2  sing N N 67  
ASP OD2 HD2  sing N N 68  
ASP OXT HXT  sing N N 69  
CYS N   CA   sing N N 70  
CYS N   H    sing N N 71  
CYS N   H2   sing N N 72  
CYS CA  C    sing N N 73  
CYS CA  CB   sing N N 74  
CYS CA  HA   sing N N 75  
CYS C   O    doub N N 76  
CYS C   OXT  sing N N 77  
CYS CB  SG   sing N N 78  
CYS CB  HB2  sing N N 79  
CYS CB  HB3  sing N N 80  
CYS SG  HG   sing N N 81  
CYS OXT HXT  sing N N 82  
GLN N   CA   sing N N 83  
GLN N   H    sing N N 84  
GLN N   H2   sing N N 85  
GLN CA  C    sing N N 86  
GLN CA  CB   sing N N 87  
GLN CA  HA   sing N N 88  
GLN C   O    doub N N 89  
GLN C   OXT  sing N N 90  
GLN CB  CG   sing N N 91  
GLN CB  HB2  sing N N 92  
GLN CB  HB3  sing N N 93  
GLN CG  CD   sing N N 94  
GLN CG  HG2  sing N N 95  
GLN CG  HG3  sing N N 96  
GLN CD  OE1  doub N N 97  
GLN CD  NE2  sing N N 98  
GLN NE2 HE21 sing N N 99  
GLN NE2 HE22 sing N N 100 
GLN OXT HXT  sing N N 101 
GLU N   CA   sing N N 102 
GLU N   H    sing N N 103 
GLU N   H2   sing N N 104 
GLU CA  C    sing N N 105 
GLU CA  CB   sing N N 106 
GLU CA  HA   sing N N 107 
GLU C   O    doub N N 108 
GLU C   OXT  sing N N 109 
GLU CB  CG   sing N N 110 
GLU CB  HB2  sing N N 111 
GLU CB  HB3  sing N N 112 
GLU CG  CD   sing N N 113 
GLU CG  HG2  sing N N 114 
GLU CG  HG3  sing N N 115 
GLU CD  OE1  doub N N 116 
GLU CD  OE2  sing N N 117 
GLU OE2 HE2  sing N N 118 
GLU OXT HXT  sing N N 119 
GLY N   CA   sing N N 120 
GLY N   H    sing N N 121 
GLY N   H2   sing N N 122 
GLY CA  C    sing N N 123 
GLY CA  HA2  sing N N 124 
GLY CA  HA3  sing N N 125 
GLY C   O    doub N N 126 
GLY C   OXT  sing N N 127 
GLY OXT HXT  sing N N 128 
HIS N   CA   sing N N 129 
HIS N   H    sing N N 130 
HIS N   H2   sing N N 131 
HIS CA  C    sing N N 132 
HIS CA  CB   sing N N 133 
HIS CA  HA   sing N N 134 
HIS C   O    doub N N 135 
HIS C   OXT  sing N N 136 
HIS CB  CG   sing N N 137 
HIS CB  HB2  sing N N 138 
HIS CB  HB3  sing N N 139 
HIS CG  ND1  sing Y N 140 
HIS CG  CD2  doub Y N 141 
HIS ND1 CE1  doub Y N 142 
HIS ND1 HD1  sing N N 143 
HIS CD2 NE2  sing Y N 144 
HIS CD2 HD2  sing N N 145 
HIS CE1 NE2  sing Y N 146 
HIS CE1 HE1  sing N N 147 
HIS NE2 HE2  sing N N 148 
HIS OXT HXT  sing N N 149 
HOH O   H1   sing N N 150 
HOH O   H2   sing N N 151 
ILE N   CA   sing N N 152 
ILE N   H    sing N N 153 
ILE N   H2   sing N N 154 
ILE CA  C    sing N N 155 
ILE CA  CB   sing N N 156 
ILE CA  HA   sing N N 157 
ILE C   O    doub N N 158 
ILE C   OXT  sing N N 159 
ILE CB  CG1  sing N N 160 
ILE CB  CG2  sing N N 161 
ILE CB  HB   sing N N 162 
ILE CG1 CD1  sing N N 163 
ILE CG1 HG12 sing N N 164 
ILE CG1 HG13 sing N N 165 
ILE CG2 HG21 sing N N 166 
ILE CG2 HG22 sing N N 167 
ILE CG2 HG23 sing N N 168 
ILE CD1 HD11 sing N N 169 
ILE CD1 HD12 sing N N 170 
ILE CD1 HD13 sing N N 171 
ILE OXT HXT  sing N N 172 
LEU N   CA   sing N N 173 
LEU N   H    sing N N 174 
LEU N   H2   sing N N 175 
LEU CA  C    sing N N 176 
LEU CA  CB   sing N N 177 
LEU CA  HA   sing N N 178 
LEU C   O    doub N N 179 
LEU C   OXT  sing N N 180 
LEU CB  CG   sing N N 181 
LEU CB  HB2  sing N N 182 
LEU CB  HB3  sing N N 183 
LEU CG  CD1  sing N N 184 
LEU CG  CD2  sing N N 185 
LEU CG  HG   sing N N 186 
LEU CD1 HD11 sing N N 187 
LEU CD1 HD12 sing N N 188 
LEU CD1 HD13 sing N N 189 
LEU CD2 HD21 sing N N 190 
LEU CD2 HD22 sing N N 191 
LEU CD2 HD23 sing N N 192 
LEU OXT HXT  sing N N 193 
LYS N   CA   sing N N 194 
LYS N   H    sing N N 195 
LYS N   H2   sing N N 196 
LYS CA  C    sing N N 197 
LYS CA  CB   sing N N 198 
LYS CA  HA   sing N N 199 
LYS C   O    doub N N 200 
LYS C   OXT  sing N N 201 
LYS CB  CG   sing N N 202 
LYS CB  HB2  sing N N 203 
LYS CB  HB3  sing N N 204 
LYS CG  CD   sing N N 205 
LYS CG  HG2  sing N N 206 
LYS CG  HG3  sing N N 207 
LYS CD  CE   sing N N 208 
LYS CD  HD2  sing N N 209 
LYS CD  HD3  sing N N 210 
LYS CE  NZ   sing N N 211 
LYS CE  HE2  sing N N 212 
LYS CE  HE3  sing N N 213 
LYS NZ  HZ1  sing N N 214 
LYS NZ  HZ2  sing N N 215 
LYS NZ  HZ3  sing N N 216 
LYS OXT HXT  sing N N 217 
MET N   CA   sing N N 218 
MET N   H    sing N N 219 
MET N   H2   sing N N 220 
MET CA  C    sing N N 221 
MET CA  CB   sing N N 222 
MET CA  HA   sing N N 223 
MET C   O    doub N N 224 
MET C   OXT  sing N N 225 
MET CB  CG   sing N N 226 
MET CB  HB2  sing N N 227 
MET CB  HB3  sing N N 228 
MET CG  SD   sing N N 229 
MET CG  HG2  sing N N 230 
MET CG  HG3  sing N N 231 
MET SD  CE   sing N N 232 
MET CE  HE1  sing N N 233 
MET CE  HE2  sing N N 234 
MET CE  HE3  sing N N 235 
MET OXT HXT  sing N N 236 
PHE N   CA   sing N N 237 
PHE N   H    sing N N 238 
PHE N   H2   sing N N 239 
PHE CA  C    sing N N 240 
PHE CA  CB   sing N N 241 
PHE CA  HA   sing N N 242 
PHE C   O    doub N N 243 
PHE C   OXT  sing N N 244 
PHE CB  CG   sing N N 245 
PHE CB  HB2  sing N N 246 
PHE CB  HB3  sing N N 247 
PHE CG  CD1  doub Y N 248 
PHE CG  CD2  sing Y N 249 
PHE CD1 CE1  sing Y N 250 
PHE CD1 HD1  sing N N 251 
PHE CD2 CE2  doub Y N 252 
PHE CD2 HD2  sing N N 253 
PHE CE1 CZ   doub Y N 254 
PHE CE1 HE1  sing N N 255 
PHE CE2 CZ   sing Y N 256 
PHE CE2 HE2  sing N N 257 
PHE CZ  HZ   sing N N 258 
PHE OXT HXT  sing N N 259 
PRO N   CA   sing N N 260 
PRO N   CD   sing N N 261 
PRO N   H    sing N N 262 
PRO CA  C    sing N N 263 
PRO CA  CB   sing N N 264 
PRO CA  HA   sing N N 265 
PRO C   O    doub N N 266 
PRO C   OXT  sing N N 267 
PRO CB  CG   sing N N 268 
PRO CB  HB2  sing N N 269 
PRO CB  HB3  sing N N 270 
PRO CG  CD   sing N N 271 
PRO CG  HG2  sing N N 272 
PRO CG  HG3  sing N N 273 
PRO CD  HD2  sing N N 274 
PRO CD  HD3  sing N N 275 
PRO OXT HXT  sing N N 276 
SER N   CA   sing N N 277 
SER N   H    sing N N 278 
SER N   H2   sing N N 279 
SER CA  C    sing N N 280 
SER CA  CB   sing N N 281 
SER CA  HA   sing N N 282 
SER C   O    doub N N 283 
SER C   OXT  sing N N 284 
SER CB  OG   sing N N 285 
SER CB  HB2  sing N N 286 
SER CB  HB3  sing N N 287 
SER OG  HG   sing N N 288 
SER OXT HXT  sing N N 289 
THR N   CA   sing N N 290 
THR N   H    sing N N 291 
THR N   H2   sing N N 292 
THR CA  C    sing N N 293 
THR CA  CB   sing N N 294 
THR CA  HA   sing N N 295 
THR C   O    doub N N 296 
THR C   OXT  sing N N 297 
THR CB  OG1  sing N N 298 
THR CB  CG2  sing N N 299 
THR CB  HB   sing N N 300 
THR OG1 HG1  sing N N 301 
THR CG2 HG21 sing N N 302 
THR CG2 HG22 sing N N 303 
THR CG2 HG23 sing N N 304 
THR OXT HXT  sing N N 305 
TRP N   CA   sing N N 306 
TRP N   H    sing N N 307 
TRP N   H2   sing N N 308 
TRP CA  C    sing N N 309 
TRP CA  CB   sing N N 310 
TRP CA  HA   sing N N 311 
TRP C   O    doub N N 312 
TRP C   OXT  sing N N 313 
TRP CB  CG   sing N N 314 
TRP CB  HB2  sing N N 315 
TRP CB  HB3  sing N N 316 
TRP CG  CD1  doub Y N 317 
TRP CG  CD2  sing Y N 318 
TRP CD1 NE1  sing Y N 319 
TRP CD1 HD1  sing N N 320 
TRP CD2 CE2  doub Y N 321 
TRP CD2 CE3  sing Y N 322 
TRP NE1 CE2  sing Y N 323 
TRP NE1 HE1  sing N N 324 
TRP CE2 CZ2  sing Y N 325 
TRP CE3 CZ3  doub Y N 326 
TRP CE3 HE3  sing N N 327 
TRP CZ2 CH2  doub Y N 328 
TRP CZ2 HZ2  sing N N 329 
TRP CZ3 CH2  sing Y N 330 
TRP CZ3 HZ3  sing N N 331 
TRP CH2 HH2  sing N N 332 
TRP OXT HXT  sing N N 333 
TYR N   CA   sing N N 334 
TYR N   H    sing N N 335 
TYR N   H2   sing N N 336 
TYR CA  C    sing N N 337 
TYR CA  CB   sing N N 338 
TYR CA  HA   sing N N 339 
TYR C   O    doub N N 340 
TYR C   OXT  sing N N 341 
TYR CB  CG   sing N N 342 
TYR CB  HB2  sing N N 343 
TYR CB  HB3  sing N N 344 
TYR CG  CD1  doub Y N 345 
TYR CG  CD2  sing Y N 346 
TYR CD1 CE1  sing Y N 347 
TYR CD1 HD1  sing N N 348 
TYR CD2 CE2  doub Y N 349 
TYR CD2 HD2  sing N N 350 
TYR CE1 CZ   doub Y N 351 
TYR CE1 HE1  sing N N 352 
TYR CE2 CZ   sing Y N 353 
TYR CE2 HE2  sing N N 354 
TYR CZ  OH   sing N N 355 
TYR OH  HH   sing N N 356 
TYR OXT HXT  sing N N 357 
VAL N   CA   sing N N 358 
VAL N   H    sing N N 359 
VAL N   H2   sing N N 360 
VAL CA  C    sing N N 361 
VAL CA  CB   sing N N 362 
VAL CA  HA   sing N N 363 
VAL C   O    doub N N 364 
VAL C   OXT  sing N N 365 
VAL CB  CG1  sing N N 366 
VAL CB  CG2  sing N N 367 
VAL CB  HB   sing N N 368 
VAL CG1 HG11 sing N N 369 
VAL CG1 HG12 sing N N 370 
VAL CG1 HG13 sing N N 371 
VAL CG2 HG21 sing N N 372 
VAL CG2 HG22 sing N N 373 
VAL CG2 HG23 sing N N 374 
VAL OXT HXT  sing N N 375 
# 
_atom_sites.entry_id                    3HA9 
_atom_sites.fract_transf_matrix[1][1]   0.00201510 
_atom_sites.fract_transf_matrix[1][2]   -0.00548313 
_atom_sites.fract_transf_matrix[1][3]   -0.01203629 
_atom_sites.fract_transf_matrix[2][1]   0.00170071 
_atom_sites.fract_transf_matrix[2][2]   0.01218153 
_atom_sites.fract_transf_matrix[2][3]   -0.00526456 
_atom_sites.fract_transf_matrix[3][1]   0.01649106 
_atom_sites.fract_transf_matrix[3][2]   -0.00092672 
_atom_sites.fract_transf_matrix[3][3]   0.00318309 
_atom_sites.fract_transf_vector[1]      0.283614 
_atom_sites.fract_transf_vector[2]      0.279688 
_atom_sites.fract_transf_vector[3]      0.306174 
# 
loop_
_atom_type.symbol 
C 
N 
O 
S 
# 
loop_
_atom_site.group_PDB 
_atom_site.id 
_atom_site.type_symbol 
_atom_site.label_atom_id 
_atom_site.label_alt_id 
_atom_site.label_comp_id 
_atom_site.label_asym_id 
_atom_site.label_entity_id 
_atom_site.label_seq_id 
_atom_site.pdbx_PDB_ins_code 
_atom_site.Cartn_x 
_atom_site.Cartn_y 
_atom_site.Cartn_z 
_atom_site.occupancy 
_atom_site.B_iso_or_equiv 
_atom_site.pdbx_formal_charge 
_atom_site.auth_seq_id 
_atom_site.auth_comp_id 
_atom_site.auth_asym_id 
_atom_site.auth_atom_id 
_atom_site.pdbx_PDB_model_num 
ATOM   1    N N   . ASN A 1 2   ? 30.633  22.784  9.467   1.00 20.92 ? 27  ASN A N   1 
ATOM   2    C CA  . ASN A 1 2   ? 29.473  22.555  10.367  1.00 20.25 ? 27  ASN A CA  1 
ATOM   3    C C   . ASN A 1 2   ? 28.758  21.265  9.996   1.00 20.05 ? 27  ASN A C   1 
ATOM   4    O O   . ASN A 1 2   ? 27.867  21.258  9.134   1.00 19.45 ? 27  ASN A O   1 
ATOM   5    C CB  . ASN A 1 2   ? 28.500  23.735  10.308  1.00 20.65 ? 27  ASN A CB  1 
ATOM   6    C CG  . ASN A 1 2   ? 27.577  23.804  11.519  1.00 21.35 ? 27  ASN A CG  1 
ATOM   7    O OD1 . ASN A 1 2   ? 27.038  22.797  11.973  1.00 23.14 ? 27  ASN A OD1 1 
ATOM   8    N ND2 . ASN A 1 2   ? 27.374  25.012  12.033  1.00 21.90 ? 27  ASN A ND2 1 
ATOM   9    N N   . ALA A 1 3   ? 29.170  20.172  10.637  1.00 19.39 ? 28  ALA A N   1 
ATOM   10   C CA  . ALA A 1 3   ? 28.564  18.859  10.402  1.00 18.67 ? 28  ALA A CA  1 
ATOM   11   C C   . ALA A 1 3   ? 27.080  18.752  10.812  1.00 18.42 ? 28  ALA A C   1 
ATOM   12   O O   . ALA A 1 3   ? 26.268  18.267  10.013  1.00 18.10 ? 28  ALA A O   1 
ATOM   13   C CB  . ALA A 1 3   ? 29.404  17.742  11.039  1.00 18.53 ? 28  ALA A CB  1 
ATOM   14   N N   . PRO A 1 4   ? 26.712  19.196  12.034  1.00 18.17 ? 29  PRO A N   1 
ATOM   15   C CA  . PRO A 1 4   ? 25.297  19.123  12.390  1.00 17.69 ? 29  PRO A CA  1 
ATOM   16   C C   . PRO A 1 4   ? 24.388  19.883  11.415  1.00 17.66 ? 29  PRO A C   1 
ATOM   17   O O   . PRO A 1 4   ? 23.321  19.369  11.049  1.00 17.83 ? 29  PRO A O   1 
ATOM   18   C CB  . PRO A 1 4   ? 25.256  19.745  13.793  1.00 18.04 ? 29  PRO A CB  1 
ATOM   19   C CG  . PRO A 1 4   ? 26.597  19.431  14.357  1.00 17.83 ? 29  PRO A CG  1 
ATOM   20   C CD  . PRO A 1 4   ? 27.535  19.603  13.194  1.00 18.01 ? 29  PRO A CD  1 
ATOM   21   N N   . ARG A 1 5   ? 24.806  21.075  10.985  1.00 17.09 ? 30  ARG A N   1 
ATOM   22   C CA  . ARG A 1 5   ? 24.014  21.847  10.020  1.00 16.39 ? 30  ARG A CA  1 
ATOM   23   C C   . ARG A 1 5   ? 23.882  21.114  8.683   1.00 16.41 ? 30  ARG A C   1 
ATOM   24   O O   . ARG A 1 5   ? 22.775  20.984  8.137   1.00 15.56 ? 30  ARG A O   1 
ATOM   25   C CB  . ARG A 1 5   ? 24.616  23.231  9.807   1.00 16.98 ? 30  ARG A CB  1 
ATOM   26   C CG  . ARG A 1 5   ? 23.870  24.068  8.778   1.00 16.99 ? 30  ARG A CG  1 
ATOM   27   C CD  . ARG A 1 5   ? 24.237  25.532  8.905   1.00 21.03 ? 30  ARG A CD  1 
ATOM   28   N NE  . ARG A 1 5   ? 25.666  25.766  8.739   1.00 23.94 ? 30  ARG A NE  1 
ATOM   29   C CZ  . ARG A 1 5   ? 26.274  26.916  9.028   1.00 25.90 ? 30  ARG A CZ  1 
ATOM   30   N NH1 . ARG A 1 5   ? 25.579  27.943  9.502   1.00 26.68 ? 30  ARG A NH1 1 
ATOM   31   N NH2 . ARG A 1 5   ? 27.583  27.039  8.845   1.00 27.18 ? 30  ARG A NH2 1 
ATOM   32   N N   . ALA A 1 6   ? 25.003  20.593  8.187   1.00 16.25 ? 31  ALA A N   1 
ATOM   33   C CA  . ALA A 1 6   ? 25.017  19.883  6.909   1.00 16.18 ? 31  ALA A CA  1 
ATOM   34   C C   . ALA A 1 6   ? 24.228  18.582  6.991   1.00 16.18 ? 31  ALA A C   1 
ATOM   35   O O   . ALA A 1 6   ? 23.550  18.212  6.027   1.00 16.28 ? 31  ALA A O   1 
ATOM   36   C CB  . ALA A 1 6   ? 26.450  19.626  6.448   1.00 16.81 ? 31  ALA A CB  1 
ATOM   37   N N   . ALA A 1 7   ? 24.311  17.898  8.133   1.00 15.57 ? 32  ALA A N   1 
ATOM   38   C CA  . ALA A 1 7   ? 23.538  16.676  8.363   1.00 15.52 ? 32  ALA A CA  1 
ATOM   39   C C   . ALA A 1 7   ? 22.033  16.960  8.301   1.00 15.21 ? 32  ALA A C   1 
ATOM   40   O O   . ALA A 1 7   ? 21.271  16.201  7.675   1.00 14.28 ? 32  ALA A O   1 
ATOM   41   C CB  . ALA A 1 7   ? 23.915  16.042  9.694   1.00 16.07 ? 32  ALA A CB  1 
ATOM   42   N N   . GLY A 1 8   ? 21.620  18.067  8.921   1.00 14.33 ? 33  GLY A N   1 
ATOM   43   C CA  . GLY A 1 8   ? 20.205  18.442  8.956   1.00 14.66 ? 33  GLY A CA  1 
ATOM   44   C C   . GLY A 1 8   ? 19.665  18.788  7.578   1.00 13.77 ? 33  GLY A C   1 
ATOM   45   O O   . GLY A 1 8   ? 18.543  18.398  7.226   1.00 13.89 ? 33  GLY A O   1 
ATOM   46   N N   . HIS A 1 9   ? 20.461  19.520  6.804   1.00 13.50 ? 34  HIS A N   1 
ATOM   47   C CA  . HIS A 1 9   ? 20.069  19.900  5.442   1.00 13.07 ? 34  HIS A CA  1 
ATOM   48   C C   . HIS A 1 9   ? 20.061  18.683  4.506   1.00 12.45 ? 34  HIS A C   1 
ATOM   49   O O   . HIS A 1 9   ? 19.182  18.552  3.634   1.00 12.16 ? 34  HIS A O   1 
ATOM   50   C CB  . HIS A 1 9   ? 20.985  20.985  4.885   1.00 13.04 ? 34  HIS A CB  1 
ATOM   51   C CG  . HIS A 1 9   ? 20.849  22.309  5.566   1.00 13.80 ? 34  HIS A CG  1 
ATOM   52   N ND1 . HIS A 1 9   ? 19.630  22.858  5.917   1.00 13.49 ? 34  HIS A ND1 1 
ATOM   53   C CD2 . HIS A 1 9   ? 21.787  23.221  5.914   1.00 12.71 ? 34  HIS A CD2 1 
ATOM   54   C CE1 . HIS A 1 9   ? 19.831  24.036  6.482   1.00 12.50 ? 34  HIS A CE1 1 
ATOM   55   N NE2 . HIS A 1 9   ? 21.129  24.279  6.495   1.00 12.07 ? 34  HIS A NE2 1 
ATOM   56   N N   . SER A 1 10  ? 21.033  17.782  4.702   1.00 11.51 ? 35  SER A N   1 
ATOM   57   C CA  A SER A 1 10  ? 21.075  16.550  3.921   0.50 11.22 ? 35  SER A CA  1 
ATOM   58   C CA  B SER A 1 10  ? 21.086  16.534  3.947   0.50 11.25 ? 35  SER A CA  1 
ATOM   59   C C   . SER A 1 10  ? 19.815  15.722  4.158   1.00 10.73 ? 35  SER A C   1 
ATOM   60   O O   . SER A 1 10  ? 19.247  15.176  3.208   1.00 11.28 ? 35  SER A O   1 
ATOM   61   C CB  A SER A 1 10  ? 22.351  15.732  4.193   0.50 10.94 ? 35  SER A CB  1 
ATOM   62   C CB  B SER A 1 10  ? 22.320  15.707  4.329   0.50 10.95 ? 35  SER A CB  1 
ATOM   63   O OG  A SER A 1 10  ? 22.409  15.282  5.530   0.50 10.76 ? 35  SER A OG  1 
ATOM   64   O OG  B SER A 1 10  ? 23.499  16.341  3.872   0.50 11.09 ? 35  SER A OG  1 
ATOM   65   N N   . GLU A 1 11  ? 19.364  15.656  5.412   1.00 11.03 ? 36  GLU A N   1 
ATOM   66   C CA  . GLU A 1 11  ? 18.134  14.945  5.765   1.00 10.93 ? 36  GLU A CA  1 
ATOM   67   C C   . GLU A 1 11  ? 16.929  15.560  5.043   1.00 11.28 ? 36  GLU A C   1 
ATOM   68   O O   . GLU A 1 11  ? 16.063  14.849  4.544   1.00 11.30 ? 36  GLU A O   1 
ATOM   69   C CB  . GLU A 1 11  ? 17.911  14.994  7.275   1.00 11.08 ? 36  GLU A CB  1 
ATOM   70   C CG  . GLU A 1 11  ? 16.657  14.252  7.743   1.00 12.66 ? 36  GLU A CG  1 
ATOM   71   C CD  . GLU A 1 11  ? 16.472  14.233  9.256   1.00 14.32 ? 36  GLU A CD  1 
ATOM   72   O OE1 . GLU A 1 11  ? 16.712  15.266  9.932   1.00 15.34 ? 36  GLU A OE1 1 
ATOM   73   O OE2 . GLU A 1 11  ? 16.072  13.185  9.774   1.00 13.99 ? 36  GLU A OE2 1 
ATOM   74   N N   . GLU A 1 12  ? 16.873  16.891  5.014   1.00 11.85 ? 37  GLU A N   1 
ATOM   75   C CA  . GLU A 1 12  ? 15.814  17.599  4.279   1.00 12.05 ? 37  GLU A CA  1 
ATOM   76   C C   . GLU A 1 12  ? 15.693  17.137  2.832   1.00 12.00 ? 37  GLU A C   1 
ATOM   77   O O   . GLU A 1 12  ? 14.589  16.861  2.353   1.00 13.09 ? 37  GLU A O   1 
ATOM   78   C CB  . GLU A 1 12  ? 16.050  19.121  4.333   1.00 11.72 ? 37  GLU A CB  1 
ATOM   79   C CG  . GLU A 1 12  ? 15.805  19.716  5.700   1.00 14.18 ? 37  GLU A CG  1 
ATOM   80   C CD  . GLU A 1 12  ? 16.519  21.058  5.921   1.00 14.16 ? 37  GLU A CD  1 
ATOM   81   O OE1 . GLU A 1 12  ? 17.210  21.546  4.997   1.00 13.38 ? 37  GLU A OE1 1 
ATOM   82   O OE2 . GLU A 1 12  ? 16.398  21.616  7.033   1.00 16.93 ? 37  GLU A OE2 1 
ATOM   83   N N   . VAL A 1 13  ? 16.824  17.052  2.144   1.00 11.45 ? 38  VAL A N   1 
ATOM   84   C CA  . VAL A 1 13  ? 16.865  16.660  0.748   1.00 11.42 ? 38  VAL A CA  1 
ATOM   85   C C   . VAL A 1 13  ? 16.472  15.183  0.625   1.00 11.26 ? 38  VAL A C   1 
ATOM   86   O O   . VAL A 1 13  ? 15.659  14.820  -0.223  1.00 11.37 ? 38  VAL A O   1 
ATOM   87   C CB  . VAL A 1 13  ? 18.267  16.927  0.117   1.00 11.29 ? 38  VAL A CB  1 
ATOM   88   C CG1 . VAL A 1 13  ? 18.365  16.360  -1.300  1.00 10.96 ? 38  VAL A CG1 1 
ATOM   89   C CG2 . VAL A 1 13  ? 18.553  18.431  0.105   1.00 11.69 ? 38  VAL A CG2 1 
ATOM   90   N N   . LEU A 1 14  ? 17.076  14.347  1.467   1.00 11.48 ? 39  LEU A N   1 
ATOM   91   C CA  . LEU A 1 14  ? 16.840  12.900  1.404   1.00 10.67 ? 39  LEU A CA  1 
ATOM   92   C C   . LEU A 1 14  ? 15.379  12.524  1.685   1.00 11.75 ? 39  LEU A C   1 
ATOM   93   O O   . LEU A 1 14  ? 14.800  11.673  0.981   1.00 11.07 ? 39  LEU A O   1 
ATOM   94   C CB  . LEU A 1 14  ? 17.804  12.166  2.351   1.00 10.81 ? 39  LEU A CB  1 
ATOM   95   C CG  . LEU A 1 14  ? 19.263  12.159  1.866   1.00 9.56  ? 39  LEU A CG  1 
ATOM   96   C CD1 . LEU A 1 14  ? 20.154  11.852  3.061   1.00 9.58  ? 39  LEU A CD1 1 
ATOM   97   C CD2 . LEU A 1 14  ? 19.490  11.138  0.755   1.00 11.31 ? 39  LEU A CD2 1 
ATOM   98   N N   . GLU A 1 15  ? 14.799  13.137  2.724   1.00 12.21 ? 40  GLU A N   1 
ATOM   99   C CA  . GLU A 1 15  ? 13.390  12.890  3.105   1.00 13.36 ? 40  GLU A CA  1 
ATOM   100  C C   . GLU A 1 15  ? 12.425  13.207  1.974   1.00 13.08 ? 40  GLU A C   1 
ATOM   101  O O   . GLU A 1 15  ? 11.470  12.463  1.739   1.00 13.23 ? 40  GLU A O   1 
ATOM   102  C CB  . GLU A 1 15  ? 13.009  13.692  4.357   1.00 13.46 ? 40  GLU A CB  1 
ATOM   103  C CG  . GLU A 1 15  ? 13.464  13.056  5.652   1.00 17.39 ? 40  GLU A CG  1 
ATOM   104  C CD  . GLU A 1 15  ? 13.113  13.898  6.870   1.00 20.85 ? 40  GLU A CD  1 
ATOM   105  O OE1 . GLU A 1 15  ? 12.618  15.030  6.690   1.00 22.85 ? 40  GLU A OE1 1 
ATOM   106  O OE2 . GLU A 1 15  ? 13.330  13.428  8.002   1.00 25.30 ? 40  GLU A OE2 1 
ATOM   107  N N   . ARG A 1 16  ? 12.674  14.307  1.268   1.00 13.70 ? 41  ARG A N   1 
ATOM   108  C CA  . ARG A 1 16  ? 11.834  14.705  0.134   1.00 14.56 ? 41  ARG A CA  1 
ATOM   109  C C   . ARG A 1 16  ? 11.993  13.749  -1.046  1.00 14.31 ? 41  ARG A C   1 
ATOM   110  O O   . ARG A 1 16  ? 11.020  13.433  -1.733  1.00 14.13 ? 41  ARG A O   1 
ATOM   111  C CB  . ARG A 1 16  ? 12.141  16.142  -0.309  1.00 14.96 ? 41  ARG A CB  1 
ATOM   112  C CG  . ARG A 1 16  ? 11.874  17.224  0.740   1.00 18.67 ? 41  ARG A CG  1 
ATOM   113  C CD  . ARG A 1 16  ? 10.475  17.810  0.651   1.00 24.15 ? 41  ARG A CD  1 
ATOM   114  N NE  . ARG A 1 16  ? 9.458   16.772  0.783   1.00 28.45 ? 41  ARG A NE  1 
ATOM   115  C CZ  . ARG A 1 16  ? 8.204   16.974  1.175   1.00 31.02 ? 41  ARG A CZ  1 
ATOM   116  N NH1 . ARG A 1 16  ? 7.781   18.193  1.501   1.00 32.49 ? 41  ARG A NH1 1 
ATOM   117  N NH2 . ARG A 1 16  ? 7.369   15.939  1.245   1.00 32.41 ? 41  ARG A NH2 1 
ATOM   118  N N   . GLU A 1 17  ? 13.213  13.266  -1.269  1.00 14.38 ? 42  GLU A N   1 
ATOM   119  C CA  . GLU A 1 17  ? 13.437  12.311  -2.356  1.00 14.38 ? 42  GLU A CA  1 
ATOM   120  C C   . GLU A 1 17  ? 12.741  10.983  -2.042  1.00 13.51 ? 42  GLU A C   1 
ATOM   121  O O   . GLU A 1 17  ? 12.217  10.322  -2.941  1.00 12.52 ? 42  GLU A O   1 
ATOM   122  C CB  . GLU A 1 17  ? 14.939  12.094  -2.602  1.00 14.58 ? 42  GLU A CB  1 
ATOM   123  C CG  . GLU A 1 17  ? 15.242  11.203  -3.795  1.00 18.85 ? 42  GLU A CG  1 
ATOM   124  C CD  . GLU A 1 17  ? 15.329  11.962  -5.121  1.00 22.97 ? 42  GLU A CD  1 
ATOM   125  O OE1 . GLU A 1 17  ? 14.775  13.075  -5.223  1.00 27.12 ? 42  GLU A OE1 1 
ATOM   126  O OE2 . GLU A 1 17  ? 15.967  11.445  -6.060  1.00 25.15 ? 42  GLU A OE2 1 
ATOM   127  N N   . ALA A 1 18  ? 12.735  10.617  -0.763  1.00 13.05 ? 43  ALA A N   1 
ATOM   128  C CA  . ALA A 1 18  ? 12.205  9.324   -0.277  1.00 13.76 ? 43  ALA A CA  1 
ATOM   129  C C   . ALA A 1 18  ? 10.686  9.300   -0.193  1.00 14.76 ? 43  ALA A C   1 
ATOM   130  O O   . ALA A 1 18  ? 10.071  8.224   -0.074  1.00 14.49 ? 43  ALA A O   1 
ATOM   131  C CB  . ALA A 1 18  ? 12.818  8.987   1.105   1.00 13.04 ? 43  ALA A CB  1 
ATOM   132  N N   . SER A 1 19  ? 10.088  10.492  -0.255  1.00 15.27 ? 44  SER A N   1 
ATOM   133  C CA  . SER A 1 19  ? 8.650   10.657  -0.099  1.00 16.75 ? 44  SER A CA  1 
ATOM   134  C C   . SER A 1 19  ? 7.889   10.131  -1.318  1.00 16.73 ? 44  SER A C   1 
ATOM   135  O O   . SER A 1 19  ? 8.449   9.973   -2.408  1.00 16.50 ? 44  SER A O   1 
ATOM   136  C CB  . SER A 1 19  ? 8.303   12.133  0.167   1.00 16.71 ? 44  SER A CB  1 
ATOM   137  O OG  . SER A 1 19  ? 8.392   12.914  -1.019  1.00 19.91 ? 44  SER A OG  1 
ATOM   138  N N   . PHE A 1 20  ? 6.613   9.843   -1.121  1.00 17.52 ? 45  PHE A N   1 
ATOM   139  C CA  . PHE A 1 20  ? 5.792   9.332   -2.203  1.00 18.56 ? 45  PHE A CA  1 
ATOM   140  C C   . PHE A 1 20  ? 4.455   10.051  -2.295  1.00 19.07 ? 45  PHE A C   1 
ATOM   141  O O   . PHE A 1 20  ? 4.052   10.766  -1.377  1.00 18.81 ? 45  PHE A O   1 
ATOM   142  C CB  . PHE A 1 20  ? 5.573   7.831   -2.035  1.00 18.26 ? 45  PHE A CB  1 
ATOM   143  C CG  . PHE A 1 20  ? 4.795   7.460   -0.799  1.00 18.76 ? 45  PHE A CG  1 
ATOM   144  C CD1 . PHE A 1 20  ? 3.431   7.194   -0.874  1.00 18.33 ? 45  PHE A CD1 1 
ATOM   145  C CD2 . PHE A 1 20  ? 5.432   7.363   0.441   1.00 19.36 ? 45  PHE A CD2 1 
ATOM   146  C CE1 . PHE A 1 20  ? 2.708   6.845   0.271   1.00 20.58 ? 45  PHE A CE1 1 
ATOM   147  C CE2 . PHE A 1 20  ? 4.715   7.020   1.583   1.00 19.17 ? 45  PHE A CE2 1 
ATOM   148  C CZ  . PHE A 1 20  ? 3.353   6.760   1.496   1.00 19.23 ? 45  PHE A CZ  1 
ATOM   149  N N   . SER A 1 21  ? 3.781   9.862   -3.424  1.00 20.18 ? 46  SER A N   1 
ATOM   150  C CA  . SER A 1 21  ? 2.399   10.297  -3.577  1.00 21.24 ? 46  SER A CA  1 
ATOM   151  C C   . SER A 1 21  ? 1.583   9.168   -4.212  1.00 21.27 ? 46  SER A C   1 
ATOM   152  O O   . SER A 1 21  ? 2.141   8.254   -4.831  1.00 21.15 ? 46  SER A O   1 
ATOM   153  C CB  . SER A 1 21  ? 2.316   11.603  -4.376  1.00 22.10 ? 46  SER A CB  1 
ATOM   154  O OG  . SER A 1 21  ? 2.004   11.361  -5.739  1.00 25.13 ? 46  SER A OG  1 
ATOM   155  N N   . LEU A 1 22  ? 0.271   9.210   -4.014  1.00 20.89 ? 47  LEU A N   1 
ATOM   156  C CA  . LEU A 1 22  ? -0.617  8.157   -4.478  1.00 21.10 ? 47  LEU A CA  1 
ATOM   157  C C   . LEU A 1 22  ? -1.729  8.794   -5.299  1.00 20.75 ? 47  LEU A C   1 
ATOM   158  O O   . LEU A 1 22  ? -2.154  9.895   -4.983  1.00 21.25 ? 47  LEU A O   1 
ATOM   159  C CB  . LEU A 1 22  ? -1.248  7.451   -3.277  1.00 21.70 ? 47  LEU A CB  1 
ATOM   160  C CG  . LEU A 1 22  ? -0.333  7.002   -2.132  1.00 21.52 ? 47  LEU A CG  1 
ATOM   161  C CD1 . LEU A 1 22  ? -1.043  7.165   -0.797  1.00 22.55 ? 47  LEU A CD1 1 
ATOM   162  C CD2 . LEU A 1 22  ? 0.080   5.576   -2.344  1.00 23.35 ? 47  LEU A CD2 1 
ATOM   163  N N   . THR A 1 23  ? -2.184  8.102   -6.343  1.00 20.41 ? 48  THR A N   1 
ATOM   164  C CA  A THR A 1 23  ? -3.349  8.526   -7.131  0.50 20.28 ? 48  THR A CA  1 
ATOM   165  C CA  B THR A 1 23  ? -3.356  8.563   -7.072  0.50 20.41 ? 48  THR A CA  1 
ATOM   166  C C   . THR A 1 23  ? -4.536  7.643   -6.764  1.00 20.13 ? 48  THR A C   1 
ATOM   167  O O   . THR A 1 23  ? -4.495  6.429   -7.011  1.00 20.14 ? 48  THR A O   1 
ATOM   168  C CB  A THR A 1 23  ? -3.114  8.376   -8.658  0.50 20.31 ? 48  THR A CB  1 
ATOM   169  C CB  B THR A 1 23  ? -3.088  8.778   -8.598  0.50 20.51 ? 48  THR A CB  1 
ATOM   170  O OG1 A THR A 1 23  ? -2.845  7.002   -8.983  0.50 21.06 ? 48  THR A OG1 1 
ATOM   171  O OG1 B THR A 1 23  ? -4.288  9.213   -9.248  0.50 19.93 ? 48  THR A OG1 1 
ATOM   172  C CG2 A THR A 1 23  ? -1.959  9.244   -9.129  0.50 19.13 ? 48  THR A CG2 1 
ATOM   173  C CG2 B THR A 1 23  ? -2.553  7.518   -9.283  0.50 21.16 ? 48  THR A CG2 1 
ATOM   174  N N   . THR A 1 24  ? -5.582  8.219   -6.178  1.00 20.26 ? 49  THR A N   1 
ATOM   175  C CA  . THR A 1 24  ? -6.747  7.404   -5.809  1.00 20.04 ? 49  THR A CA  1 
ATOM   176  C C   . THR A 1 24  ? -7.510  6.931   -7.046  1.00 21.03 ? 49  THR A C   1 
ATOM   177  O O   . THR A 1 24  ? -7.306  7.456   -8.145  1.00 20.64 ? 49  THR A O   1 
ATOM   178  C CB  . THR A 1 24  ? -7.714  8.115   -4.843  1.00 20.27 ? 49  THR A CB  1 
ATOM   179  O OG1 . THR A 1 24  ? -8.435  9.142   -5.541  1.00 19.60 ? 49  THR A OG1 1 
ATOM   180  C CG2 . THR A 1 24  ? -6.963  8.685   -3.647  1.00 18.61 ? 49  THR A CG2 1 
ATOM   181  N N   . ILE A 1 25  ? -8.386  5.948   -6.859  1.00 21.89 ? 50  ILE A N   1 
ATOM   182  C CA  . ILE A 1 25  ? -9.135  5.320   -7.961  1.00 22.96 ? 50  ILE A CA  1 
ATOM   183  C C   . ILE A 1 25  ? -9.966  6.359   -8.716  1.00 24.26 ? 50  ILE A C   1 
ATOM   184  O O   . ILE A 1 25  ? -10.280 6.190   -9.907  1.00 24.41 ? 50  ILE A O   1 
ATOM   185  C CB  . ILE A 1 25  ? -10.009 4.146   -7.437  1.00 23.23 ? 50  ILE A CB  1 
ATOM   186  C CG1 . ILE A 1 25  ? -10.597 3.327   -8.601  1.00 23.23 ? 50  ILE A CG1 1 
ATOM   187  C CG2 . ILE A 1 25  ? -11.060 4.633   -6.391  1.00 22.43 ? 50  ILE A CG2 1 
ATOM   188  C CD1 . ILE A 1 25  ? -11.391 2.110   -8.180  1.00 19.86 ? 50  ILE A CD1 1 
ATOM   189  N N   . ASP A 1 26  ? -10.281 7.446   -8.016  1.00 24.60 ? 51  ASP A N   1 
ATOM   190  C CA  . ASP A 1 26  ? -11.052 8.547   -8.571  1.00 25.62 ? 51  ASP A CA  1 
ATOM   191  C C   . ASP A 1 26  ? -10.177 9.624   -9.219  1.00 26.17 ? 51  ASP A C   1 
ATOM   192  O O   . ASP A 1 26  ? -10.692 10.565  -9.840  1.00 26.19 ? 51  ASP A O   1 
ATOM   193  C CB  . ASP A 1 26  ? -11.946 9.128   -7.478  1.00 25.41 ? 51  ASP A CB  1 
ATOM   194  C CG  . ASP A 1 26  ? -13.025 8.148   -7.041  1.00 26.04 ? 51  ASP A CG  1 
ATOM   195  O OD1 . ASP A 1 26  ? -13.712 7.605   -7.928  1.00 26.02 ? 51  ASP A OD1 1 
ATOM   196  O OD2 . ASP A 1 26  ? -13.195 7.919   -5.826  1.00 26.64 ? 51  ASP A OD2 1 
ATOM   197  N N   . GLY A 1 27  ? -8.860  9.472   -9.083  1.00 26.30 ? 52  GLY A N   1 
ATOM   198  C CA  . GLY A 1 27  ? -7.894  10.351  -9.741  1.00 27.30 ? 52  GLY A CA  1 
ATOM   199  C C   . GLY A 1 27  ? -7.332  11.475  -8.889  1.00 27.57 ? 52  GLY A C   1 
ATOM   200  O O   . GLY A 1 27  ? -6.648  12.350  -9.411  1.00 28.03 ? 52  GLY A O   1 
ATOM   201  N N   . GLU A 1 28  ? -7.623  11.455  -7.588  1.00 28.43 ? 53  GLU A N   1 
ATOM   202  C CA  . GLU A 1 28  ? -7.094  12.437  -6.634  1.00 28.65 ? 53  GLU A CA  1 
ATOM   203  C C   . GLU A 1 28  ? -5.683  12.056  -6.165  1.00 28.80 ? 53  GLU A C   1 
ATOM   204  O O   . GLU A 1 28  ? -5.447  10.924  -5.752  1.00 28.77 ? 53  GLU A O   1 
ATOM   205  C CB  . GLU A 1 28  ? -8.022  12.538  -5.423  1.00 28.81 ? 53  GLU A CB  1 
ATOM   206  C CG  . GLU A 1 28  ? -7.432  13.304  -4.238  1.00 30.68 ? 53  GLU A CG  1 
ATOM   207  C CD  . GLU A 1 28  ? -8.296  13.243  -2.981  1.00 33.14 ? 53  GLU A CD  1 
ATOM   208  O OE1 . GLU A 1 28  ? -8.142  14.133  -2.112  1.00 34.43 ? 53  GLU A OE1 1 
ATOM   209  O OE2 . GLU A 1 28  ? -9.124  12.314  -2.856  1.00 34.70 ? 53  GLU A OE2 1 
ATOM   210  N N   . VAL A 1 29  ? -4.761  13.017  -6.216  1.00 28.62 ? 54  VAL A N   1 
ATOM   211  C CA  . VAL A 1 29  ? -3.379  12.802  -5.767  1.00 28.43 ? 54  VAL A CA  1 
ATOM   212  C C   . VAL A 1 29  ? -3.269  13.116  -4.270  1.00 28.37 ? 54  VAL A C   1 
ATOM   213  O O   . VAL A 1 29  ? -3.591  14.221  -3.844  1.00 28.39 ? 54  VAL A O   1 
ATOM   214  C CB  . VAL A 1 29  ? -2.380  13.654  -6.604  1.00 28.60 ? 54  VAL A CB  1 
ATOM   215  C CG1 . VAL A 1 29  ? -0.965  13.597  -6.014  1.00 28.73 ? 54  VAL A CG1 1 
ATOM   216  C CG2 . VAL A 1 29  ? -2.382  13.190  -8.065  1.00 28.52 ? 54  VAL A CG2 1 
ATOM   217  N N   . ILE A 1 30  ? -2.846  12.135  -3.474  1.00 28.24 ? 55  ILE A N   1 
ATOM   218  C CA  . ILE A 1 30  ? -2.670  12.326  -2.029  1.00 27.87 ? 55  ILE A CA  1 
ATOM   219  C C   . ILE A 1 30  ? -1.290  11.889  -1.535  1.00 27.80 ? 55  ILE A C   1 
ATOM   220  O O   . ILE A 1 30  ? -0.535  11.227  -2.258  1.00 27.59 ? 55  ILE A O   1 
ATOM   221  C CB  . ILE A 1 30  ? -3.754  11.590  -1.190  1.00 28.03 ? 55  ILE A CB  1 
ATOM   222  C CG1 . ILE A 1 30  ? -3.693  10.065  -1.424  1.00 28.27 ? 55  ILE A CG1 1 
ATOM   223  C CG2 . ILE A 1 30  ? -5.139  12.175  -1.460  1.00 28.30 ? 55  ILE A CG2 1 
ATOM   224  C CD1 . ILE A 1 30  ? -4.335  9.232   -0.313  1.00 27.99 ? 55  ILE A CD1 1 
ATOM   225  N N   . SER A 1 31  ? -0.975  12.264  -0.299  1.00 27.69 ? 56  SER A N   1 
ATOM   226  C CA  . SER A 1 31  ? 0.237   11.811  0.378   1.00 28.20 ? 56  SER A CA  1 
ATOM   227  C C   . SER A 1 31  ? -0.112  11.424  1.811   1.00 28.46 ? 56  SER A C   1 
ATOM   228  O O   . SER A 1 31  ? -1.289  11.399  2.174   1.00 28.80 ? 56  SER A O   1 
ATOM   229  C CB  . SER A 1 31  ? 1.324   12.894  0.339   1.00 28.16 ? 56  SER A CB  1 
ATOM   230  O OG  . SER A 1 31  ? 0.977   14.013  1.144   1.00 28.06 ? 56  SER A OG  1 
ATOM   231  N N   . LEU A 1 32  ? 0.898   11.131  2.623   1.00 28.95 ? 57  LEU A N   1 
ATOM   232  C CA  . LEU A 1 32  ? 0.675   10.727  4.016   1.00 29.94 ? 57  LEU A CA  1 
ATOM   233  C C   . LEU A 1 32  ? -0.099  11.754  4.850   1.00 30.20 ? 57  LEU A C   1 
ATOM   234  O O   . LEU A 1 32  ? -0.909  11.375  5.706   1.00 30.11 ? 57  LEU A O   1 
ATOM   235  C CB  . LEU A 1 32  ? 2.002   10.389  4.696   1.00 29.61 ? 57  LEU A CB  1 
ATOM   236  C CG  . LEU A 1 32  ? 2.563   8.983   4.476   1.00 30.57 ? 57  LEU A CG  1 
ATOM   237  C CD1 . LEU A 1 32  ? 3.974   8.921   5.037   1.00 30.88 ? 57  LEU A CD1 1 
ATOM   238  C CD2 . LEU A 1 32  ? 1.670   7.931   5.129   1.00 31.06 ? 57  LEU A CD2 1 
ATOM   239  N N   . ASN A 1 33  ? 0.158   13.041  4.596   1.00 30.80 ? 58  ASN A N   1 
ATOM   240  C CA  . ASN A 1 33  ? -0.552  14.151  5.253   1.00 31.26 ? 58  ASN A CA  1 
ATOM   241  C C   . ASN A 1 33  ? -2.067  14.048  5.144   1.00 31.11 ? 58  ASN A C   1 
ATOM   242  O O   . ASN A 1 33  ? -2.789  14.454  6.054   1.00 31.55 ? 58  ASN A O   1 
ATOM   243  C CB  . ASN A 1 33  ? -0.130  15.496  4.654   1.00 31.49 ? 58  ASN A CB  1 
ATOM   244  C CG  . ASN A 1 33  ? 1.307   15.839  4.939   1.00 32.53 ? 58  ASN A CG  1 
ATOM   245  O OD1 . ASN A 1 33  ? 1.602   16.615  5.853   1.00 33.73 ? 58  ASN A OD1 1 
ATOM   246  N ND2 . ASN A 1 33  ? 2.220   15.268  4.156   1.00 34.26 ? 58  ASN A ND2 1 
ATOM   247  N N   . ASN A 1 34  ? -2.538  13.520  4.017   1.00 30.97 ? 59  ASN A N   1 
ATOM   248  C CA  . ASN A 1 34  ? -3.965  13.381  3.761   1.00 30.69 ? 59  ASN A CA  1 
ATOM   249  C C   . ASN A 1 34  ? -4.578  12.129  4.396   1.00 30.35 ? 59  ASN A C   1 
ATOM   250  O O   . ASN A 1 34  ? -5.801  11.941  4.351   1.00 30.96 ? 59  ASN A O   1 
ATOM   251  C CB  . ASN A 1 34  ? -4.242  13.404  2.251   1.00 30.87 ? 59  ASN A CB  1 
ATOM   252  N N   . VAL A 1 35  ? -3.740  11.283  4.998   1.00 29.37 ? 60  VAL A N   1 
ATOM   253  C CA  . VAL A 1 35  ? -4.210  10.019  5.583   1.00 28.22 ? 60  VAL A CA  1 
ATOM   254  C C   . VAL A 1 35  ? -4.430  10.178  7.088   1.00 27.61 ? 60  VAL A C   1 
ATOM   255  O O   . VAL A 1 35  ? -3.585  10.735  7.785   1.00 27.02 ? 60  VAL A O   1 
ATOM   256  C CB  . VAL A 1 35  ? -3.234  8.849   5.283   1.00 28.56 ? 60  VAL A CB  1 
ATOM   257  C CG1 . VAL A 1 35  ? -3.790  7.522   5.802   1.00 28.42 ? 60  VAL A CG1 1 
ATOM   258  C CG2 . VAL A 1 35  ? -2.968  8.751   3.788   1.00 28.57 ? 60  VAL A CG2 1 
ATOM   259  N N   . GLY A 1 36  ? -5.562  9.678   7.576   1.00 26.67 ? 61  GLY A N   1 
ATOM   260  C CA  . GLY A 1 36  ? -5.991  9.914   8.954   1.00 26.55 ? 61  GLY A CA  1 
ATOM   261  C C   . GLY A 1 36  ? -5.299  9.190   10.097  1.00 26.22 ? 61  GLY A C   1 
ATOM   262  O O   . GLY A 1 36  ? -5.108  9.776   11.155  1.00 26.19 ? 61  GLY A O   1 
ATOM   263  N N   . GLY A 1 37  ? -4.919  7.928   9.911   1.00 25.74 ? 62  GLY A N   1 
ATOM   264  C CA  . GLY A 1 37  ? -4.483  7.104   11.055  1.00 25.30 ? 62  GLY A CA  1 
ATOM   265  C C   . GLY A 1 37  ? -3.174  7.471   11.754  1.00 24.58 ? 62  GLY A C   1 
ATOM   266  O O   . GLY A 1 37  ? -2.515  8.440   11.390  1.00 26.04 ? 62  GLY A O   1 
ATOM   267  N N   . ASP A 1 38  ? -2.796  6.703   12.774  1.00 23.14 ? 63  ASP A N   1 
ATOM   268  C CA  . ASP A 1 38  ? -1.423  6.744   13.290  1.00 21.86 ? 63  ASP A CA  1 
ATOM   269  C C   . ASP A 1 38  ? -0.546  5.739   12.538  1.00 20.17 ? 63  ASP A C   1 
ATOM   270  O O   . ASP A 1 38  ? 0.672   5.888   12.458  1.00 19.55 ? 63  ASP A O   1 
ATOM   271  C CB  . ASP A 1 38  ? -1.389  6.432   14.785  1.00 22.38 ? 63  ASP A CB  1 
ATOM   272  C CG  . ASP A 1 38  ? -1.768  7.626   15.645  1.00 24.43 ? 63  ASP A CG  1 
ATOM   273  O OD1 . ASP A 1 38  ? -1.711  8.779   15.151  1.00 26.02 ? 63  ASP A OD1 1 
ATOM   274  O OD2 . ASP A 1 38  ? -2.123  7.408   16.825  1.00 27.24 ? 63  ASP A OD2 1 
ATOM   275  N N   . VAL A 1 39  ? -1.185  4.703   12.012  1.00 18.36 ? 64  VAL A N   1 
ATOM   276  C CA  . VAL A 1 39  ? -0.492  3.607   11.351  1.00 16.98 ? 64  VAL A CA  1 
ATOM   277  C C   . VAL A 1 39  ? -1.091  3.475   9.960   1.00 16.01 ? 64  VAL A C   1 
ATOM   278  O O   . VAL A 1 39  ? -2.300  3.330   9.818   1.00 15.60 ? 64  VAL A O   1 
ATOM   279  C CB  . VAL A 1 39  ? -0.680  2.300   12.144  1.00 16.75 ? 64  VAL A CB  1 
ATOM   280  C CG1 . VAL A 1 39  ? -0.088  1.119   11.406  1.00 17.33 ? 64  VAL A CG1 1 
ATOM   281  C CG2 . VAL A 1 39  ? -0.067  2.435   13.527  1.00 18.41 ? 64  VAL A CG2 1 
ATOM   282  N N   . VAL A 1 40  ? -0.228  3.523   8.943   1.00 14.60 ? 65  VAL A N   1 
ATOM   283  C CA  . VAL A 1 40  ? -0.676  3.474   7.562   1.00 14.11 ? 65  VAL A CA  1 
ATOM   284  C C   . VAL A 1 40  ? -0.260  2.130   6.995   1.00 13.53 ? 65  VAL A C   1 
ATOM   285  O O   . VAL A 1 40  ? 0.906   1.752   7.079   1.00 13.62 ? 65  VAL A O   1 
ATOM   286  C CB  . VAL A 1 40  ? -0.075  4.641   6.754   1.00 14.38 ? 65  VAL A CB  1 
ATOM   287  C CG1 . VAL A 1 40  ? -0.460  4.539   5.266   1.00 15.11 ? 65  VAL A CG1 1 
ATOM   288  C CG2 . VAL A 1 40  ? -0.524  5.991   7.348   1.00 15.09 ? 65  VAL A CG2 1 
ATOM   289  N N   . ILE A 1 41  ? -1.224  1.379   6.463   1.00 13.12 ? 66  ILE A N   1 
ATOM   290  C CA  . ILE A 1 41  ? -0.912  0.118   5.804   1.00 12.52 ? 66  ILE A CA  1 
ATOM   291  C C   . ILE A 1 41  ? -1.108  0.240   4.291   1.00 12.16 ? 66  ILE A C   1 
ATOM   292  O O   . ILE A 1 41  ? -2.228  0.467   3.833   1.00 12.70 ? 66  ILE A O   1 
ATOM   293  C CB  . ILE A 1 41  ? -1.785  -1.052  6.371   1.00 12.50 ? 66  ILE A CB  1 
ATOM   294  C CG1 . ILE A 1 41  ? -1.607  -1.157  7.898   1.00 14.35 ? 66  ILE A CG1 1 
ATOM   295  C CG2 . ILE A 1 41  ? -1.468  -2.361  5.613   1.00 12.67 ? 66  ILE A CG2 1 
ATOM   296  C CD1 . ILE A 1 41  ? -2.370  -2.306  8.551   1.00 13.39 ? 66  ILE A CD1 1 
ATOM   297  N N   . LEU A 1 42  ? -0.016  0.103   3.528   1.00 11.53 ? 67  LEU A N   1 
ATOM   298  C CA  . LEU A 1 42  ? -0.100  0.050   2.073   1.00 11.67 ? 67  LEU A CA  1 
ATOM   299  C C   . LEU A 1 42  ? -0.252  -1.412  1.684   1.00 11.56 ? 67  LEU A C   1 
ATOM   300  O O   . LEU A 1 42  ? 0.606   -2.230  1.997   1.00 12.50 ? 67  LEU A O   1 
ATOM   301  C CB  . LEU A 1 42  ? 1.152   0.651   1.408   1.00 11.81 ? 67  LEU A CB  1 
ATOM   302  C CG  . LEU A 1 42  ? 1.557   2.063   1.827   1.00 12.44 ? 67  LEU A CG  1 
ATOM   303  C CD1 . LEU A 1 42  ? 2.703   2.552   0.917   1.00 12.96 ? 67  LEU A CD1 1 
ATOM   304  C CD2 . LEU A 1 42  ? 0.374   3.008   1.725   1.00 12.71 ? 67  LEU A CD2 1 
ATOM   305  N N   . TRP A 1 43  ? -1.368  -1.751  1.048   1.00 10.75 ? 68  TRP A N   1 
ATOM   306  C CA  . TRP A 1 43  ? -1.603  -3.133  0.676   1.00 9.62  ? 68  TRP A CA  1 
ATOM   307  C C   . TRP A 1 43  ? -1.581  -3.231  -0.848  1.00 10.24 ? 68  TRP A C   1 
ATOM   308  O O   . TRP A 1 43  ? -2.516  -2.764  -1.506  1.00 9.94  ? 68  TRP A O   1 
ATOM   309  C CB  . TRP A 1 43  ? -2.955  -3.591  1.218   1.00 10.07 ? 68  TRP A CB  1 
ATOM   310  C CG  . TRP A 1 43  ? -3.277  -5.014  0.830   1.00 10.75 ? 68  TRP A CG  1 
ATOM   311  C CD1 . TRP A 1 43  ? -2.386  -6.027  0.612   1.00 10.69 ? 68  TRP A CD1 1 
ATOM   312  C CD2 . TRP A 1 43  ? -4.573  -5.558  0.612   1.00 9.75  ? 68  TRP A CD2 1 
ATOM   313  N NE1 . TRP A 1 43  ? -3.052  -7.176  0.261   1.00 10.97 ? 68  TRP A NE1 1 
ATOM   314  C CE2 . TRP A 1 43  ? -4.399  -6.916  0.254   1.00 10.61 ? 68  TRP A CE2 1 
ATOM   315  C CE3 . TRP A 1 43  ? -5.872  -5.027  0.658   1.00 9.98  ? 68  TRP A CE3 1 
ATOM   316  C CZ2 . TRP A 1 43  ? -5.483  -7.766  -0.045  1.00 11.34 ? 68  TRP A CZ2 1 
ATOM   317  C CZ3 . TRP A 1 43  ? -6.966  -5.886  0.362   1.00 11.96 ? 68  TRP A CZ3 1 
ATOM   318  C CH2 . TRP A 1 43  ? -6.753  -7.242  0.025   1.00 10.33 ? 68  TRP A CH2 1 
ATOM   319  N N   . PHE A 1 44  ? -0.511  -3.833  -1.385  1.00 9.74  ? 69  PHE A N   1 
ATOM   320  C CA  . PHE A 1 44  ? -0.352  -3.987  -2.842  1.00 9.54  ? 69  PHE A CA  1 
ATOM   321  C C   . PHE A 1 44  ? -1.016  -5.283  -3.238  1.00 9.10  ? 69  PHE A C   1 
ATOM   322  O O   . PHE A 1 44  ? -0.664  -6.337  -2.715  1.00 11.02 ? 69  PHE A O   1 
ATOM   323  C CB  . PHE A 1 44  ? 1.134   -4.017  -3.202  1.00 9.39  ? 69  PHE A CB  1 
ATOM   324  C CG  . PHE A 1 44  ? 1.817   -2.690  -3.003  1.00 10.09 ? 69  PHE A CG  1 
ATOM   325  C CD1 . PHE A 1 44  ? 1.930   -1.802  -4.081  1.00 9.48  ? 69  PHE A CD1 1 
ATOM   326  C CD2 . PHE A 1 44  ? 2.302   -2.303  -1.737  1.00 10.43 ? 69  PHE A CD2 1 
ATOM   327  C CE1 . PHE A 1 44  ? 2.544   -0.557  -3.915  1.00 9.84  ? 69  PHE A CE1 1 
ATOM   328  C CE2 . PHE A 1 44  ? 2.921   -1.051  -1.556  1.00 10.10 ? 69  PHE A CE2 1 
ATOM   329  C CZ  . PHE A 1 44  ? 3.033   -0.186  -2.622  1.00 10.86 ? 69  PHE A CZ  1 
ATOM   330  N N   . MET A 1 45  ? -1.996  -5.189  -4.137  1.00 8.29  ? 70  MET A N   1 
ATOM   331  C CA  . MET A 1 45  ? -2.868  -6.339  -4.412  1.00 8.37  ? 70  MET A CA  1 
ATOM   332  C C   . MET A 1 45  ? -3.399  -6.331  -5.843  1.00 8.82  ? 70  MET A C   1 
ATOM   333  O O   . MET A 1 45  ? -3.056  -5.450  -6.634  1.00 7.52  ? 70  MET A O   1 
ATOM   334  C CB  . MET A 1 45  ? -3.997  -6.437  -3.361  1.00 8.59  ? 70  MET A CB  1 
ATOM   335  C CG  . MET A 1 45  ? -4.767  -5.123  -3.059  1.00 9.11  ? 70  MET A CG  1 
ATOM   336  S SD  . MET A 1 45  ? -5.811  -4.484  -4.398  1.00 3.50  ? 70  MET A SD  1 
ATOM   337  C CE  . MET A 1 45  ? -7.147  -5.658  -4.324  1.00 11.65 ? 70  MET A CE  1 
ATOM   338  N N   . ALA A 1 46  ? -4.202  -7.340  -6.166  1.00 9.11  ? 71  ALA A N   1 
ATOM   339  C CA  . ALA A 1 46  ? -4.893  -7.445  -7.459  1.00 10.03 ? 71  ALA A CA  1 
ATOM   340  C C   . ALA A 1 46  ? -6.204  -8.138  -7.183  1.00 10.43 ? 71  ALA A C   1 
ATOM   341  O O   . ALA A 1 46  ? -6.287  -8.972  -6.263  1.00 11.18 ? 71  ALA A O   1 
ATOM   342  C CB  . ALA A 1 46  ? -4.046  -8.259  -8.458  1.00 9.69  ? 71  ALA A CB  1 
ATOM   343  N N   . ALA A 1 47  ? -7.229  -7.801  -7.959  1.00 9.88  ? 72  ALA A N   1 
ATOM   344  C CA  . ALA A 1 47  ? -8.574  -8.295  -7.669  1.00 10.71 ? 72  ALA A CA  1 
ATOM   345  C C   . ALA A 1 47  ? -8.700  -9.806  -7.850  1.00 10.74 ? 72  ALA A C   1 
ATOM   346  O O   . ALA A 1 47  ? -9.533  -10.441 -7.209  1.00 11.35 ? 72  ALA A O   1 
ATOM   347  C CB  . ALA A 1 47  ? -9.602  -7.557  -8.502  1.00 10.40 ? 72  ALA A CB  1 
ATOM   348  N N   . TRP A 1 48  ? -7.856  -10.381 -8.702  1.00 10.96 ? 73  TRP A N   1 
ATOM   349  C CA  . TRP A 1 48  ? -7.854  -11.835 -8.938  1.00 11.02 ? 73  TRP A CA  1 
ATOM   350  C C   . TRP A 1 48  ? -6.903  -12.645 -8.038  1.00 11.97 ? 73  TRP A C   1 
ATOM   351  O O   . TRP A 1 48  ? -6.862  -13.872 -8.099  1.00 12.07 ? 73  TRP A O   1 
ATOM   352  C CB  . TRP A 1 48  ? -7.489  -12.093 -10.405 1.00 11.33 ? 73  TRP A CB  1 
ATOM   353  C CG  . TRP A 1 48  ? -6.143  -11.574 -10.761 1.00 9.67  ? 73  TRP A CG  1 
ATOM   354  C CD1 . TRP A 1 48  ? -5.846  -10.317 -11.199 1.00 8.48  ? 73  TRP A CD1 1 
ATOM   355  C CD2 . TRP A 1 48  ? -4.906  -12.292 -10.741 1.00 9.76  ? 73  TRP A CD2 1 
ATOM   356  N NE1 . TRP A 1 48  ? -4.500  -10.197 -11.420 1.00 9.58  ? 73  TRP A NE1 1 
ATOM   357  C CE2 . TRP A 1 48  ? -3.897  -11.396 -11.160 1.00 9.24  ? 73  TRP A CE2 1 
ATOM   358  C CE3 . TRP A 1 48  ? -4.548  -13.598 -10.394 1.00 9.62  ? 73  TRP A CE3 1 
ATOM   359  C CZ2 . TRP A 1 48  ? -2.550  -11.763 -11.236 1.00 10.82 ? 73  TRP A CZ2 1 
ATOM   360  C CZ3 . TRP A 1 48  ? -3.214  -13.965 -10.478 1.00 11.41 ? 73  TRP A CZ3 1 
ATOM   361  C CH2 . TRP A 1 48  ? -2.230  -13.053 -10.905 1.00 10.41 ? 73  TRP A CH2 1 
ATOM   362  N N   . CYS A 1 49  ? -6.143  -11.965 -7.192  1.00 12.19 ? 74  CYS A N   1 
ATOM   363  C CA  . CYS A 1 49  ? -5.133  -12.612 -6.352  1.00 12.73 ? 74  CYS A CA  1 
ATOM   364  C C   . CYS A 1 49  ? -5.813  -13.594 -5.380  1.00 12.66 ? 74  CYS A C   1 
ATOM   365  O O   . CYS A 1 49  ? -6.694  -13.191 -4.634  1.00 12.16 ? 74  CYS A O   1 
ATOM   366  C CB  . CYS A 1 49  ? -4.322  -11.516 -5.620  1.00 13.26 ? 74  CYS A CB  1 
ATOM   367  S SG  . CYS A 1 49  ? -3.668  -11.873 -3.933  1.00 16.28 ? 74  CYS A SG  1 
ATOM   368  N N   . PRO A 1 50  ? -5.461  -14.902 -5.449  1.00 12.35 ? 75  PRO A N   1 
ATOM   369  C CA  . PRO A 1 50  ? -6.121  -15.875 -4.590  1.00 13.04 ? 75  PRO A CA  1 
ATOM   370  C C   . PRO A 1 50  ? -6.008  -15.572 -3.098  1.00 13.35 ? 75  PRO A C   1 
ATOM   371  O O   . PRO A 1 50  ? -7.020  -15.655 -2.381  1.00 14.21 ? 75  PRO A O   1 
ATOM   372  C CB  . PRO A 1 50  ? -5.418  -17.191 -4.944  1.00 13.20 ? 75  PRO A CB  1 
ATOM   373  C CG  . PRO A 1 50  ? -5.036  -17.014 -6.387  1.00 12.90 ? 75  PRO A CG  1 
ATOM   374  C CD  . PRO A 1 50  ? -4.647  -15.555 -6.496  1.00 12.63 ? 75  PRO A CD  1 
ATOM   375  N N   . SER A 1 51  ? -4.804  -15.220 -2.646  1.00 12.72 ? 76  SER A N   1 
ATOM   376  C CA  . SER A 1 51  ? -4.523  -14.990 -1.224  1.00 12.49 ? 76  SER A CA  1 
ATOM   377  C C   . SER A 1 51  ? -5.146  -13.697 -0.685  1.00 11.87 ? 76  SER A C   1 
ATOM   378  O O   . SER A 1 51  ? -5.328  -13.526 0.522   1.00 11.62 ? 76  SER A O   1 
ATOM   379  C CB  . SER A 1 51  ? -3.012  -15.016 -0.963  1.00 13.01 ? 76  SER A CB  1 
ATOM   380  O OG  . SER A 1 51  ? -2.375  -13.892 -1.571  1.00 12.67 ? 76  SER A OG  1 
ATOM   381  N N   . CYS A 1 52  ? -5.491  -12.802 -1.586  1.00 11.53 ? 77  CYS A N   1 
ATOM   382  C CA  . CYS A 1 52  ? -5.912  -11.468 -1.177  1.00 11.55 ? 77  CYS A CA  1 
ATOM   383  C C   . CYS A 1 52  ? -7.261  -11.458 -0.474  1.00 11.23 ? 77  CYS A C   1 
ATOM   384  O O   . CYS A 1 52  ? -7.537  -10.557 0.310   1.00 11.43 ? 77  CYS A O   1 
ATOM   385  C CB  . CYS A 1 52  ? -5.901  -10.507 -2.366  1.00 11.54 ? 77  CYS A CB  1 
ATOM   386  S SG  . CYS A 1 52  ? -4.220  -10.121 -2.916  1.00 12.26 ? 77  CYS A SG  1 
ATOM   387  N N   . VAL A 1 53  ? -8.103  -12.453 -0.756  1.00 11.58 ? 78  VAL A N   1 
ATOM   388  C CA  . VAL A 1 53  ? -9.375  -12.578 -0.045  1.00 11.49 ? 78  VAL A CA  1 
ATOM   389  C C   . VAL A 1 53  ? -9.130  -12.772 1.458   1.00 12.12 ? 78  VAL A C   1 
ATOM   390  O O   . VAL A 1 53  ? -9.794  -12.122 2.299   1.00 11.72 ? 78  VAL A O   1 
ATOM   391  C CB  . VAL A 1 53  ? -10.264 -13.708 -0.644  1.00 11.79 ? 78  VAL A CB  1 
ATOM   392  C CG1 . VAL A 1 53  ? -11.531 -13.906 0.183   1.00 10.38 ? 78  VAL A CG1 1 
ATOM   393  C CG2 . VAL A 1 53  ? -10.630 -13.361 -2.104  1.00 11.05 ? 78  VAL A CG2 1 
ATOM   394  N N   . TYR A 1 54  ? -8.204  -13.672 1.795   1.00 12.55 ? 79  TYR A N   1 
ATOM   395  C CA  . TYR A 1 54  ? -7.843  -13.870 3.200   1.00 13.66 ? 79  TYR A CA  1 
ATOM   396  C C   . TYR A 1 54  ? -7.187  -12.604 3.780   1.00 13.30 ? 79  TYR A C   1 
ATOM   397  O O   . TYR A 1 54  ? -7.491  -12.201 4.910   1.00 13.53 ? 79  TYR A O   1 
ATOM   398  C CB  . TYR A 1 54  ? -6.937  -15.104 3.399   1.00 13.38 ? 79  TYR A CB  1 
ATOM   399  C CG  . TYR A 1 54  ? -6.418  -15.201 4.814   1.00 16.38 ? 79  TYR A CG  1 
ATOM   400  C CD1 . TYR A 1 54  ? -7.289  -15.473 5.872   1.00 16.90 ? 79  TYR A CD1 1 
ATOM   401  C CD2 . TYR A 1 54  ? -5.066  -14.982 5.110   1.00 17.28 ? 79  TYR A CD2 1 
ATOM   402  C CE1 . TYR A 1 54  ? -6.830  -15.534 7.184   1.00 19.34 ? 79  TYR A CE1 1 
ATOM   403  C CE2 . TYR A 1 54  ? -4.600  -15.048 6.418   1.00 19.14 ? 79  TYR A CE2 1 
ATOM   404  C CZ  . TYR A 1 54  ? -5.488  -15.328 7.450   1.00 19.05 ? 79  TYR A CZ  1 
ATOM   405  O OH  . TYR A 1 54  ? -5.051  -15.395 8.756   1.00 21.31 ? 79  TYR A OH  1 
ATOM   406  N N   . MET A 1 55  ? -6.270  -11.983 3.031   1.00 13.11 ? 80  MET A N   1 
ATOM   407  C CA  . MET A 1 55  ? -5.672  -10.729 3.534   1.00 13.36 ? 80  MET A CA  1 
ATOM   408  C C   . MET A 1 55  ? -6.738  -9.664  3.803   1.00 12.92 ? 80  MET A C   1 
ATOM   409  O O   . MET A 1 55  ? -6.658  -8.930  4.786   1.00 13.65 ? 80  MET A O   1 
ATOM   410  C CB  . MET A 1 55  ? -4.583  -10.173 2.579   1.00 12.74 ? 80  MET A CB  1 
ATOM   411  C CG  . MET A 1 55  ? -3.808  -8.973  3.167   1.00 13.05 ? 80  MET A CG  1 
ATOM   412  S SD  . MET A 1 55  ? -3.024  -9.215  4.800   1.00 8.84  ? 80  MET A SD  1 
ATOM   413  C CE  . MET A 1 55  ? -1.940  -10.524 4.374   1.00 13.38 ? 80  MET A CE  1 
ATOM   414  N N   . ALA A 1 56  ? -7.746  -9.577  2.936   1.00 13.05 ? 81  ALA A N   1 
ATOM   415  C CA  . ALA A 1 56  ? -8.799  -8.582  3.133   1.00 12.34 ? 81  ALA A CA  1 
ATOM   416  C C   . ALA A 1 56  ? -9.535  -8.859  4.449   1.00 13.01 ? 81  ALA A C   1 
ATOM   417  O O   . ALA A 1 56  ? -9.836  -7.942  5.211   1.00 12.58 ? 81  ALA A O   1 
ATOM   418  C CB  . ALA A 1 56  ? -9.774  -8.574  1.951   1.00 12.46 ? 81  ALA A CB  1 
ATOM   419  N N   . ASP A 1 57  ? -9.761  -10.139 4.716   1.00 13.34 ? 82  ASP A N   1 
ATOM   420  C CA  . ASP A 1 57  ? -10.380 -10.578 5.978   1.00 14.61 ? 82  ASP A CA  1 
ATOM   421  C C   . ASP A 1 57  ? -9.598  -10.052 7.194   1.00 15.08 ? 82  ASP A C   1 
ATOM   422  O O   . ASP A 1 57  ? -10.185 -9.464  8.109   1.00 15.11 ? 82  ASP A O   1 
ATOM   423  C CB  . ASP A 1 57  ? -10.527 -12.104 5.974   1.00 14.60 ? 82  ASP A CB  1 
ATOM   424  C CG  . ASP A 1 57  ? -11.085 -12.657 7.289   1.00 15.49 ? 82  ASP A CG  1 
ATOM   425  O OD1 . ASP A 1 57  ? -12.294 -12.975 7.334   1.00 13.51 ? 82  ASP A OD1 1 
ATOM   426  O OD2 . ASP A 1 57  ? -10.312 -12.791 8.269   1.00 16.44 ? 82  ASP A OD2 1 
ATOM   427  N N   . LEU A 1 58  ? -8.274  -10.198 7.158   1.00 15.46 ? 83  LEU A N   1 
ATOM   428  C CA  . LEU A 1 58  ? -7.414  -9.727  8.248   1.00 15.65 ? 83  LEU A CA  1 
ATOM   429  C C   . LEU A 1 58  ? -7.440  -8.223  8.440   1.00 15.89 ? 83  LEU A C   1 
ATOM   430  O O   . LEU A 1 58  ? -7.561  -7.746  9.564   1.00 15.90 ? 83  LEU A O   1 
ATOM   431  C CB  . LEU A 1 58  ? -5.972  -10.196 8.062   1.00 16.05 ? 83  LEU A CB  1 
ATOM   432  C CG  . LEU A 1 58  ? -5.732  -11.695 8.094   1.00 17.79 ? 83  LEU A CG  1 
ATOM   433  C CD1 . LEU A 1 58  ? -4.240  -11.959 8.288   1.00 17.69 ? 83  LEU A CD1 1 
ATOM   434  C CD2 . LEU A 1 58  ? -6.543  -12.334 9.233   1.00 18.46 ? 83  LEU A CD2 1 
ATOM   435  N N   . LEU A 1 59  ? -7.307  -7.484  7.344   1.00 15.61 ? 84  LEU A N   1 
ATOM   436  C CA  . LEU A 1 59  ? -7.335  -6.036  7.408   1.00 15.73 ? 84  LEU A CA  1 
ATOM   437  C C   . LEU A 1 59  ? -8.687  -5.469  7.900   1.00 15.84 ? 84  LEU A C   1 
ATOM   438  O O   . LEU A 1 59  ? -8.729  -4.440  8.573   1.00 15.83 ? 84  LEU A O   1 
ATOM   439  C CB  . LEU A 1 59  ? -6.925  -5.467  6.048   1.00 15.05 ? 84  LEU A CB  1 
ATOM   440  C CG  . LEU A 1 59  ? -5.487  -5.799  5.624   1.00 13.80 ? 84  LEU A CG  1 
ATOM   441  C CD1 . LEU A 1 59  ? -5.238  -5.354  4.153   1.00 13.90 ? 84  LEU A CD1 1 
ATOM   442  C CD2 . LEU A 1 59  ? -4.493  -5.121  6.557   1.00 15.22 ? 84  LEU A CD2 1 
ATOM   443  N N   . ASP A 1 60  ? -9.780  -6.155  7.575   1.00 16.53 ? 85  ASP A N   1 
ATOM   444  C CA  . ASP A 1 60  ? -11.114 -5.761  8.063   1.00 16.25 ? 85  ASP A CA  1 
ATOM   445  C C   . ASP A 1 60  ? -11.164 -5.804  9.579   1.00 16.62 ? 85  ASP A C   1 
ATOM   446  O O   . ASP A 1 60  ? -11.645 -4.868  10.242  1.00 16.51 ? 85  ASP A O   1 
ATOM   447  C CB  . ASP A 1 60  ? -12.182 -6.721  7.519   1.00 16.48 ? 85  ASP A CB  1 
ATOM   448  C CG  . ASP A 1 60  ? -12.474 -6.516  6.052   1.00 17.39 ? 85  ASP A CG  1 
ATOM   449  O OD1 . ASP A 1 60  ? -12.173 -5.434  5.505   1.00 15.85 ? 85  ASP A OD1 1 
ATOM   450  O OD2 . ASP A 1 60  ? -13.015 -7.463  5.431   1.00 17.30 ? 85  ASP A OD2 1 
ATOM   451  N N   . ARG A 1 61  ? -10.666 -6.902  10.122  1.00 16.07 ? 86  ARG A N   1 
ATOM   452  C CA  . ARG A 1 61  ? -10.694 -7.096  11.560  1.00 16.96 ? 86  ARG A CA  1 
ATOM   453  C C   . ARG A 1 61  ? -9.768  -6.117  12.245  1.00 17.10 ? 86  ARG A C   1 
ATOM   454  O O   . ARG A 1 61  ? -10.133 -5.548  13.271  1.00 17.53 ? 86  ARG A O   1 
ATOM   455  C CB  . ARG A 1 61  ? -10.334 -8.538  11.912  1.00 16.32 ? 86  ARG A CB  1 
ATOM   456  C CG  . ARG A 1 61  ? -11.448 -9.497  11.544  1.00 17.63 ? 86  ARG A CG  1 
ATOM   457  C CD  . ARG A 1 61  ? -10.906 -10.847 11.142  1.00 16.84 ? 86  ARG A CD  1 
ATOM   458  N NE  . ARG A 1 61  ? -10.337 -11.558 12.281  1.00 18.02 ? 86  ARG A NE  1 
ATOM   459  C CZ  . ARG A 1 61  ? -9.780  -12.759 12.196  1.00 17.74 ? 86  ARG A CZ  1 
ATOM   460  N NH1 . ARG A 1 61  ? -9.722  -13.385 11.029  1.00 20.14 ? 86  ARG A NH1 1 
ATOM   461  N NH2 . ARG A 1 61  ? -9.278  -13.325 13.279  1.00 18.43 ? 86  ARG A NH2 1 
ATOM   462  N N   . LEU A 1 62  ? -8.586  -5.887  11.666  1.00 17.05 ? 87  LEU A N   1 
ATOM   463  C CA  . LEU A 1 62  ? -7.634  -4.960  12.278  1.00 16.99 ? 87  LEU A CA  1 
ATOM   464  C C   . LEU A 1 62  ? -8.158  -3.526  12.229  1.00 17.49 ? 87  LEU A C   1 
ATOM   465  O O   . LEU A 1 62  ? -7.976  -2.763  13.180  1.00 17.53 ? 87  LEU A O   1 
ATOM   466  C CB  . LEU A 1 62  ? -6.250  -5.088  11.626  1.00 17.30 ? 87  LEU A CB  1 
ATOM   467  C CG  . LEU A 1 62  ? -5.563  -6.421  11.953  1.00 17.40 ? 87  LEU A CG  1 
ATOM   468  C CD1 . LEU A 1 62  ? -4.444  -6.723  10.976  1.00 17.64 ? 87  LEU A CD1 1 
ATOM   469  C CD2 . LEU A 1 62  ? -5.043  -6.418  13.382  1.00 19.22 ? 87  LEU A CD2 1 
ATOM   470  N N   . THR A 1 63  ? -8.834  -3.180  11.130  1.00 17.19 ? 88  THR A N   1 
ATOM   471  C CA  . THR A 1 63  ? -9.489  -1.878  10.983  1.00 18.47 ? 88  THR A CA  1 
ATOM   472  C C   . THR A 1 63  ? -10.534 -1.657  12.076  1.00 18.75 ? 88  THR A C   1 
ATOM   473  O O   . THR A 1 63  ? -10.587 -0.580  12.691  1.00 18.90 ? 88  THR A O   1 
ATOM   474  C CB  . THR A 1 63  ? -10.157 -1.746  9.594   1.00 18.13 ? 88  THR A CB  1 
ATOM   475  O OG1 . THR A 1 63  ? -9.139  -1.710  8.588   1.00 20.77 ? 88  THR A OG1 1 
ATOM   476  C CG2 . THR A 1 63  ? -10.992 -0.468  9.502   1.00 19.00 ? 88  THR A CG2 1 
ATOM   477  N N   . GLU A 1 64  ? -11.357 -2.676  12.309  1.00 19.50 ? 89  GLU A N   1 
ATOM   478  C CA  . GLU A 1 64  ? -12.416 -2.599  13.324  1.00 20.54 ? 89  GLU A CA  1 
ATOM   479  C C   . GLU A 1 64  ? -11.828 -2.526  14.734  1.00 20.85 ? 89  GLU A C   1 
ATOM   480  O O   . GLU A 1 64  ? -12.335 -1.779  15.582  1.00 21.05 ? 89  GLU A O   1 
ATOM   481  C CB  . GLU A 1 64  ? -13.386 -3.775  13.199  1.00 20.87 ? 89  GLU A CB  1 
ATOM   482  C CG  . GLU A 1 64  ? -14.842 -3.427  13.569  1.00 23.74 ? 89  GLU A CG  1 
ATOM   483  C CD  . GLU A 1 64  ? -15.282 -3.964  14.922  1.00 26.99 ? 89  GLU A CD  1 
ATOM   484  O OE1 . GLU A 1 64  ? -14.755 -3.522  15.968  1.00 29.95 ? 89  GLU A OE1 1 
ATOM   485  O OE2 . GLU A 1 64  ? -16.186 -4.821  14.945  1.00 27.76 ? 89  GLU A OE2 1 
ATOM   486  N N   . LYS A 1 65  ? -10.754 -3.281  14.966  1.00 20.93 ? 90  LYS A N   1 
ATOM   487  C CA  . LYS A 1 65  ? -10.084 -3.336  16.277  1.00 21.07 ? 90  LYS A CA  1 
ATOM   488  C C   . LYS A 1 65  ? -9.281  -2.069  16.606  1.00 21.17 ? 90  LYS A C   1 
ATOM   489  O O   . LYS A 1 65  ? -9.341  -1.568  17.742  1.00 21.03 ? 90  LYS A O   1 
ATOM   490  C CB  . LYS A 1 65  ? -9.178  -4.577  16.356  1.00 21.29 ? 90  LYS A CB  1 
ATOM   491  C CG  . LYS A 1 65  ? -8.532  -4.831  17.718  1.00 21.95 ? 90  LYS A CG  1 
ATOM   492  C CD  . LYS A 1 65  ? -7.768  -6.159  17.732  1.00 23.31 ? 90  LYS A CD  1 
ATOM   493  C CE  . LYS A 1 65  ? -7.173  -6.436  19.111  1.00 25.38 ? 90  LYS A CE  1 
ATOM   494  N NZ  . LYS A 1 65  ? -6.541  -7.786  19.203  1.00 25.25 ? 90  LYS A NZ  1 
ATOM   495  N N   . TYR A 1 66  ? -8.537  -1.559  15.621  1.00 20.44 ? 91  TYR A N   1 
ATOM   496  C CA  . TYR A 1 66  ? -7.677  -0.388  15.815  1.00 20.38 ? 91  TYR A CA  1 
ATOM   497  C C   . TYR A 1 66  ? -8.088  0.791   14.943  1.00 20.47 ? 91  TYR A C   1 
ATOM   498  O O   . TYR A 1 66  ? -7.784  0.821   13.743  1.00 20.27 ? 91  TYR A O   1 
ATOM   499  C CB  . TYR A 1 66  ? -6.216  -0.733  15.514  1.00 20.31 ? 91  TYR A CB  1 
ATOM   500  C CG  . TYR A 1 66  ? -5.662  -1.858  16.353  1.00 20.36 ? 91  TYR A CG  1 
ATOM   501  C CD1 . TYR A 1 66  ? -5.255  -1.632  17.670  1.00 21.09 ? 91  TYR A CD1 1 
ATOM   502  C CD2 . TYR A 1 66  ? -5.535  -3.144  15.837  1.00 19.73 ? 91  TYR A CD2 1 
ATOM   503  C CE1 . TYR A 1 66  ? -4.746  -2.665  18.450  1.00 21.82 ? 91  TYR A CE1 1 
ATOM   504  C CE2 . TYR A 1 66  ? -5.017  -4.184  16.610  1.00 21.13 ? 91  TYR A CE2 1 
ATOM   505  C CZ  . TYR A 1 66  ? -4.628  -3.937  17.910  1.00 22.29 ? 91  TYR A CZ  1 
ATOM   506  O OH  . TYR A 1 66  ? -4.121  -4.957  18.686  1.00 23.20 ? 91  TYR A OH  1 
ATOM   507  N N   . ARG A 1 67  ? -8.752  1.770   15.557  1.00 20.21 ? 92  ARG A N   1 
ATOM   508  C CA  . ARG A 1 67  ? -9.222  2.959   14.838  1.00 20.33 ? 92  ARG A CA  1 
ATOM   509  C C   . ARG A 1 67  ? -8.089  3.813   14.283  1.00 19.78 ? 92  ARG A C   1 
ATOM   510  O O   . ARG A 1 67  ? -8.314  4.660   13.413  1.00 19.95 ? 92  ARG A O   1 
ATOM   511  C CB  . ARG A 1 67  ? -10.147 3.809   15.722  1.00 20.42 ? 92  ARG A CB  1 
ATOM   512  C CG  . ARG A 1 67  ? -9.509  4.398   16.971  1.00 21.06 ? 92  ARG A CG  1 
ATOM   513  C CD  . ARG A 1 67  ? -10.469 5.386   17.657  1.00 20.91 ? 92  ARG A CD  1 
ATOM   514  N NE  . ARG A 1 67  ? -10.565 6.653   16.921  1.00 20.28 ? 92  ARG A NE  1 
ATOM   515  C CZ  . ARG A 1 67  ? -11.591 7.499   17.004  1.00 20.99 ? 92  ARG A CZ  1 
ATOM   516  N NH1 . ARG A 1 67  ? -12.632 7.219   17.785  1.00 18.68 ? 92  ARG A NH1 1 
ATOM   517  N NH2 . ARG A 1 67  ? -11.580 8.628   16.298  1.00 20.28 ? 92  ARG A NH2 1 
ATOM   518  N N   . GLU A 1 68  ? -6.879  3.606   14.795  1.00 19.58 ? 93  GLU A N   1 
ATOM   519  C CA  . GLU A 1 68  ? -5.744  4.398   14.342  1.00 19.76 ? 93  GLU A CA  1 
ATOM   520  C C   . GLU A 1 68  ? -5.067  3.847   13.087  1.00 18.81 ? 93  GLU A C   1 
ATOM   521  O O   . GLU A 1 68  ? -4.143  4.451   12.572  1.00 19.47 ? 93  GLU A O   1 
ATOM   522  C CB  . GLU A 1 68  ? -4.734  4.641   15.469  1.00 19.94 ? 93  GLU A CB  1 
ATOM   523  C CG  . GLU A 1 68  ? -5.158  5.746   16.430  1.00 23.31 ? 93  GLU A CG  1 
ATOM   524  C CD  . GLU A 1 68  ? -5.494  7.066   15.725  1.00 26.82 ? 93  GLU A CD  1 
ATOM   525  O OE1 . GLU A 1 68  ? -4.776  7.458   14.771  1.00 26.99 ? 93  GLU A OE1 1 
ATOM   526  O OE2 . GLU A 1 68  ? -6.480  7.713   16.132  1.00 27.15 ? 93  GLU A OE2 1 
ATOM   527  N N   . ILE A 1 69  ? -5.535  2.708   12.595  1.00 17.81 ? 94  ILE A N   1 
ATOM   528  C CA  . ILE A 1 69  ? -5.030  2.164   11.326  1.00 16.88 ? 94  ILE A CA  1 
ATOM   529  C C   . ILE A 1 69  ? -5.785  2.732   10.120  1.00 16.46 ? 94  ILE A C   1 
ATOM   530  O O   . ILE A 1 69  ? -7.029  2.778   10.113  1.00 15.74 ? 94  ILE A O   1 
ATOM   531  C CB  . ILE A 1 69  ? -5.146  0.625   11.274  1.00 16.54 ? 94  ILE A CB  1 
ATOM   532  C CG1 . ILE A 1 69  ? -4.210  -0.013  12.290  1.00 17.49 ? 94  ILE A CG1 1 
ATOM   533  C CG2 . ILE A 1 69  ? -4.879  0.093   9.836   1.00 18.78 ? 94  ILE A CG2 1 
ATOM   534  C CD1 . ILE A 1 69  ? -4.460  -1.486  12.465  1.00 19.10 ? 94  ILE A CD1 1 
ATOM   535  N N   . SER A 1 70  ? -5.035  3.145   9.097   1.00 14.78 ? 95  SER A N   1 
ATOM   536  C CA  . SER A 1 70  ? -5.632  3.476   7.802   1.00 14.46 ? 95  SER A CA  1 
ATOM   537  C C   . SER A 1 70  ? -5.084  2.531   6.760   1.00 13.71 ? 95  SER A C   1 
ATOM   538  O O   . SER A 1 70  ? -3.878  2.501   6.546   1.00 14.72 ? 95  SER A O   1 
ATOM   539  C CB  . SER A 1 70  ? -5.328  4.920   7.401   1.00 14.44 ? 95  SER A CB  1 
ATOM   540  O OG  . SER A 1 70  ? -6.008  5.844   8.250   1.00 16.26 ? 95  SER A OG  1 
ATOM   541  N N   . VAL A 1 71  ? -5.963  1.757   6.131   1.00 12.75 ? 96  VAL A N   1 
ATOM   542  C CA  . VAL A 1 71  ? -5.572  0.870   5.028   1.00 12.23 ? 96  VAL A CA  1 
ATOM   543  C C   . VAL A 1 71  ? -5.693  1.592   3.687   1.00 11.89 ? 96  VAL A C   1 
ATOM   544  O O   . VAL A 1 71  ? -6.734  2.223   3.375   1.00 11.83 ? 96  VAL A O   1 
ATOM   545  C CB  . VAL A 1 71  ? -6.431  -0.438  5.005   1.00 12.45 ? 96  VAL A CB  1 
ATOM   546  C CG1 . VAL A 1 71  ? -6.166  -1.255  3.719   1.00 12.91 ? 96  VAL A CG1 1 
ATOM   547  C CG2 . VAL A 1 71  ? -6.171  -1.266  6.271   1.00 13.15 ? 96  VAL A CG2 1 
ATOM   548  N N   . ILE A 1 72  ? -4.630  1.514   2.895   1.00 10.96 ? 97  ILE A N   1 
ATOM   549  C CA  . ILE A 1 72  ? -4.668  2.000   1.521   1.00 10.82 ? 97  ILE A CA  1 
ATOM   550  C C   . ILE A 1 72  ? -4.543  0.776   0.599   1.00 10.88 ? 97  ILE A C   1 
ATOM   551  O O   . ILE A 1 72  ? -3.492  0.127   0.585   1.00 10.68 ? 97  ILE A O   1 
ATOM   552  C CB  . ILE A 1 72  ? -3.567  3.041   1.236   1.00 11.12 ? 97  ILE A CB  1 
ATOM   553  C CG1 . ILE A 1 72  ? -3.636  4.178   2.290   1.00 12.46 ? 97  ILE A CG1 1 
ATOM   554  C CG2 . ILE A 1 72  ? -3.684  3.544   -0.199  1.00 11.49 ? 97  ILE A CG2 1 
ATOM   555  C CD1 . ILE A 1 72  ? -2.622  5.306   2.124   1.00 16.62 ? 97  ILE A CD1 1 
ATOM   556  N N   . ALA A 1 73  ? -5.628  0.444   -0.112  1.00 10.68 ? 98  ALA A N   1 
ATOM   557  C CA  . ALA A 1 73  ? -5.635  -0.690  -1.045  1.00 10.42 ? 98  ALA A CA  1 
ATOM   558  C C   . ALA A 1 73  ? -5.077  -0.214  -2.362  1.00 10.11 ? 98  ALA A C   1 
ATOM   559  O O   . ALA A 1 73  ? -5.626  0.703   -2.966  1.00 10.24 ? 98  ALA A O   1 
ATOM   560  C CB  . ALA A 1 73  ? -7.046  -1.257  -1.227  1.00 10.88 ? 98  ALA A CB  1 
ATOM   561  N N   . ILE A 1 74  ? -3.973  -0.826  -2.799  1.00 9.48  ? 99  ILE A N   1 
ATOM   562  C CA  . ILE A 1 74  ? -3.260  -0.364  -3.995  1.00 9.23  ? 99  ILE A CA  1 
ATOM   563  C C   . ILE A 1 74  ? -3.329  -1.485  -5.012  1.00 9.60  ? 99  ILE A C   1 
ATOM   564  O O   . ILE A 1 74  ? -2.616  -2.475  -4.876  1.00 9.63  ? 99  ILE A O   1 
ATOM   565  C CB  . ILE A 1 74  ? -1.778  -0.009  -3.724  1.00 9.35  ? 99  ILE A CB  1 
ATOM   566  C CG1 . ILE A 1 74  ? -1.677  1.120   -2.708  1.00 8.58  ? 99  ILE A CG1 1 
ATOM   567  C CG2 . ILE A 1 74  ? -1.082  0.395   -5.062  1.00 9.18  ? 99  ILE A CG2 1 
ATOM   568  C CD1 . ILE A 1 74  ? -0.240  1.410   -2.182  1.00 10.71 ? 99  ILE A CD1 1 
ATOM   569  N N   . ASP A 1 75  ? -4.183  -1.328  -6.024  1.00 9.57  ? 100 ASP A N   1 
ATOM   570  C CA  . ASP A 1 75  ? -4.292  -2.350  -7.061  1.00 9.45  ? 100 ASP A CA  1 
ATOM   571  C C   . ASP A 1 75  ? -3.308  -1.937  -8.129  1.00 9.70  ? 100 ASP A C   1 
ATOM   572  O O   . ASP A 1 75  ? -3.494  -0.898  -8.775  1.00 10.25 ? 100 ASP A O   1 
ATOM   573  C CB  . ASP A 1 75  ? -5.729  -2.400  -7.620  1.00 9.51  ? 100 ASP A CB  1 
ATOM   574  C CG  . ASP A 1 75  ? -5.942  -3.534  -8.625  1.00 9.29  ? 100 ASP A CG  1 
ATOM   575  O OD1 . ASP A 1 75  ? -4.963  -4.016  -9.225  1.00 9.78  ? 100 ASP A OD1 1 
ATOM   576  O OD2 . ASP A 1 75  ? -7.114  -3.947  -8.810  1.00 10.51 ? 100 ASP A OD2 1 
ATOM   577  N N   . PHE A 1 76  ? -2.253  -2.738  -8.302  1.00 9.60  ? 101 PHE A N   1 
ATOM   578  C CA  . PHE A 1 76  ? -1.227  -2.407  -9.280  1.00 9.81  ? 101 PHE A CA  1 
ATOM   579  C C   . PHE A 1 76  ? -1.364  -3.229  -10.548 1.00 10.75 ? 101 PHE A C   1 
ATOM   580  O O   . PHE A 1 76  ? -0.484  -3.185  -11.424 1.00 11.07 ? 101 PHE A O   1 
ATOM   581  C CB  . PHE A 1 76  ? 0.198   -2.494  -8.664  1.00 10.00 ? 101 PHE A CB  1 
ATOM   582  C CG  . PHE A 1 76  ? 0.663   -3.895  -8.312  1.00 9.10  ? 101 PHE A CG  1 
ATOM   583  C CD1 . PHE A 1 76  ? 1.404   -4.659  -9.227  1.00 9.07  ? 101 PHE A CD1 1 
ATOM   584  C CD2 . PHE A 1 76  ? 0.434   -4.408  -7.041  1.00 9.82  ? 101 PHE A CD2 1 
ATOM   585  C CE1 . PHE A 1 76  ? 1.891   -5.927  -8.883  1.00 11.35 ? 101 PHE A CE1 1 
ATOM   586  C CE2 . PHE A 1 76  ? 0.911   -5.674  -6.682  1.00 9.60  ? 101 PHE A CE2 1 
ATOM   587  C CZ  . PHE A 1 76  ? 1.649   -6.429  -7.608  1.00 9.50  ? 101 PHE A CZ  1 
ATOM   588  N N   . TRP A 1 77  ? -2.471  -3.976  -10.668 1.00 10.21 ? 102 TRP A N   1 
ATOM   589  C CA  . TRP A 1 77  ? -2.648  -4.840  -11.829 1.00 10.19 ? 102 TRP A CA  1 
ATOM   590  C C   . TRP A 1 77  ? -3.276  -4.023  -12.972 1.00 10.11 ? 102 TRP A C   1 
ATOM   591  O O   . TRP A 1 77  ? -4.427  -4.218  -13.358 1.00 10.37 ? 102 TRP A O   1 
ATOM   592  C CB  . TRP A 1 77  ? -3.449  -6.103  -11.461 1.00 9.41  ? 102 TRP A CB  1 
ATOM   593  C CG  . TRP A 1 77  ? -3.212  -7.205  -12.462 1.00 10.25 ? 102 TRP A CG  1 
ATOM   594  C CD1 . TRP A 1 77  ? -4.027  -7.566  -13.487 1.00 8.66  ? 102 TRP A CD1 1 
ATOM   595  C CD2 . TRP A 1 77  ? -2.053  -8.031  -12.550 1.00 9.44  ? 102 TRP A CD2 1 
ATOM   596  N NE1 . TRP A 1 77  ? -3.461  -8.601  -14.199 1.00 11.29 ? 102 TRP A NE1 1 
ATOM   597  C CE2 . TRP A 1 77  ? -2.249  -8.907  -13.638 1.00 10.93 ? 102 TRP A CE2 1 
ATOM   598  C CE3 . TRP A 1 77  ? -0.878  -8.142  -11.790 1.00 9.47  ? 102 TRP A CE3 1 
ATOM   599  C CZ2 . TRP A 1 77  ? -1.301  -9.857  -14.013 1.00 11.20 ? 102 TRP A CZ2 1 
ATOM   600  C CZ3 . TRP A 1 77  ? 0.071   -9.106  -12.164 1.00 10.28 ? 102 TRP A CZ3 1 
ATOM   601  C CH2 . TRP A 1 77  ? -0.160  -9.950  -13.267 1.00 9.79  ? 102 TRP A CH2 1 
ATOM   602  N N   . THR A 1 78  ? -2.486  -3.080  -13.484 1.00 10.19 ? 103 THR A N   1 
ATOM   603  C CA  . THR A 1 78  ? -2.936  -2.121  -14.479 1.00 10.72 ? 103 THR A CA  1 
ATOM   604  C C   . THR A 1 78  ? -2.132  -2.267  -15.764 1.00 11.50 ? 103 THR A C   1 
ATOM   605  O O   . THR A 1 78  ? -1.021  -2.807  -15.746 1.00 11.08 ? 103 THR A O   1 
ATOM   606  C CB  . THR A 1 78  ? -2.701  -0.667  -13.984 1.00 10.55 ? 103 THR A CB  1 
ATOM   607  O OG1 . THR A 1 78  ? -1.296  -0.459  -13.750 1.00 11.53 ? 103 THR A OG1 1 
ATOM   608  C CG2 . THR A 1 78  ? -3.486  -0.390  -12.706 1.00 9.74  ? 103 THR A CG2 1 
ATOM   609  N N   . ALA A 1 79  ? -2.682  -1.763  -16.871 1.00 11.94 ? 104 ALA A N   1 
ATOM   610  C CA  . ALA A 1 79  ? -1.997  -1.887  -18.162 1.00 11.77 ? 104 ALA A CA  1 
ATOM   611  C C   . ALA A 1 79  ? -0.578  -1.326  -18.100 1.00 12.56 ? 104 ALA A C   1 
ATOM   612  O O   . ALA A 1 79  ? 0.356   -1.925  -18.644 1.00 12.52 ? 104 ALA A O   1 
ATOM   613  C CB  . ALA A 1 79  ? -2.804  -1.204  -19.259 1.00 12.63 ? 104 ALA A CB  1 
ATOM   614  N N   . GLU A 1 80  ? -0.421  -0.183  -17.437 1.00 12.04 ? 105 GLU A N   1 
ATOM   615  C CA  . GLU A 1 80  ? 0.874   0.490   -17.385 1.00 12.61 ? 105 GLU A CA  1 
ATOM   616  C C   . GLU A 1 80  ? 1.889   -0.339  -16.596 1.00 12.48 ? 105 GLU A C   1 
ATOM   617  O O   . GLU A 1 80  ? 3.053   -0.484  -17.006 1.00 12.47 ? 105 GLU A O   1 
ATOM   618  C CB  . GLU A 1 80  ? 0.731   1.892   -16.769 1.00 12.72 ? 105 GLU A CB  1 
ATOM   619  C CG  . GLU A 1 80  ? 0.011   2.911   -17.639 1.00 15.31 ? 105 GLU A CG  1 
ATOM   620  C CD  . GLU A 1 80  ? -1.524  2.742   -17.678 1.00 20.17 ? 105 GLU A CD  1 
ATOM   621  O OE1 . GLU A 1 80  ? -2.129  2.046   -16.814 1.00 20.10 ? 105 GLU A OE1 1 
ATOM   622  O OE2 . GLU A 1 80  ? -2.133  3.321   -18.603 1.00 22.50 ? 105 GLU A OE2 1 
ATOM   623  N N   . ALA A 1 81  ? 1.463   -0.852  -15.446 1.00 11.81 ? 106 ALA A N   1 
ATOM   624  C CA  . ALA A 1 81  ? 2.347   -1.654  -14.606 1.00 12.29 ? 106 ALA A CA  1 
ATOM   625  C C   . ALA A 1 81  ? 2.731   -2.958  -15.306 1.00 12.99 ? 106 ALA A C   1 
ATOM   626  O O   . ALA A 1 81  ? 3.900   -3.358  -15.266 1.00 13.10 ? 106 ALA A O   1 
ATOM   627  C CB  . ALA A 1 81  ? 1.676   -1.943  -13.250 1.00 11.51 ? 106 ALA A CB  1 
ATOM   628  N N   . LEU A 1 82  ? 1.754   -3.606  -15.947 1.00 13.09 ? 107 LEU A N   1 
ATOM   629  C CA  . LEU A 1 82  ? 1.979   -4.902  -16.599 1.00 13.89 ? 107 LEU A CA  1 
ATOM   630  C C   . LEU A 1 82  ? 2.963   -4.759  -17.753 1.00 14.43 ? 107 LEU A C   1 
ATOM   631  O O   . LEU A 1 82  ? 3.834   -5.606  -17.942 1.00 14.38 ? 107 LEU A O   1 
ATOM   632  C CB  . LEU A 1 82  ? 0.650   -5.508  -17.101 1.00 14.14 ? 107 LEU A CB  1 
ATOM   633  C CG  . LEU A 1 82  ? -0.382  -5.813  -16.003 1.00 15.79 ? 107 LEU A CG  1 
ATOM   634  C CD1 . LEU A 1 82  ? -1.580  -6.669  -16.533 1.00 15.56 ? 107 LEU A CD1 1 
ATOM   635  C CD2 . LEU A 1 82  ? 0.238   -6.427  -14.758 1.00 15.00 ? 107 LEU A CD2 1 
ATOM   636  N N   . LYS A 1 83  ? 2.814   -3.681  -18.514 1.00 14.67 ? 108 LYS A N   1 
ATOM   637  C CA  . LYS A 1 83  ? 3.748   -3.378  -19.610 1.00 14.91 ? 108 LYS A CA  1 
ATOM   638  C C   . LYS A 1 83  ? 5.178   -3.190  -19.097 1.00 14.57 ? 108 LYS A C   1 
ATOM   639  O O   . LYS A 1 83  ? 6.120   -3.767  -19.665 1.00 14.75 ? 108 LYS A O   1 
ATOM   640  C CB  . LYS A 1 83  ? 3.305   -2.150  -20.402 1.00 15.51 ? 108 LYS A CB  1 
ATOM   641  C CG  . LYS A 1 83  ? 4.248   -1.833  -21.579 1.00 17.56 ? 108 LYS A CG  1 
ATOM   642  C CD  . LYS A 1 83  ? 3.844   -0.578  -22.314 1.00 21.49 ? 108 LYS A CD  1 
ATOM   643  C CE  . LYS A 1 83  ? 4.785   -0.338  -23.480 1.00 23.97 ? 108 LYS A CE  1 
ATOM   644  N NZ  . LYS A 1 83  ? 4.457   0.923   -24.202 1.00 26.79 ? 108 LYS A NZ  1 
ATOM   645  N N   . ALA A 1 84  ? 5.335   -2.394  -18.032 1.00 14.56 ? 109 ALA A N   1 
ATOM   646  C CA  . ALA A 1 84  ? 6.650   -2.151  -17.419 1.00 14.28 ? 109 ALA A CA  1 
ATOM   647  C C   . ALA A 1 84  ? 7.292   -3.449  -16.946 1.00 14.28 ? 109 ALA A C   1 
ATOM   648  O O   . ALA A 1 84  ? 8.509   -3.621  -17.052 1.00 14.31 ? 109 ALA A O   1 
ATOM   649  C CB  . ALA A 1 84  ? 6.529   -1.177  -16.230 1.00 14.75 ? 109 ALA A CB  1 
ATOM   650  N N   . LEU A 1 85  ? 6.467   -4.352  -16.421 1.00 13.73 ? 110 LEU A N   1 
ATOM   651  C CA  . LEU A 1 85  ? 6.959   -5.585  -15.811 1.00 13.58 ? 110 LEU A CA  1 
ATOM   652  C C   . LEU A 1 85  ? 7.040   -6.757  -16.794 1.00 13.70 ? 110 LEU A C   1 
ATOM   653  O O   . LEU A 1 85  ? 7.524   -7.832  -16.422 1.00 13.83 ? 110 LEU A O   1 
ATOM   654  C CB  . LEU A 1 85  ? 6.078   -5.961  -14.609 1.00 13.70 ? 110 LEU A CB  1 
ATOM   655  C CG  . LEU A 1 85  ? 6.176   -4.992  -13.419 1.00 13.76 ? 110 LEU A CG  1 
ATOM   656  C CD1 . LEU A 1 85  ? 4.991   -5.200  -12.467 1.00 15.53 ? 110 LEU A CD1 1 
ATOM   657  C CD2 . LEU A 1 85  ? 7.497   -5.173  -12.671 1.00 15.88 ? 110 LEU A CD2 1 
ATOM   658  N N   . GLY A 1 86  ? 6.570   -6.551  -18.029 1.00 12.91 ? 111 GLY A N   1 
ATOM   659  C CA  . GLY A 1 86  ? 6.511   -7.626  -19.044 1.00 13.59 ? 111 GLY A CA  1 
ATOM   660  C C   . GLY A 1 86  ? 5.437   -8.679  -18.794 1.00 13.92 ? 111 GLY A C   1 
ATOM   661  O O   . GLY A 1 86  ? 5.488   -9.782  -19.340 1.00 14.26 ? 111 GLY A O   1 
ATOM   662  N N   . LEU A 1 87  ? 4.438   -8.335  -17.988 1.00 13.79 ? 112 LEU A N   1 
ATOM   663  C CA  . LEU A 1 87  ? 3.369   -9.268  -17.634 1.00 13.11 ? 112 LEU A CA  1 
ATOM   664  C C   . LEU A 1 87  ? 2.114   -9.093  -18.506 1.00 13.12 ? 112 LEU A C   1 
ATOM   665  O O   . LEU A 1 87  ? 1.065   -9.713  -18.241 1.00 12.61 ? 112 LEU A O   1 
ATOM   666  C CB  . LEU A 1 87  ? 3.014   -9.091  -16.142 1.00 13.10 ? 112 LEU A CB  1 
ATOM   667  C CG  . LEU A 1 87  ? 4.158   -9.340  -15.142 1.00 12.01 ? 112 LEU A CG  1 
ATOM   668  C CD1 . LEU A 1 87  ? 3.719   -8.994  -13.721 1.00 12.63 ? 112 LEU A CD1 1 
ATOM   669  C CD2 . LEU A 1 87  ? 4.634   -10.800 -15.183 1.00 11.76 ? 112 LEU A CD2 1 
ATOM   670  N N   . ASN A 1 88  ? 2.230   -8.261  -19.540 1.00 12.89 ? 113 ASN A N   1 
ATOM   671  C CA  . ASN A 1 88  ? 1.134   -8.004  -20.467 1.00 13.48 ? 113 ASN A CA  1 
ATOM   672  C C   . ASN A 1 88  ? 1.068   -9.089  -21.548 1.00 12.99 ? 113 ASN A C   1 
ATOM   673  O O   . ASN A 1 88  ? 1.157   -8.820  -22.749 1.00 13.60 ? 113 ASN A O   1 
ATOM   674  C CB  . ASN A 1 88  ? 1.230   -6.585  -21.075 1.00 14.79 ? 113 ASN A CB  1 
ATOM   675  C CG  . ASN A 1 88  ? 2.560   -6.304  -21.752 1.00 15.35 ? 113 ASN A CG  1 
ATOM   676  O OD1 . ASN A 1 88  ? 3.615   -6.797  -21.335 1.00 18.14 ? 113 ASN A OD1 1 
ATOM   677  N ND2 . ASN A 1 88  ? 2.517   -5.494  -22.824 1.00 17.64 ? 113 ASN A ND2 1 
ATOM   678  N N   . LYS A 1 89  ? 0.913   -10.328 -21.093 1.00 12.84 ? 114 LYS A N   1 
ATOM   679  C CA  . LYS A 1 89  ? 0.996   -11.493 -21.969 1.00 13.22 ? 114 LYS A CA  1 
ATOM   680  C C   . LYS A 1 89  ? -0.167  -12.418 -21.701 1.00 12.82 ? 114 LYS A C   1 
ATOM   681  O O   . LYS A 1 89  ? -0.751  -12.379 -20.621 1.00 12.62 ? 114 LYS A O   1 
ATOM   682  C CB  . LYS A 1 89  ? 2.308   -12.237 -21.707 1.00 13.88 ? 114 LYS A CB  1 
ATOM   683  C CG  . LYS A 1 89  ? 3.556   -11.430 -22.096 1.00 15.62 ? 114 LYS A CG  1 
ATOM   684  C CD  . LYS A 1 89  ? 3.537   -11.124 -23.583 1.00 20.83 ? 114 LYS A CD  1 
ATOM   685  C CE  . LYS A 1 89  ? 4.854   -10.582 -24.071 1.00 23.37 ? 114 LYS A CE  1 
ATOM   686  N NZ  . LYS A 1 89  ? 4.995   -10.697 -25.550 1.00 23.35 ? 114 LYS A NZ  1 
ATOM   687  N N   . PRO A 1 90  ? -0.509  -13.278 -22.667 1.00 11.95 ? 115 PRO A N   1 
ATOM   688  C CA  . PRO A 1 90  ? -1.663  -14.152 -22.429 1.00 11.90 ? 115 PRO A CA  1 
ATOM   689  C C   . PRO A 1 90  ? -1.599  -15.079 -21.206 1.00 11.71 ? 115 PRO A C   1 
ATOM   690  O O   . PRO A 1 90  ? -2.646  -15.515 -20.730 1.00 12.34 ? 115 PRO A O   1 
ATOM   691  C CB  . PRO A 1 90  ? -1.716  -14.992 -23.710 1.00 11.93 ? 115 PRO A CB  1 
ATOM   692  C CG  . PRO A 1 90  ? -1.159  -14.094 -24.739 1.00 11.58 ? 115 PRO A CG  1 
ATOM   693  C CD  . PRO A 1 90  ? -0.022  -13.380 -24.055 1.00 12.14 ? 115 PRO A CD  1 
ATOM   694  N N   . GLY A 1 91  ? -0.400  -15.390 -20.717 1.00 12.15 ? 116 GLY A N   1 
ATOM   695  C CA  . GLY A 1 91  ? -0.217  -16.254 -19.552 1.00 12.36 ? 116 GLY A CA  1 
ATOM   696  C C   . GLY A 1 91  ? -0.619  -15.619 -18.226 1.00 12.54 ? 116 GLY A C   1 
ATOM   697  O O   . GLY A 1 91  ? -0.639  -16.284 -17.178 1.00 13.41 ? 116 GLY A O   1 
ATOM   698  N N   . TYR A 1 92  ? -0.910  -14.323 -18.274 1.00 12.55 ? 117 TYR A N   1 
ATOM   699  C CA  . TYR A 1 92  ? -1.334  -13.580 -17.095 1.00 12.87 ? 117 TYR A CA  1 
ATOM   700  C C   . TYR A 1 92  ? -2.697  -12.953 -17.331 1.00 12.97 ? 117 TYR A C   1 
ATOM   701  O O   . TYR A 1 92  ? -3.042  -12.621 -18.455 1.00 12.83 ? 117 TYR A O   1 
ATOM   702  C CB  . TYR A 1 92  ? -0.322  -12.479 -16.778 1.00 11.86 ? 117 TYR A CB  1 
ATOM   703  C CG  . TYR A 1 92  ? 1.075   -13.017 -16.509 1.00 12.70 ? 117 TYR A CG  1 
ATOM   704  C CD1 . TYR A 1 92  ? 1.420   -13.489 -15.252 1.00 11.13 ? 117 TYR A CD1 1 
ATOM   705  C CD2 . TYR A 1 92  ? 2.026   -13.083 -17.528 1.00 12.75 ? 117 TYR A CD2 1 
ATOM   706  C CE1 . TYR A 1 92  ? 2.676   -14.003 -14.993 1.00 12.26 ? 117 TYR A CE1 1 
ATOM   707  C CE2 . TYR A 1 92  ? 3.308   -13.590 -17.276 1.00 13.47 ? 117 TYR A CE2 1 
ATOM   708  C CZ  . TYR A 1 92  ? 3.616   -14.050 -16.010 1.00 12.38 ? 117 TYR A CZ  1 
ATOM   709  O OH  . TYR A 1 92  ? 4.867   -14.555 -15.730 1.00 13.15 ? 117 TYR A OH  1 
ATOM   710  N N   . PRO A 1 93  ? -3.462  -12.744 -16.257 1.00 13.66 ? 118 PRO A N   1 
ATOM   711  C CA  . PRO A 1 93  ? -4.752  -12.062 -16.404 1.00 13.71 ? 118 PRO A CA  1 
ATOM   712  C C   . PRO A 1 93  ? -4.619  -10.659 -17.008 1.00 13.82 ? 118 PRO A C   1 
ATOM   713  O O   . PRO A 1 93  ? -3.580  -9.998  -16.834 1.00 13.49 ? 118 PRO A O   1 
ATOM   714  C CB  . PRO A 1 93  ? -5.255  -11.978 -14.959 1.00 13.37 ? 118 PRO A CB  1 
ATOM   715  C CG  . PRO A 1 93  ? -4.635  -13.168 -14.290 1.00 14.73 ? 118 PRO A CG  1 
ATOM   716  C CD  . PRO A 1 93  ? -3.243  -13.206 -14.877 1.00 13.54 ? 118 PRO A CD  1 
ATOM   717  N N   . PRO A 1 94  ? -5.658  -10.193 -17.718 1.00 14.08 ? 119 PRO A N   1 
ATOM   718  C CA  . PRO A 1 94  ? -5.613  -8.838  -18.245 1.00 14.01 ? 119 PRO A CA  1 
ATOM   719  C C   . PRO A 1 94  ? -5.639  -7.869  -17.072 1.00 13.59 ? 119 PRO A C   1 
ATOM   720  O O   . PRO A 1 94  ? -5.844  -8.308  -15.927 1.00 13.19 ? 119 PRO A O   1 
ATOM   721  C CB  . PRO A 1 94  ? -6.919  -8.713  -19.049 1.00 14.91 ? 119 PRO A CB  1 
ATOM   722  C CG  . PRO A 1 94  ? -7.471  -10.082 -19.162 1.00 15.97 ? 119 PRO A CG  1 
ATOM   723  C CD  . PRO A 1 94  ? -6.941  -10.861 -18.009 1.00 14.45 ? 119 PRO A CD  1 
ATOM   724  N N   . PRO A 1 95  ? -5.428  -6.576  -17.343 1.00 13.12 ? 120 PRO A N   1 
ATOM   725  C CA  . PRO A 1 95  ? -5.532  -5.588  -16.275 1.00 12.30 ? 120 PRO A CA  1 
ATOM   726  C C   . PRO A 1 95  ? -6.884  -5.615  -15.576 1.00 11.72 ? 120 PRO A C   1 
ATOM   727  O O   . PRO A 1 95  ? -7.924  -5.869  -16.198 1.00 11.49 ? 120 PRO A O   1 
ATOM   728  C CB  . PRO A 1 95  ? -5.385  -4.249  -17.000 1.00 12.55 ? 120 PRO A CB  1 
ATOM   729  C CG  . PRO A 1 95  ? -4.718  -4.569  -18.285 1.00 13.12 ? 120 PRO A CG  1 
ATOM   730  C CD  . PRO A 1 95  ? -5.159  -5.950  -18.649 1.00 13.47 ? 120 PRO A CD  1 
ATOM   731  N N   . ASP A 1 96  ? -6.861  -5.352  -14.278 1.00 11.43 ? 121 ASP A N   1 
ATOM   732  C CA  . ASP A 1 96  ? -8.081  -5.143  -13.515 1.00 11.64 ? 121 ASP A CA  1 
ATOM   733  C C   . ASP A 1 96  ? -8.734  -3.843  -13.966 1.00 12.06 ? 121 ASP A C   1 
ATOM   734  O O   . ASP A 1 96  ? -8.069  -2.818  -14.114 1.00 12.72 ? 121 ASP A O   1 
ATOM   735  C CB  . ASP A 1 96  ? -7.749  -4.957  -12.034 1.00 11.00 ? 121 ASP A CB  1 
ATOM   736  C CG  . ASP A 1 96  ? -7.518  -6.261  -11.281 1.00 12.21 ? 121 ASP A CG  1 
ATOM   737  O OD1 . ASP A 1 96  ? -7.653  -7.375  -11.848 1.00 13.09 ? 121 ASP A OD1 1 
ATOM   738  O OD2 . ASP A 1 96  ? -7.197  -6.139  -10.062 1.00 10.04 ? 121 ASP A OD2 1 
ATOM   739  N N   . THR A 1 97  ? -10.045 -3.878  -14.138 1.00 12.75 ? 122 THR A N   1 
ATOM   740  C CA  . THR A 1 97  ? -10.799 -2.649  -14.366 1.00 12.44 ? 122 THR A CA  1 
ATOM   741  C C   . THR A 1 97  ? -11.083 -2.025  -12.998 1.00 12.56 ? 122 THR A C   1 
ATOM   742  O O   . THR A 1 97  ? -11.100 -2.736  -11.986 1.00 11.46 ? 122 THR A O   1 
ATOM   743  C CB  . THR A 1 97  ? -12.133 -2.952  -15.071 1.00 12.61 ? 122 THR A CB  1 
ATOM   744  O OG1 . THR A 1 97  ? -12.936 -3.777  -14.214 1.00 12.52 ? 122 THR A OG1 1 
ATOM   745  C CG2 . THR A 1 97  ? -11.891 -3.698  -16.386 1.00 13.87 ? 122 THR A CG2 1 
ATOM   746  N N   . PRO A 1 98  ? -11.297 -0.699  -12.948 1.00 12.31 ? 123 PRO A N   1 
ATOM   747  C CA  . PRO A 1 98  ? -11.726 -0.079  -11.691 1.00 12.55 ? 123 PRO A CA  1 
ATOM   748  C C   . PRO A 1 98  ? -12.966 -0.773  -11.115 1.00 12.45 ? 123 PRO A C   1 
ATOM   749  O O   . PRO A 1 98  ? -13.072 -0.916  -9.897  1.00 12.24 ? 123 PRO A O   1 
ATOM   750  C CB  . PRO A 1 98  ? -12.043 1.359   -12.100 1.00 12.48 ? 123 PRO A CB  1 
ATOM   751  C CG  . PRO A 1 98  ? -11.084 1.604   -13.236 1.00 12.45 ? 123 PRO A CG  1 
ATOM   752  C CD  . PRO A 1 98  ? -10.979 0.314   -13.980 1.00 12.98 ? 123 PRO A CD  1 
ATOM   753  N N   . GLU A 1 99  ? -13.887 -1.208  -11.978 1.00 13.49 ? 124 GLU A N   1 
ATOM   754  C CA  . GLU A 1 99  ? -15.088 -1.929  -11.523 1.00 13.62 ? 124 GLU A CA  1 
ATOM   755  C C   . GLU A 1 99  ? -14.744 -3.216  -10.759 1.00 13.68 ? 124 GLU A C   1 
ATOM   756  O O   . GLU A 1 99  ? -15.339 -3.506  -9.727  1.00 12.79 ? 124 GLU A O   1 
ATOM   757  C CB  . GLU A 1 99  ? -16.023 -2.240  -12.714 1.00 14.29 ? 124 GLU A CB  1 
ATOM   758  C CG  . GLU A 1 99  ? -17.228 -3.127  -12.358 1.00 17.73 ? 124 GLU A CG  1 
ATOM   759  C CD  . GLU A 1 99  ? -18.090 -3.565  -13.559 1.00 20.89 ? 124 GLU A CD  1 
ATOM   760  O OE1 . GLU A 1 99  ? -17.797 -3.198  -14.731 1.00 22.83 ? 124 GLU A OE1 1 
ATOM   761  O OE2 . GLU A 1 99  ? -19.100 -4.274  -13.324 1.00 22.46 ? 124 GLU A OE2 1 
ATOM   762  N N   . MET A 1 100 ? -13.816 -3.998  -11.291 1.00 12.87 ? 125 MET A N   1 
ATOM   763  C CA  . MET A 1 100 ? -13.387 -5.244  -10.645 1.00 13.08 ? 125 MET A CA  1 
ATOM   764  C C   . MET A 1 100 ? -12.754 -4.976  -9.294  1.00 12.27 ? 125 MET A C   1 
ATOM   765  O O   . MET A 1 100 ? -12.980 -5.732  -8.341  1.00 13.18 ? 125 MET A O   1 
ATOM   766  C CB  . MET A 1 100 ? -12.382 -5.973  -11.536 1.00 13.27 ? 125 MET A CB  1 
ATOM   767  C CG  . MET A 1 100 ? -13.010 -6.582  -12.781 1.00 13.26 ? 125 MET A CG  1 
ATOM   768  S SD  . MET A 1 100 ? -11.801 -7.225  -13.994 1.00 7.72  ? 125 MET A SD  1 
ATOM   769  C CE  . MET A 1 100 ? -10.902 -8.354  -12.905 1.00 13.92 ? 125 MET A CE  1 
ATOM   770  N N   . PHE A 1 101 ? -11.940 -3.919  -9.231  1.00 12.17 ? 126 PHE A N   1 
ATOM   771  C CA  . PHE A 1 101 ? -11.250 -3.527  -8.011  1.00 11.16 ? 126 PHE A CA  1 
ATOM   772  C C   . PHE A 1 101 ? -12.287 -3.130  -6.963  1.00 11.57 ? 126 PHE A C   1 
ATOM   773  O O   . PHE A 1 101 ? -12.249 -3.627  -5.835  1.00 11.34 ? 126 PHE A O   1 
ATOM   774  C CB  . PHE A 1 101 ? -10.292 -2.371  -8.347  1.00 10.51 ? 126 PHE A CB  1 
ATOM   775  C CG  . PHE A 1 101 ? -9.494  -1.817  -7.168  1.00 10.53 ? 126 PHE A CG  1 
ATOM   776  C CD1 . PHE A 1 101 ? -9.216  -2.564  -6.028  1.00 11.18 ? 126 PHE A CD1 1 
ATOM   777  C CD2 . PHE A 1 101 ? -8.957  -0.545  -7.277  1.00 10.44 ? 126 PHE A CD2 1 
ATOM   778  C CE1 . PHE A 1 101 ? -8.443  -2.015  -4.957  1.00 10.32 ? 126 PHE A CE1 1 
ATOM   779  C CE2 . PHE A 1 101 ? -8.191  0.027   -6.240  1.00 10.66 ? 126 PHE A CE2 1 
ATOM   780  C CZ  . PHE A 1 101 ? -7.921  -0.713  -5.081  1.00 11.54 ? 126 PHE A CZ  1 
ATOM   781  N N   . ARG A 1 102 ? -13.240 -2.279  -7.356  1.00 10.99 ? 127 ARG A N   1 
ATOM   782  C CA  . ARG A 1 102 ? -14.328 -1.865  -6.455  1.00 11.40 ? 127 ARG A CA  1 
ATOM   783  C C   . ARG A 1 102 ? -15.138 -3.029  -5.938  1.00 11.68 ? 127 ARG A C   1 
ATOM   784  O O   . ARG A 1 102 ? -15.462 -3.077  -4.745  1.00 12.50 ? 127 ARG A O   1 
ATOM   785  C CB  . ARG A 1 102 ? -15.262 -0.875  -7.155  1.00 11.73 ? 127 ARG A CB  1 
ATOM   786  C CG  . ARG A 1 102 ? -14.654 0.498   -7.327  1.00 10.48 ? 127 ARG A CG  1 
ATOM   787  C CD  . ARG A 1 102 ? -15.657 1.467   -7.971  1.00 12.06 ? 127 ARG A CD  1 
ATOM   788  N NE  . ARG A 1 102 ? -15.036 2.694   -8.487  1.00 14.16 ? 127 ARG A NE  1 
ATOM   789  C CZ  . ARG A 1 102 ? -14.669 3.742   -7.752  1.00 16.79 ? 127 ARG A CZ  1 
ATOM   790  N NH1 . ARG A 1 102 ? -14.828 3.750   -6.434  1.00 17.79 ? 127 ARG A NH1 1 
ATOM   791  N NH2 . ARG A 1 102 ? -14.152 4.812   -8.340  1.00 18.30 ? 127 ARG A NH2 1 
ATOM   792  N N   . LYS A 1 103 ? -15.449 -3.962  -6.838  1.00 12.11 ? 128 LYS A N   1 
ATOM   793  C CA  . LYS A 1 103 ? -16.259 -5.113  -6.485  1.00 12.28 ? 128 LYS A CA  1 
ATOM   794  C C   . LYS A 1 103 ? -15.549 -6.010  -5.469  1.00 11.60 ? 128 LYS A C   1 
ATOM   795  O O   . LYS A 1 103 ? -16.177 -6.522  -4.553  1.00 10.13 ? 128 LYS A O   1 
ATOM   796  C CB  . LYS A 1 103 ? -16.640 -5.909  -7.745  1.00 12.98 ? 128 LYS A CB  1 
ATOM   797  C CG  . LYS A 1 103 ? -17.522 -7.132  -7.496  1.00 16.34 ? 128 LYS A CG  1 
ATOM   798  C CD  . LYS A 1 103 ? -18.848 -6.728  -6.904  1.00 20.86 ? 128 LYS A CD  1 
ATOM   799  C CE  . LYS A 1 103 ? -19.925 -7.759  -7.140  1.00 21.54 ? 128 LYS A CE  1 
ATOM   800  N NZ  . LYS A 1 103 ? -21.244 -7.102  -7.040  1.00 24.57 ? 128 LYS A NZ  1 
ATOM   801  N N   . PHE A 1 104 ? -14.245 -6.185  -5.653  1.00 10.70 ? 129 PHE A N   1 
ATOM   802  C CA  . PHE A 1 104 ? -13.444 -6.980  -4.725  1.00 11.34 ? 129 PHE A CA  1 
ATOM   803  C C   . PHE A 1 104 ? -13.486 -6.350  -3.345  1.00 10.97 ? 129 PHE A C   1 
ATOM   804  O O   . PHE A 1 104 ? -13.749 -7.031  -2.326  1.00 11.45 ? 129 PHE A O   1 
ATOM   805  C CB  . PHE A 1 104 ? -11.993 -7.122  -5.225  1.00 10.78 ? 129 PHE A CB  1 
ATOM   806  C CG  . PHE A 1 104 ? -11.097 -7.806  -4.254  1.00 11.17 ? 129 PHE A CG  1 
ATOM   807  C CD1 . PHE A 1 104 ? -10.958 -9.188  -4.272  1.00 12.61 ? 129 PHE A CD1 1 
ATOM   808  C CD2 . PHE A 1 104 ? -10.413 -7.071  -3.275  1.00 13.09 ? 129 PHE A CD2 1 
ATOM   809  C CE1 . PHE A 1 104 ? -10.133 -9.835  -3.329  1.00 13.15 ? 129 PHE A CE1 1 
ATOM   810  C CE2 . PHE A 1 104 ? -9.594  -7.712  -2.333  1.00 14.91 ? 129 PHE A CE2 1 
ATOM   811  C CZ  . PHE A 1 104 ? -9.455  -9.097  -2.367  1.00 14.31 ? 129 PHE A CZ  1 
ATOM   812  N N   . ILE A 1 105 ? -13.244 -5.044  -3.289  1.00 10.44 ? 130 ILE A N   1 
ATOM   813  C CA  . ILE A 1 105 ? -13.250 -4.338  -2.008  1.00 10.57 ? 130 ILE A CA  1 
ATOM   814  C C   . ILE A 1 105 ? -14.649 -4.314  -1.375  1.00 10.63 ? 130 ILE A C   1 
ATOM   815  O O   . ILE A 1 105 ? -14.778 -4.463  -0.139  1.00 11.58 ? 130 ILE A O   1 
ATOM   816  C CB  . ILE A 1 105 ? -12.626 -2.908  -2.138  1.00 9.98  ? 130 ILE A CB  1 
ATOM   817  C CG1 . ILE A 1 105 ? -11.168 -3.013  -2.595  1.00 10.16 ? 130 ILE A CG1 1 
ATOM   818  C CG2 . ILE A 1 105 ? -12.769 -2.103  -0.816  1.00 11.47 ? 130 ILE A CG2 1 
ATOM   819  C CD1 . ILE A 1 105 ? -10.203 -3.705  -1.582  1.00 10.46 ? 130 ILE A CD1 1 
ATOM   820  N N   . ALA A 1 106 ? -15.692 -4.187  -2.193  1.00 10.67 ? 131 ALA A N   1 
ATOM   821  C CA  . ALA A 1 106 ? -17.067 -4.222  -1.657  1.00 11.23 ? 131 ALA A CA  1 
ATOM   822  C C   . ALA A 1 106 ? -17.390 -5.597  -1.084  1.00 11.36 ? 131 ALA A C   1 
ATOM   823  O O   . ALA A 1 106 ? -18.043 -5.694  -0.033  1.00 12.28 ? 131 ALA A O   1 
ATOM   824  C CB  . ALA A 1 106 ? -18.078 -3.843  -2.719  1.00 11.19 ? 131 ALA A CB  1 
ATOM   825  N N   . ASN A 1 107 ? -16.932 -6.642  -1.767  1.00 11.93 ? 132 ASN A N   1 
ATOM   826  C CA  . ASN A 1 107 ? -17.194 -8.020  -1.339  1.00 12.18 ? 132 ASN A CA  1 
ATOM   827  C C   . ASN A 1 107 ? -16.430 -8.445  -0.101  1.00 12.07 ? 132 ASN A C   1 
ATOM   828  O O   . ASN A 1 107 ? -16.979 -9.171  0.749   1.00 13.39 ? 132 ASN A O   1 
ATOM   829  C CB  . ASN A 1 107 ? -16.847 -9.020  -2.455  1.00 12.08 ? 132 ASN A CB  1 
ATOM   830  C CG  . ASN A 1 107 ? -17.956 -9.186  -3.464  1.00 15.18 ? 132 ASN A CG  1 
ATOM   831  O OD1 . ASN A 1 107 ? -17.701 -9.572  -4.619  1.00 19.97 ? 132 ASN A OD1 1 
ATOM   832  N ND2 . ASN A 1 107 ? -19.181 -8.917  -3.055  1.00 14.24 ? 132 ASN A ND2 1 
ATOM   833  N N   . TYR A 1 108 ? -15.163 -8.048  -0.003  1.00 11.93 ? 133 TYR A N   1 
ATOM   834  C CA  . TYR A 1 108 ? -14.275 -8.630  1.021   1.00 11.67 ? 133 TYR A CA  1 
ATOM   835  C C   . TYR A 1 108 ? -13.603 -7.637  1.940   1.00 12.23 ? 133 TYR A C   1 
ATOM   836  O O   . TYR A 1 108 ? -13.132 -7.998  3.021   1.00 12.88 ? 133 TYR A O   1 
ATOM   837  C CB  . TYR A 1 108 ? -13.204 -9.501  0.363   1.00 10.99 ? 133 TYR A CB  1 
ATOM   838  C CG  . TYR A 1 108 ? -13.775 -10.544 -0.559  1.00 10.93 ? 133 TYR A CG  1 
ATOM   839  C CD1 . TYR A 1 108 ? -14.532 -11.598 -0.060  1.00 11.08 ? 133 TYR A CD1 1 
ATOM   840  C CD2 . TYR A 1 108 ? -13.547 -10.485 -1.938  1.00 10.34 ? 133 TYR A CD2 1 
ATOM   841  C CE1 . TYR A 1 108 ? -15.060 -12.566 -0.899  1.00 11.57 ? 133 TYR A CE1 1 
ATOM   842  C CE2 . TYR A 1 108 ? -14.078 -11.449 -2.785  1.00 11.21 ? 133 TYR A CE2 1 
ATOM   843  C CZ  . TYR A 1 108 ? -14.842 -12.482 -2.253  1.00 11.07 ? 133 TYR A CZ  1 
ATOM   844  O OH  . TYR A 1 108 ? -15.360 -13.462 -3.066  1.00 11.10 ? 133 TYR A OH  1 
ATOM   845  N N   . GLY A 1 109 ? -13.548 -6.384  1.508   1.00 12.67 ? 134 GLY A N   1 
ATOM   846  C CA  . GLY A 1 109 ? -12.817 -5.350  2.247   1.00 13.66 ? 134 GLY A CA  1 
ATOM   847  C C   . GLY A 1 109 ? -13.743 -4.392  2.971   1.00 15.12 ? 134 GLY A C   1 
ATOM   848  O O   . GLY A 1 109 ? -14.844 -4.777  3.395   1.00 14.82 ? 134 GLY A O   1 
ATOM   849  N N   . ASP A 1 110 ? -13.288 -3.148  3.133   1.00 15.92 ? 135 ASP A N   1 
ATOM   850  C CA  . ASP A 1 110 ? -13.966 -2.181  4.027   1.00 16.93 ? 135 ASP A CA  1 
ATOM   851  C C   . ASP A 1 110 ? -14.195 -0.844  3.348   1.00 17.77 ? 135 ASP A C   1 
ATOM   852  O O   . ASP A 1 110 ? -13.327 -0.363  2.580   1.00 17.75 ? 135 ASP A O   1 
ATOM   853  C CB  . ASP A 1 110 ? -13.204 -2.015  5.358   1.00 16.51 ? 135 ASP A CB  1 
ATOM   854  C CG  . ASP A 1 110 ? -14.020 -1.284  6.435   1.00 18.61 ? 135 ASP A CG  1 
ATOM   855  O OD1 . ASP A 1 110 ? -14.595 -1.986  7.298   1.00 19.84 ? 135 ASP A OD1 1 
ATOM   856  O OD2 . ASP A 1 110 ? -14.101 -0.028  6.400   1.00 15.74 ? 135 ASP A OD2 1 
ATOM   857  N N   . PRO A 1 111 ? -15.378 -0.238  3.611   1.00 18.02 ? 136 PRO A N   1 
ATOM   858  C CA  . PRO A 1 111 ? -15.781 0.989   2.919   1.00 18.96 ? 136 PRO A CA  1 
ATOM   859  C C   . PRO A 1 111 ? -14.959 2.228   3.281   1.00 19.40 ? 136 PRO A C   1 
ATOM   860  O O   . PRO A 1 111 ? -14.897 3.170   2.490   1.00 20.17 ? 136 PRO A O   1 
ATOM   861  C CB  . PRO A 1 111 ? -17.260 1.164   3.311   1.00 18.71 ? 136 PRO A CB  1 
ATOM   862  C CG  . PRO A 1 111 ? -17.562 0.106   4.349   1.00 18.43 ? 136 PRO A CG  1 
ATOM   863  C CD  . PRO A 1 111 ? -16.535 -0.958  4.181   1.00 18.44 ? 136 PRO A CD  1 
ATOM   864  N N   . SER A 1 112 ? -14.334 2.215   4.454   1.00 18.89 ? 137 SER A N   1 
ATOM   865  C CA  . SER A 1 112 ? -13.506 3.321   4.899   1.00 19.54 ? 137 SER A CA  1 
ATOM   866  C C   . SER A 1 112 ? -12.131 3.392   4.203   1.00 19.21 ? 137 SER A C   1 
ATOM   867  O O   . SER A 1 112 ? -11.457 4.418   4.283   1.00 19.98 ? 137 SER A O   1 
ATOM   868  C CB  . SER A 1 112 ? -13.318 3.287   6.425   1.00 19.82 ? 137 SER A CB  1 
ATOM   869  O OG  . SER A 1 112 ? -12.376 2.299   6.810   1.00 21.10 ? 137 SER A OG  1 
ATOM   870  N N   . TRP A 1 113 ? -11.711 2.322   3.530   1.00 18.74 ? 138 TRP A N   1 
ATOM   871  C CA  . TRP A 1 113 ? -10.360 2.279   2.938   1.00 17.71 ? 138 TRP A CA  1 
ATOM   872  C C   . TRP A 1 113 ? -10.179 3.204   1.755   1.00 17.29 ? 138 TRP A C   1 
ATOM   873  O O   . TRP A 1 113 ? -11.083 3.391   0.958   1.00 18.40 ? 138 TRP A O   1 
ATOM   874  C CB  . TRP A 1 113 ? -10.014 0.867   2.475   1.00 17.36 ? 138 TRP A CB  1 
ATOM   875  C CG  . TRP A 1 113 ? -9.972  -0.141  3.536   1.00 16.57 ? 138 TRP A CG  1 
ATOM   876  C CD1 . TRP A 1 113 ? -10.012 0.074   4.892   1.00 17.70 ? 138 TRP A CD1 1 
ATOM   877  C CD2 . TRP A 1 113 ? -9.843  -1.547  3.360   1.00 16.16 ? 138 TRP A CD2 1 
ATOM   878  N NE1 . TRP A 1 113 ? -9.929  -1.118  5.563   1.00 16.25 ? 138 TRP A NE1 1 
ATOM   879  C CE2 . TRP A 1 113 ? -9.818  -2.131  4.650   1.00 16.97 ? 138 TRP A CE2 1 
ATOM   880  C CE3 . TRP A 1 113 ? -9.751  -2.385  2.230   1.00 16.15 ? 138 TRP A CE3 1 
ATOM   881  C CZ2 . TRP A 1 113 ? -9.713  -3.501  4.846   1.00 16.05 ? 138 TRP A CZ2 1 
ATOM   882  C CZ3 . TRP A 1 113 ? -9.642  -3.763  2.433   1.00 14.98 ? 138 TRP A CZ3 1 
ATOM   883  C CH2 . TRP A 1 113 ? -9.620  -4.303  3.728   1.00 16.91 ? 138 TRP A CH2 1 
ATOM   884  N N   . ILE A 1 114 ? -8.972  3.744   1.609   1.00 15.10 ? 139 ILE A N   1 
ATOM   885  C CA  . ILE A 1 114 ? -8.618  4.511   0.421   1.00 14.40 ? 139 ILE A CA  1 
ATOM   886  C C   . ILE A 1 114 ? -8.275  3.497   -0.673  1.00 13.44 ? 139 ILE A C   1 
ATOM   887  O O   . ILE A 1 114 ? -7.607  2.518   -0.399  1.00 13.76 ? 139 ILE A O   1 
ATOM   888  C CB  . ILE A 1 114 ? -7.408  5.435   0.743   1.00 13.16 ? 139 ILE A CB  1 
ATOM   889  C CG1 . ILE A 1 114 ? -7.755  6.382   1.907   1.00 15.21 ? 139 ILE A CG1 1 
ATOM   890  C CG2 . ILE A 1 114 ? -6.927  6.216   -0.498  1.00 15.52 ? 139 ILE A CG2 1 
ATOM   891  C CD1 . ILE A 1 114 ? -6.563  7.183   2.431   1.00 13.63 ? 139 ILE A CD1 1 
ATOM   892  N N   . MET A 1 115 ? -8.746  3.722   -1.893  1.00 13.69 ? 140 MET A N   1 
ATOM   893  C CA  . MET A 1 115 ? -8.455  2.819   -3.013  1.00 13.61 ? 140 MET A CA  1 
ATOM   894  C C   . MET A 1 115 ? -7.566  3.557   -4.028  1.00 13.16 ? 140 MET A C   1 
ATOM   895  O O   . MET A 1 115 ? -7.835  4.696   -4.417  1.00 12.95 ? 140 MET A O   1 
ATOM   896  C CB  . MET A 1 115 ? -9.745  2.291   -3.675  1.00 12.75 ? 140 MET A CB  1 
ATOM   897  C CG  . MET A 1 115 ? -10.524 1.179   -2.875  1.00 14.51 ? 140 MET A CG  1 
ATOM   898  S SD  . MET A 1 115 ? -12.127 0.800   -3.645  1.00 13.23 ? 140 MET A SD  1 
ATOM   899  C CE  . MET A 1 115 ? -13.157 2.108   -3.038  1.00 19.19 ? 140 MET A CE  1 
ATOM   900  N N   . VAL A 1 116 ? -6.488  2.904   -4.445  1.00 12.66 ? 141 VAL A N   1 
ATOM   901  C CA  . VAL A 1 116 ? -5.492  3.517   -5.320  1.00 12.73 ? 141 VAL A CA  1 
ATOM   902  C C   . VAL A 1 116 ? -5.189  2.511   -6.414  1.00 12.28 ? 141 VAL A C   1 
ATOM   903  O O   . VAL A 1 116 ? -5.159  1.322   -6.146  1.00 13.19 ? 141 VAL A O   1 
ATOM   904  C CB  . VAL A 1 116 ? -4.178  3.823   -4.514  1.00 11.97 ? 141 VAL A CB  1 
ATOM   905  C CG1 . VAL A 1 116 ? -3.005  4.107   -5.406  1.00 13.66 ? 141 VAL A CG1 1 
ATOM   906  C CG2 . VAL A 1 116 ? -4.399  5.010   -3.567  1.00 11.79 ? 141 VAL A CG2 1 
ATOM   907  N N   . MET A 1 117 ? -5.006  2.975   -7.644  1.00 12.35 ? 142 MET A N   1 
ATOM   908  C CA  . MET A 1 117 ? -4.491  2.092   -8.690  1.00 12.52 ? 142 MET A CA  1 
ATOM   909  C C   . MET A 1 117 ? -3.099  2.596   -9.064  1.00 13.44 ? 142 MET A C   1 
ATOM   910  O O   . MET A 1 117 ? -2.885  3.820   -9.194  1.00 15.04 ? 142 MET A O   1 
ATOM   911  C CB  . MET A 1 117 ? -5.453  2.011   -9.892  1.00 12.38 ? 142 MET A CB  1 
ATOM   912  C CG  . MET A 1 117 ? -6.868  1.432   -9.577  1.00 12.98 ? 142 MET A CG  1 
ATOM   913  S SD  . MET A 1 117 ? -7.841  0.828   -11.010 1.00 6.92  ? 142 MET A SD  1 
ATOM   914  C CE  . MET A 1 117 ? -7.293  -0.888  -11.026 1.00 13.93 ? 142 MET A CE  1 
ATOM   915  N N   . ASP A 1 118 ? -2.135  1.679   -9.153  1.00 12.74 ? 143 ASP A N   1 
ATOM   916  C CA  . ASP A 1 118 ? -0.736  2.049   -9.398  1.00 12.24 ? 143 ASP A CA  1 
ATOM   917  C C   . ASP A 1 118 ? -0.330  1.699   -10.808 1.00 12.81 ? 143 ASP A C   1 
ATOM   918  O O   . ASP A 1 118 ? -0.731  0.670   -11.342 1.00 13.54 ? 143 ASP A O   1 
ATOM   919  C CB  . ASP A 1 118 ? 0.171   1.302   -8.415  1.00 12.01 ? 143 ASP A CB  1 
ATOM   920  C CG  . ASP A 1 118 ? 1.655   1.605   -8.613  1.00 11.39 ? 143 ASP A CG  1 
ATOM   921  O OD1 . ASP A 1 118 ? 2.025   2.786   -8.673  1.00 11.86 ? 143 ASP A OD1 1 
ATOM   922  O OD2 . ASP A 1 118 ? 2.455   0.637   -8.633  1.00 11.24 ? 143 ASP A OD2 1 
ATOM   923  N N   . ASP A 1 119 ? 0.512   2.551   -11.383 1.00 11.88 ? 144 ASP A N   1 
ATOM   924  C CA  . ASP A 1 119 ? 1.035   2.340   -12.726 1.00 11.44 ? 144 ASP A CA  1 
ATOM   925  C C   . ASP A 1 119 ? 2.393   1.624   -12.732 1.00 10.74 ? 144 ASP A C   1 
ATOM   926  O O   . ASP A 1 119 ? 3.062   1.596   -13.762 1.00 10.07 ? 144 ASP A O   1 
ATOM   927  C CB  . ASP A 1 119 ? 1.122   3.687   -13.466 1.00 11.44 ? 144 ASP A CB  1 
ATOM   928  C CG  . ASP A 1 119 ? 2.126   4.654   -12.833 1.00 13.79 ? 144 ASP A CG  1 
ATOM   929  O OD1 . ASP A 1 119 ? 2.749   4.330   -11.815 1.00 11.69 ? 144 ASP A OD1 1 
ATOM   930  O OD2 . ASP A 1 119 ? 2.287   5.769   -13.369 1.00 14.80 ? 144 ASP A OD2 1 
ATOM   931  N N   . GLY A 1 120 ? 2.791   1.044   -11.599 1.00 10.20 ? 145 GLY A N   1 
ATOM   932  C CA  . GLY A 1 120 ? 4.116   0.423   -11.463 1.00 10.54 ? 145 GLY A CA  1 
ATOM   933  C C   . GLY A 1 120 ? 5.097   1.293   -10.683 1.00 10.92 ? 145 GLY A C   1 
ATOM   934  O O   . GLY A 1 120 ? 6.100   0.787   -10.179 1.00 10.68 ? 145 GLY A O   1 
ATOM   935  N N   . SER A 1 121 ? 4.817   2.606   -10.594 1.00 11.30 ? 146 SER A N   1 
ATOM   936  C CA  . SER A 1 121 ? 5.653   3.541   -9.798  1.00 11.57 ? 146 SER A CA  1 
ATOM   937  C C   . SER A 1 121 ? 5.823   3.142   -8.341  1.00 10.37 ? 146 SER A C   1 
ATOM   938  O O   . SER A 1 121 ? 6.935   3.200   -7.789  1.00 9.82  ? 146 SER A O   1 
ATOM   939  C CB  . SER A 1 121 ? 5.064   4.974   -9.816  1.00 11.31 ? 146 SER A CB  1 
ATOM   940  O OG  . SER A 1 121 ? 5.075   5.491   -11.130 1.00 16.65 ? 146 SER A OG  1 
ATOM   941  N N   . LEU A 1 122 ? 4.718   2.758   -7.709  1.00 10.39 ? 147 LEU A N   1 
ATOM   942  C CA  . LEU A 1 122 ? 4.766   2.441   -6.279  1.00 9.70  ? 147 LEU A CA  1 
ATOM   943  C C   . LEU A 1 122 ? 5.332   1.041   -6.088  1.00 10.12 ? 147 LEU A C   1 
ATOM   944  O O   . LEU A 1 122 ? 6.000   0.766   -5.084  1.00 9.86  ? 147 LEU A O   1 
ATOM   945  C CB  . LEU A 1 122 ? 3.393   2.576   -5.624  1.00 10.62 ? 147 LEU A CB  1 
ATOM   946  C CG  . LEU A 1 122 ? 2.889   4.021   -5.583  1.00 10.63 ? 147 LEU A CG  1 
ATOM   947  C CD1 . LEU A 1 122 ? 1.380   4.017   -5.306  1.00 11.57 ? 147 LEU A CD1 1 
ATOM   948  C CD2 . LEU A 1 122 ? 3.658   4.879   -4.551  1.00 12.28 ? 147 LEU A CD2 1 
ATOM   949  N N   . VAL A 1 123 ? 5.069   0.166   -7.063  1.00 10.19 ? 148 VAL A N   1 
ATOM   950  C CA  . VAL A 1 123 ? 5.690   -1.168  -7.062  1.00 10.34 ? 148 VAL A CA  1 
ATOM   951  C C   . VAL A 1 123 ? 7.211   -1.031  -7.023  1.00 9.71  ? 148 VAL A C   1 
ATOM   952  O O   . VAL A 1 123 ? 7.901   -1.703  -6.234  1.00 9.37  ? 148 VAL A O   1 
ATOM   953  C CB  . VAL A 1 123 ? 5.210   -2.002  -8.264  1.00 10.50 ? 148 VAL A CB  1 
ATOM   954  C CG1 . VAL A 1 123 ? 6.113   -3.239  -8.456  1.00 10.97 ? 148 VAL A CG1 1 
ATOM   955  C CG2 . VAL A 1 123 ? 3.774   -2.436  -8.032  1.00 11.49 ? 148 VAL A CG2 1 
ATOM   956  N N   . GLU A 1 124 ? 7.741   -0.149  -7.857  1.00 9.37  ? 149 GLU A N   1 
ATOM   957  C CA  . GLU A 1 124 ? 9.171   0.106   -7.886  1.00 9.66  ? 149 GLU A CA  1 
ATOM   958  C C   . GLU A 1 124 ? 9.635   0.780   -6.599  1.00 9.31  ? 149 GLU A C   1 
ATOM   959  O O   . GLU A 1 124 ? 10.647  0.376   -6.005  1.00 9.78  ? 149 GLU A O   1 
ATOM   960  C CB  . GLU A 1 124 ? 9.506   0.975   -9.100  1.00 10.06 ? 149 GLU A CB  1 
ATOM   961  C CG  . GLU A 1 124 ? 10.991  1.357   -9.221  1.00 13.01 ? 149 GLU A CG  1 
ATOM   962  C CD  . GLU A 1 124 ? 11.270  2.285   -10.400 1.00 18.63 ? 149 GLU A CD  1 
ATOM   963  O OE1 . GLU A 1 124 ? 10.511  2.252   -11.392 1.00 22.81 ? 149 GLU A OE1 1 
ATOM   964  O OE2 . GLU A 1 124 ? 12.262  3.043   -10.353 1.00 21.56 ? 149 GLU A OE2 1 
ATOM   965  N N   . LYS A 1 125 ? 8.897   1.800   -6.164  1.00 8.96  ? 150 LYS A N   1 
ATOM   966  C CA  . LYS A 1 125 ? 9.276   2.556   -4.957  1.00 9.69  ? 150 LYS A CA  1 
ATOM   967  C C   . LYS A 1 125 ? 9.432   1.652   -3.732  1.00 9.86  ? 150 LYS A C   1 
ATOM   968  O O   . LYS A 1 125 ? 10.407  1.764   -2.993  1.00 11.20 ? 150 LYS A O   1 
ATOM   969  C CB  . LYS A 1 125 ? 8.228   3.646   -4.660  1.00 9.74  ? 150 LYS A CB  1 
ATOM   970  C CG  . LYS A 1 125 ? 8.575   4.578   -3.474  1.00 11.54 ? 150 LYS A CG  1 
ATOM   971  C CD  . LYS A 1 125 ? 9.528   5.670   -3.909  1.00 13.96 ? 150 LYS A CD  1 
ATOM   972  C CE  . LYS A 1 125 ? 9.621   6.793   -2.867  1.00 13.15 ? 150 LYS A CE  1 
ATOM   973  N NZ  . LYS A 1 125 ? 10.346  7.904   -3.501  1.00 13.55 ? 150 LYS A NZ  1 
ATOM   974  N N   . PHE A 1 126 ? 8.460   0.778   -3.514  1.00 9.33  ? 151 PHE A N   1 
ATOM   975  C CA  . PHE A 1 126 ? 8.415   -0.032  -2.301  1.00 10.43 ? 151 PHE A CA  1 
ATOM   976  C C   . PHE A 1 126 ? 8.946   -1.449  -2.480  1.00 10.52 ? 151 PHE A C   1 
ATOM   977  O O   . PHE A 1 126 ? 8.769   -2.299  -1.606  1.00 12.05 ? 151 PHE A O   1 
ATOM   978  C CB  . PHE A 1 126 ? 7.002   -0.012  -1.718  1.00 10.02 ? 151 PHE A CB  1 
ATOM   979  C CG  . PHE A 1 126 ? 6.669   1.309   -1.091  1.00 11.66 ? 151 PHE A CG  1 
ATOM   980  C CD1 . PHE A 1 126 ? 7.147   1.618   0.174   1.00 11.65 ? 151 PHE A CD1 1 
ATOM   981  C CD2 . PHE A 1 126 ? 5.947   2.261   -1.792  1.00 9.49  ? 151 PHE A CD2 1 
ATOM   982  C CE1 . PHE A 1 126 ? 6.884   2.858   0.743   1.00 12.42 ? 151 PHE A CE1 1 
ATOM   983  C CE2 . PHE A 1 126 ? 5.666   3.491   -1.217  1.00 13.00 ? 151 PHE A CE2 1 
ATOM   984  C CZ  . PHE A 1 126 ? 6.136   3.781   0.041   1.00 11.89 ? 151 PHE A CZ  1 
ATOM   985  N N   . ASN A 1 127 ? 9.622   -1.691  -3.594  1.00 10.15 ? 152 ASN A N   1 
ATOM   986  C CA  . ASN A 1 127 ? 10.281  -2.989  -3.785  1.00 10.36 ? 152 ASN A CA  1 
ATOM   987  C C   . ASN A 1 127 ? 9.300   -4.143  -3.586  1.00 10.09 ? 152 ASN A C   1 
ATOM   988  O O   . ASN A 1 127 ? 9.592   -5.143  -2.912  1.00 11.03 ? 152 ASN A O   1 
ATOM   989  C CB  . ASN A 1 127 ? 11.505  -3.084  -2.857  1.00 9.72  ? 152 ASN A CB  1 
ATOM   990  C CG  . ASN A 1 127 ? 12.417  -1.885  -3.011  1.00 10.58 ? 152 ASN A CG  1 
ATOM   991  O OD1 . ASN A 1 127 ? 12.634  -1.404  -4.122  1.00 12.13 ? 152 ASN A OD1 1 
ATOM   992  N ND2 . ASN A 1 127 ? 12.945  -1.394  -1.902  1.00 12.90 ? 152 ASN A ND2 1 
ATOM   993  N N   . VAL A 1 128 ? 8.139   -3.993  -4.202  1.00 9.26  ? 153 VAL A N   1 
ATOM   994  C CA  . VAL A 1 128 ? 7.005   -4.909  -3.972  1.00 9.46  ? 153 VAL A CA  1 
ATOM   995  C C   . VAL A 1 128 ? 7.307   -6.277  -4.585  1.00 9.94  ? 153 VAL A C   1 
ATOM   996  O O   . VAL A 1 128 ? 7.650   -6.374  -5.770  1.00 9.67  ? 153 VAL A O   1 
ATOM   997  C CB  . VAL A 1 128 ? 5.732   -4.309  -4.548  1.00 9.17  ? 153 VAL A CB  1 
ATOM   998  C CG1 . VAL A 1 128 ? 4.572   -5.283  -4.467  1.00 10.03 ? 153 VAL A CG1 1 
ATOM   999  C CG2 . VAL A 1 128 ? 5.400   -3.000  -3.788  1.00 10.45 ? 153 VAL A CG2 1 
ATOM   1000 N N   . ARG A 1 129 ? 7.167   -7.318  -3.771  1.00 8.97  ? 154 ARG A N   1 
ATOM   1001 C CA  . ARG A 1 129 ? 7.648   -8.661  -4.134  1.00 10.09 ? 154 ARG A CA  1 
ATOM   1002 C C   . ARG A 1 129 ? 6.556   -9.626  -4.617  1.00 9.67  ? 154 ARG A C   1 
ATOM   1003 O O   . ARG A 1 129 ? 6.867   -10.730 -5.052  1.00 9.34  ? 154 ARG A O   1 
ATOM   1004 C CB  . ARG A 1 129 ? 8.380   -9.290  -2.926  1.00 10.66 ? 154 ARG A CB  1 
ATOM   1005 C CG  . ARG A 1 129 ? 9.621   -8.526  -2.479  1.00 12.38 ? 154 ARG A CG  1 
ATOM   1006 C CD  . ARG A 1 129 ? 10.395  -9.341  -1.453  1.00 16.20 ? 154 ARG A CD  1 
ATOM   1007 N NE  . ARG A 1 129 ? 11.284  -10.307 -2.100  1.00 19.07 ? 154 ARG A NE  1 
ATOM   1008 C CZ  . ARG A 1 129 ? 12.469  -9.985  -2.620  1.00 20.20 ? 154 ARG A CZ  1 
ATOM   1009 N NH1 . ARG A 1 129 ? 12.911  -8.733  -2.560  1.00 19.62 ? 154 ARG A NH1 1 
ATOM   1010 N NH2 . ARG A 1 129 ? 13.231  -10.913 -3.180  1.00 21.56 ? 154 ARG A NH2 1 
ATOM   1011 N N   . SER A 1 130 ? 5.287   -9.219  -4.545  1.00 10.03 ? 155 SER A N   1 
ATOM   1012 C CA  . SER A 1 130 ? 4.166   -10.130 -4.896  1.00 9.63  ? 155 SER A CA  1 
ATOM   1013 C C   . SER A 1 130 ? 2.880   -9.345  -5.076  1.00 10.26 ? 155 SER A C   1 
ATOM   1014 O O   . SER A 1 130 ? 2.863   -8.126  -4.860  1.00 10.25 ? 155 SER A O   1 
ATOM   1015 C CB  . SER A 1 130 ? 3.954   -11.159 -3.778  1.00 10.71 ? 155 SER A CB  1 
ATOM   1016 O OG  . SER A 1 130 ? 3.331   -10.544 -2.647  1.00 11.76 ? 155 SER A OG  1 
ATOM   1017 N N   . ILE A 1 131 ? 1.816   -10.040 -5.478  1.00 9.15  ? 156 ILE A N   1 
ATOM   1018 C CA  . ILE A 1 131 ? 0.496   -9.415  -5.611  1.00 10.06 ? 156 ILE A CA  1 
ATOM   1019 C C   . ILE A 1 131 ? -0.326  -9.443  -4.314  1.00 9.48  ? 156 ILE A C   1 
ATOM   1020 O O   . ILE A 1 131 ? -1.527  -9.205  -4.338  1.00 9.69  ? 156 ILE A O   1 
ATOM   1021 C CB  . ILE A 1 131 ? -0.324  -10.062 -6.768  1.00 10.05 ? 156 ILE A CB  1 
ATOM   1022 C CG1 . ILE A 1 131 ? -0.530  -11.552 -6.498  1.00 11.87 ? 156 ILE A CG1 1 
ATOM   1023 C CG2 . ILE A 1 131 ? 0.375   -9.829  -8.113  1.00 12.15 ? 156 ILE A CG2 1 
ATOM   1024 C CD1 . ILE A 1 131 ? -1.459  -12.236 -7.501  1.00 11.91 ? 156 ILE A CD1 1 
ATOM   1025 N N   . ASP A 1 132 ? 0.325   -9.734  -3.192  1.00 9.32  ? 157 ASP A N   1 
ATOM   1026 C CA  . ASP A 1 132 ? -0.315  -9.638  -1.875  1.00 9.71  ? 157 ASP A CA  1 
ATOM   1027 C C   . ASP A 1 132 ? 0.787   -9.226  -0.911  1.00 9.51  ? 157 ASP A C   1 
ATOM   1028 O O   . ASP A 1 132 ? 1.342   -10.043 -0.169  1.00 9.75  ? 157 ASP A O   1 
ATOM   1029 C CB  . ASP A 1 132 ? -0.992  -10.964 -1.484  1.00 9.82  ? 157 ASP A CB  1 
ATOM   1030 C CG  . ASP A 1 132 ? -1.851  -10.860 -0.221  1.00 11.35 ? 157 ASP A CG  1 
ATOM   1031 O OD1 . ASP A 1 132 ? -1.839  -9.805  0.444   1.00 11.84 ? 157 ASP A OD1 1 
ATOM   1032 O OD2 . ASP A 1 132 ? -2.510  -11.873 0.148   1.00 12.72 ? 157 ASP A OD2 1 
ATOM   1033 N N   . TYR A 1 133 ? 1.098   -7.937  -0.925  1.00 9.39  ? 158 TYR A N   1 
ATOM   1034 C CA  . TYR A 1 133 ? 2.296   -7.440  -0.256  1.00 9.37  ? 158 TYR A CA  1 
ATOM   1035 C C   . TYR A 1 133 ? 1.909   -6.268  0.608   1.00 9.44  ? 158 TYR A C   1 
ATOM   1036 O O   . TYR A 1 133 ? 1.136   -5.418  0.191   1.00 9.60  ? 158 TYR A O   1 
ATOM   1037 C CB  . TYR A 1 133 ? 3.337   -7.018  -1.320  1.00 9.12  ? 158 TYR A CB  1 
ATOM   1038 C CG  . TYR A 1 133 ? 4.704   -6.627  -0.768  1.00 9.17  ? 158 TYR A CG  1 
ATOM   1039 C CD1 . TYR A 1 133 ? 5.690   -7.594  -0.547  1.00 9.53  ? 158 TYR A CD1 1 
ATOM   1040 C CD2 . TYR A 1 133 ? 5.011   -5.286  -0.502  1.00 10.60 ? 158 TYR A CD2 1 
ATOM   1041 C CE1 . TYR A 1 133 ? 6.937   -7.234  -0.055  1.00 11.71 ? 158 TYR A CE1 1 
ATOM   1042 C CE2 . TYR A 1 133 ? 6.267   -4.913  0.014   1.00 11.66 ? 158 TYR A CE2 1 
ATOM   1043 C CZ  . TYR A 1 133 ? 7.218   -5.898  0.221   1.00 13.31 ? 158 TYR A CZ  1 
ATOM   1044 O OH  . TYR A 1 133 ? 8.448   -5.559  0.725   1.00 14.72 ? 158 TYR A OH  1 
ATOM   1045 N N   . ILE A 1 134 ? 2.470   -6.224  1.813   1.00 9.65  ? 159 ILE A N   1 
ATOM   1046 C CA  . ILE A 1 134 ? 2.064   -5.272  2.841   1.00 10.31 ? 159 ILE A CA  1 
ATOM   1047 C C   . ILE A 1 134 ? 3.259   -4.405  3.230   1.00 9.67  ? 159 ILE A C   1 
ATOM   1048 O O   . ILE A 1 134 ? 4.355   -4.926  3.455   1.00 10.93 ? 159 ILE A O   1 
ATOM   1049 C CB  . ILE A 1 134 ? 1.544   -6.057  4.092   1.00 10.57 ? 159 ILE A CB  1 
ATOM   1050 C CG1 . ILE A 1 134 ? 0.160   -6.676  3.817   1.00 11.29 ? 159 ILE A CG1 1 
ATOM   1051 C CG2 . ILE A 1 134 ? 1.549   -5.187  5.365   1.00 10.45 ? 159 ILE A CG2 1 
ATOM   1052 C CD1 . ILE A 1 134 ? -0.987  -5.669  3.829   1.00 12.32 ? 159 ILE A CD1 1 
ATOM   1053 N N   . VAL A 1 135 ? 3.071   -3.086  3.241   1.00 9.84  ? 160 VAL A N   1 
ATOM   1054 C CA  . VAL A 1 135 ? 4.026   -2.161  3.888   1.00 10.04 ? 160 VAL A CA  1 
ATOM   1055 C C   . VAL A 1 135 ? 3.307   -1.432  5.025   1.00 10.59 ? 160 VAL A C   1 
ATOM   1056 O O   . VAL A 1 135 ? 2.285   -0.775  4.799   1.00 11.13 ? 160 VAL A O   1 
ATOM   1057 C CB  . VAL A 1 135 ? 4.588   -1.125  2.890   1.00 10.30 ? 160 VAL A CB  1 
ATOM   1058 C CG1 . VAL A 1 135 ? 5.621   -0.200  3.578   1.00 10.78 ? 160 VAL A CG1 1 
ATOM   1059 C CG2 . VAL A 1 135 ? 5.228   -1.834  1.714   1.00 10.02 ? 160 VAL A CG2 1 
ATOM   1060 N N   . ILE A 1 136 ? 3.839   -1.537  6.242   1.00 10.27 ? 161 ILE A N   1 
ATOM   1061 C CA  . ILE A 1 136 ? 3.269   -0.797  7.379   1.00 10.62 ? 161 ILE A CA  1 
ATOM   1062 C C   . ILE A 1 136 ? 4.235   0.308   7.786   1.00 11.39 ? 161 ILE A C   1 
ATOM   1063 O O   . ILE A 1 136 ? 5.418   0.035   8.001   1.00 11.66 ? 161 ILE A O   1 
ATOM   1064 C CB  . ILE A 1 136 ? 2.992   -1.710  8.584   1.00 11.07 ? 161 ILE A CB  1 
ATOM   1065 C CG1 . ILE A 1 136 ? 2.088   -2.868  8.159   1.00 11.26 ? 161 ILE A CG1 1 
ATOM   1066 C CG2 . ILE A 1 136 ? 2.351   -0.899  9.733   1.00 10.03 ? 161 ILE A CG2 1 
ATOM   1067 C CD1 . ILE A 1 136 ? 1.899   -3.939  9.235   1.00 13.58 ? 161 ILE A CD1 1 
ATOM   1068 N N   . MET A 1 137 ? 3.726   1.541   7.847   1.00 11.86 ? 162 MET A N   1 
ATOM   1069 C CA  . MET A 1 137 ? 4.528   2.720   8.195   1.00 13.28 ? 162 MET A CA  1 
ATOM   1070 C C   . MET A 1 137 ? 3.849   3.518   9.309   1.00 13.32 ? 162 MET A C   1 
ATOM   1071 O O   . MET A 1 137 ? 2.630   3.473   9.451   1.00 13.17 ? 162 MET A O   1 
ATOM   1072 C CB  . MET A 1 137 ? 4.666   3.649   6.983   1.00 13.37 ? 162 MET A CB  1 
ATOM   1073 C CG  . MET A 1 137 ? 5.812   3.345   6.037   1.00 16.93 ? 162 MET A CG  1 
ATOM   1074 S SD  . MET A 1 137 ? 5.676   4.292   4.466   1.00 24.49 ? 162 MET A SD  1 
ATOM   1075 C CE  . MET A 1 137 ? 4.330   5.244   4.804   1.00 3.65  ? 162 MET A CE  1 
ATOM   1076 N N   . ASP A 1 138 ? 4.643   4.262   10.076  1.00 14.03 ? 163 ASP A N   1 
ATOM   1077 C CA  . ASP A 1 138 ? 4.096   5.274   10.983  1.00 15.04 ? 163 ASP A CA  1 
ATOM   1078 C C   . ASP A 1 138 ? 4.107   6.650   10.298  1.00 15.88 ? 163 ASP A C   1 
ATOM   1079 O O   . ASP A 1 138 ? 4.526   6.759   9.156   1.00 16.90 ? 163 ASP A O   1 
ATOM   1080 C CB  . ASP A 1 138 ? 4.829   5.274   12.331  1.00 14.80 ? 163 ASP A CB  1 
ATOM   1081 C CG  . ASP A 1 138 ? 6.289   5.716   12.219  1.00 15.39 ? 163 ASP A CG  1 
ATOM   1082 O OD1 . ASP A 1 138 ? 6.681   6.364   11.224  1.00 15.41 ? 163 ASP A OD1 1 
ATOM   1083 O OD2 . ASP A 1 138 ? 7.046   5.407   13.155  1.00 15.29 ? 163 ASP A OD2 1 
ATOM   1084 N N   . LYS A 1 139 ? 3.633   7.703   10.963  1.00 17.22 ? 164 LYS A N   1 
ATOM   1085 C CA  . LYS A 1 139 ? 3.543   8.998   10.278  1.00 18.40 ? 164 LYS A CA  1 
ATOM   1086 C C   . LYS A 1 139 ? 4.894   9.686   10.001  1.00 18.89 ? 164 LYS A C   1 
ATOM   1087 O O   . LYS A 1 139 ? 4.970   10.598  9.170   1.00 19.72 ? 164 LYS A O   1 
ATOM   1088 C CB  . LYS A 1 139 ? 2.544   9.939   10.970  1.00 18.50 ? 164 LYS A CB  1 
ATOM   1089 C CG  . LYS A 1 139 ? 1.092   9.610   10.648  1.00 19.56 ? 164 LYS A CG  1 
ATOM   1090 C CD  . LYS A 1 139 ? 0.769   9.870   9.180   1.00 21.17 ? 164 LYS A CD  1 
ATOM   1091 C CE  . LYS A 1 139 ? -0.697  9.556   8.855   1.00 21.51 ? 164 LYS A CE  1 
ATOM   1092 N NZ  . LYS A 1 139 ? -1.619  10.467  9.608   1.00 21.67 ? 164 LYS A NZ  1 
ATOM   1093 N N   . SER A 1 140 ? 5.950   9.219   10.667  1.00 19.06 ? 165 SER A N   1 
ATOM   1094 C CA  . SER A 1 140 ? 7.320   9.667   10.391  1.00 19.02 ? 165 SER A CA  1 
ATOM   1095 C C   . SER A 1 140 ? 7.956   8.914   9.212   1.00 18.83 ? 165 SER A C   1 
ATOM   1096 O O   . SER A 1 140 ? 9.135   9.118   8.876   1.00 19.42 ? 165 SER A O   1 
ATOM   1097 C CB  . SER A 1 140 ? 8.169   9.491   11.649  1.00 19.09 ? 165 SER A CB  1 
ATOM   1098 O OG  . SER A 1 140 ? 7.679   10.326  12.686  1.00 20.47 ? 165 SER A OG  1 
ATOM   1099 N N   . SER A 1 141 ? 7.160   8.069   8.571   1.00 18.12 ? 166 SER A N   1 
ATOM   1100 C CA  . SER A 1 141 ? 7.607   7.206   7.472   1.00 17.84 ? 166 SER A CA  1 
ATOM   1101 C C   . SER A 1 141 ? 8.606   6.128   7.891   1.00 17.09 ? 166 SER A C   1 
ATOM   1102 O O   . SER A 1 141 ? 9.281   5.551   7.038   1.00 17.66 ? 166 SER A O   1 
ATOM   1103 C CB  . SER A 1 141 ? 8.154   8.019   6.285   1.00 17.96 ? 166 SER A CB  1 
ATOM   1104 O OG  . SER A 1 141 ? 7.146   8.838   5.700   1.00 17.92 ? 166 SER A OG  1 
ATOM   1105 N N   . ASN A 1 142 ? 8.675   5.808   9.181   1.00 15.82 ? 167 ASN A N   1 
ATOM   1106 C CA  . ASN A 1 142 ? 9.389   4.606   9.588   1.00 14.98 ? 167 ASN A CA  1 
ATOM   1107 C C   . ASN A 1 142 ? 8.654   3.369   9.096   1.00 14.45 ? 167 ASN A C   1 
ATOM   1108 O O   . ASN A 1 142 ? 7.432   3.279   9.215   1.00 14.28 ? 167 ASN A O   1 
ATOM   1109 C CB  . ASN A 1 142 ? 9.514   4.511   11.105  1.00 15.41 ? 167 ASN A CB  1 
ATOM   1110 C CG  . ASN A 1 142 ? 10.345  5.616   11.688  1.00 16.15 ? 167 ASN A CG  1 
ATOM   1111 O OD1 . ASN A 1 142 ? 11.495  5.820   11.297  1.00 16.05 ? 167 ASN A OD1 1 
ATOM   1112 N ND2 . ASN A 1 142 ? 9.762   6.353   12.629  1.00 15.99 ? 167 ASN A ND2 1 
ATOM   1113 N N   . VAL A 1 143 ? 9.396   2.416   8.549   1.00 13.49 ? 168 VAL A N   1 
ATOM   1114 C CA  . VAL A 1 143 ? 8.780   1.172   8.076   1.00 14.10 ? 168 VAL A CA  1 
ATOM   1115 C C   . VAL A 1 143 ? 8.817   0.148   9.190   1.00 14.06 ? 168 VAL A C   1 
ATOM   1116 O O   . VAL A 1 143 ? 9.893   -0.254  9.648   1.00 14.05 ? 168 VAL A O   1 
ATOM   1117 C CB  . VAL A 1 143 ? 9.460   0.619   6.804   1.00 13.56 ? 168 VAL A CB  1 
ATOM   1118 C CG1 . VAL A 1 143 ? 8.805   -0.717  6.374   1.00 14.10 ? 168 VAL A CG1 1 
ATOM   1119 C CG2 . VAL A 1 143 ? 9.408   1.656   5.676   1.00 14.25 ? 168 VAL A CG2 1 
ATOM   1120 N N   . LEU A 1 144 ? 7.624   -0.270  9.621   1.00 13.94 ? 169 LEU A N   1 
ATOM   1121 C CA  . LEU A 1 144 ? 7.465   -1.199  10.731  1.00 14.66 ? 169 LEU A CA  1 
ATOM   1122 C C   . LEU A 1 144 ? 7.436   -2.652  10.263  1.00 14.36 ? 169 LEU A C   1 
ATOM   1123 O O   . LEU A 1 144 ? 7.713   -3.576  11.040  1.00 13.85 ? 169 LEU A O   1 
ATOM   1124 C CB  . LEU A 1 144 ? 6.198   -0.845  11.505  1.00 14.96 ? 169 LEU A CB  1 
ATOM   1125 C CG  . LEU A 1 144 ? 6.235   0.227   12.601  1.00 18.20 ? 169 LEU A CG  1 
ATOM   1126 C CD1 . LEU A 1 144 ? 7.420   1.205   12.525  1.00 18.09 ? 169 LEU A CD1 1 
ATOM   1127 C CD2 . LEU A 1 144 ? 4.872   0.967   12.731  1.00 18.85 ? 169 LEU A CD2 1 
ATOM   1128 N N   . TYR A 1 145 ? 7.077   -2.842  8.997   1.00 14.20 ? 170 TYR A N   1 
ATOM   1129 C CA  . TYR A 1 145 ? 7.081   -4.145  8.334   1.00 13.83 ? 170 TYR A CA  1 
ATOM   1130 C C   . TYR A 1 145 ? 6.908   -3.937  6.828   1.00 13.94 ? 170 TYR A C   1 
ATOM   1131 O O   . TYR A 1 145 ? 6.147   -3.054  6.407   1.00 13.81 ? 170 TYR A O   1 
ATOM   1132 C CB  . TYR A 1 145 ? 5.927   -5.029  8.847   1.00 14.48 ? 170 TYR A CB  1 
ATOM   1133 C CG  . TYR A 1 145 ? 5.806   -6.333  8.102   1.00 15.26 ? 170 TYR A CG  1 
ATOM   1134 C CD1 . TYR A 1 145 ? 6.546   -7.449  8.487   1.00 16.91 ? 170 TYR A CD1 1 
ATOM   1135 C CD2 . TYR A 1 145 ? 4.961   -6.444  6.989   1.00 15.71 ? 170 TYR A CD2 1 
ATOM   1136 C CE1 . TYR A 1 145 ? 6.441   -8.652  7.789   1.00 16.80 ? 170 TYR A CE1 1 
ATOM   1137 C CE2 . TYR A 1 145 ? 4.858   -7.627  6.294   1.00 18.53 ? 170 TYR A CE2 1 
ATOM   1138 C CZ  . TYR A 1 145 ? 5.600   -8.727  6.691   1.00 17.10 ? 170 TYR A CZ  1 
ATOM   1139 O OH  . TYR A 1 145 ? 5.481   -9.902  5.979   1.00 18.48 ? 170 TYR A OH  1 
ATOM   1140 N N   . ALA A 1 146 ? 7.602   -4.734  6.024   1.00 13.12 ? 171 ALA A N   1 
ATOM   1141 C CA  . ALA A 1 146 ? 7.245   -4.872  4.607   1.00 13.79 ? 171 ALA A CA  1 
ATOM   1142 C C   . ALA A 1 146 ? 7.504   -6.304  4.188   1.00 13.91 ? 171 ALA A C   1 
ATOM   1143 O O   . ALA A 1 146 ? 8.597   -6.829  4.394   1.00 14.75 ? 171 ALA A O   1 
ATOM   1144 C CB  . ALA A 1 146 ? 8.029   -3.918  3.745   1.00 13.79 ? 171 ALA A CB  1 
ATOM   1145 N N   . GLY A 1 147 ? 6.499   -6.944  3.605   1.00 13.45 ? 172 GLY A N   1 
ATOM   1146 C CA  . GLY A 1 147 ? 6.668   -8.320  3.186   1.00 12.66 ? 172 GLY A CA  1 
ATOM   1147 C C   . GLY A 1 147 ? 5.443   -8.915  2.539   1.00 13.09 ? 172 GLY A C   1 
ATOM   1148 O O   . GLY A 1 147 ? 4.341   -8.364  2.627   1.00 13.16 ? 172 GLY A O   1 
ATOM   1149 N N   . THR A 1 148 ? 5.643   -10.053 1.886   1.00 12.55 ? 173 THR A N   1 
ATOM   1150 C CA  . THR A 1 148 ? 4.544   -10.770 1.248   1.00 13.05 ? 173 THR A CA  1 
ATOM   1151 C C   . THR A 1 148 ? 3.752   -11.572 2.281   1.00 13.28 ? 173 THR A C   1 
ATOM   1152 O O   . THR A 1 148 ? 4.328   -12.192 3.182   1.00 12.44 ? 173 THR A O   1 
ATOM   1153 C CB  . THR A 1 148 ? 5.051   -11.699 0.121   1.00 12.70 ? 173 THR A CB  1 
ATOM   1154 O OG1 . THR A 1 148 ? 5.638   -10.906 -0.915  1.00 16.43 ? 173 THR A OG1 1 
ATOM   1155 C CG2 . THR A 1 148 ? 3.907   -12.472 -0.484  1.00 13.54 ? 173 THR A CG2 1 
ATOM   1156 N N   . THR A 1 149 ? 2.427   -11.513 2.147   1.00 14.13 ? 174 THR A N   1 
ATOM   1157 C CA  . THR A 1 149 ? 1.485   -12.311 2.943   1.00 14.53 ? 174 THR A CA  1 
ATOM   1158 C C   . THR A 1 149 ? 1.906   -12.505 4.411   1.00 14.91 ? 174 THR A C   1 
ATOM   1159 O O   . THR A 1 149 ? 2.164   -13.641 4.835   1.00 14.50 ? 174 THR A O   1 
ATOM   1160 C CB  . THR A 1 149 ? 1.190   -13.692 2.271   1.00 14.69 ? 174 THR A CB  1 
ATOM   1161 O OG1 . THR A 1 149 ? 2.411   -14.443 2.140   1.00 14.76 ? 174 THR A OG1 1 
ATOM   1162 C CG2 . THR A 1 149 ? 0.544   -13.505 0.892   1.00 15.03 ? 174 THR A CG2 1 
ATOM   1163 N N   . PRO A 1 150 ? 1.995   -11.403 5.188   1.00 15.00 ? 175 PRO A N   1 
ATOM   1164 C CA  . PRO A 1 150 ? 2.261   -11.592 6.620   1.00 15.57 ? 175 PRO A CA  1 
ATOM   1165 C C   . PRO A 1 150 ? 1.074   -12.249 7.322   1.00 15.79 ? 175 PRO A C   1 
ATOM   1166 O O   . PRO A 1 150 ? -0.064  -12.073 6.894   1.00 16.29 ? 175 PRO A O   1 
ATOM   1167 C CB  . PRO A 1 150 ? 2.432   -10.160 7.133   1.00 15.66 ? 175 PRO A CB  1 
ATOM   1168 C CG  . PRO A 1 150 ? 1.680   -9.315  6.156   1.00 14.59 ? 175 PRO A CG  1 
ATOM   1169 C CD  . PRO A 1 150 ? 1.918   -9.968  4.835   1.00 15.52 ? 175 PRO A CD  1 
ATOM   1170 N N   . SER A 1 151 ? 1.335   -12.995 8.394   1.00 16.34 ? 176 SER A N   1 
ATOM   1171 C CA  . SER A 1 151 ? 0.264   -13.617 9.162   1.00 16.57 ? 176 SER A CA  1 
ATOM   1172 C C   . SER A 1 151 ? -0.437  -12.603 10.067  1.00 16.70 ? 176 SER A C   1 
ATOM   1173 O O   . SER A 1 151 ? 0.086   -11.512 10.299  1.00 16.36 ? 176 SER A O   1 
ATOM   1174 C CB  . SER A 1 151 ? 0.839   -14.736 10.023  1.00 16.22 ? 176 SER A CB  1 
ATOM   1175 O OG  . SER A 1 151 ? 1.663   -14.190 11.043  1.00 17.40 ? 176 SER A OG  1 
ATOM   1176 N N   . LEU A 1 152 ? -1.613  -12.972 10.587  1.00 17.00 ? 177 LEU A N   1 
ATOM   1177 C CA  . LEU A 1 152 ? -2.337  -12.117 11.539  1.00 16.98 ? 177 LEU A CA  1 
ATOM   1178 C C   . LEU A 1 152 ? -1.475  -11.809 12.764  1.00 17.33 ? 177 LEU A C   1 
ATOM   1179 O O   . LEU A 1 152 ? -1.448  -10.672 13.242  1.00 16.70 ? 177 LEU A O   1 
ATOM   1180 C CB  . LEU A 1 152 ? -3.664  -12.765 11.982  1.00 17.14 ? 177 LEU A CB  1 
ATOM   1181 C CG  . LEU A 1 152 ? -4.515  -11.974 12.983  1.00 16.83 ? 177 LEU A CG  1 
ATOM   1182 C CD1 . LEU A 1 152 ? -4.790  -10.560 12.475  1.00 16.87 ? 177 LEU A CD1 1 
ATOM   1183 C CD2 . LEU A 1 152 ? -5.833  -12.703 13.305  1.00 17.98 ? 177 LEU A CD2 1 
ATOM   1184 N N   . GLY A 1 153 ? -0.790  -12.838 13.266  1.00 18.22 ? 178 GLY A N   1 
ATOM   1185 C CA  . GLY A 1 153 ? 0.124   -12.703 14.392  1.00 18.95 ? 178 GLY A CA  1 
ATOM   1186 C C   . GLY A 1 153 ? 1.206   -11.664 14.156  1.00 19.88 ? 178 GLY A C   1 
ATOM   1187 O O   . GLY A 1 153 ? 1.509   -10.861 15.047  1.00 19.44 ? 178 GLY A O   1 
ATOM   1188 N N   . GLU A 1 154 ? 1.775   -11.670 12.946  1.00 20.52 ? 179 GLU A N   1 
ATOM   1189 C CA  . GLU A 1 154 ? 2.823   -10.715 12.574  1.00 21.08 ? 179 GLU A CA  1 
ATOM   1190 C C   . GLU A 1 154 ? 2.276   -9.296  12.540  1.00 21.23 ? 179 GLU A C   1 
ATOM   1191 O O   . GLU A 1 154 ? 2.892   -8.376  13.087  1.00 21.31 ? 179 GLU A O   1 
ATOM   1192 C CB  . GLU A 1 154 ? 3.443   -11.073 11.222  1.00 21.40 ? 179 GLU A CB  1 
ATOM   1193 C CG  . GLU A 1 154 ? 4.051   -12.448 11.161  1.00 23.56 ? 179 GLU A CG  1 
ATOM   1194 C CD  . GLU A 1 154 ? 4.784   -12.696 9.870   1.00 27.45 ? 179 GLU A CD  1 
ATOM   1195 O OE1 . GLU A 1 154 ? 5.978   -12.328 9.805   1.00 29.77 ? 179 GLU A OE1 1 
ATOM   1196 O OE2 . GLU A 1 154 ? 4.183   -13.266 8.926   1.00 26.25 ? 179 GLU A OE2 1 
ATOM   1197 N N   . LEU A 1 155 ? 1.109   -9.127  11.916  1.00 20.83 ? 180 LEU A N   1 
ATOM   1198 C CA  . LEU A 1 155 ? 0.473   -7.816  11.819  1.00 20.95 ? 180 LEU A CA  1 
ATOM   1199 C C   . LEU A 1 155 ? 0.140   -7.265  13.214  1.00 21.26 ? 180 LEU A C   1 
ATOM   1200 O O   . LEU A 1 155 ? 0.460   -6.118  13.522  1.00 21.01 ? 180 LEU A O   1 
ATOM   1201 C CB  . LEU A 1 155 ? -0.793  -7.892  10.957  1.00 20.60 ? 180 LEU A CB  1 
ATOM   1202 C CG  . LEU A 1 155 ? -0.634  -8.257  9.479   1.00 20.51 ? 180 LEU A CG  1 
ATOM   1203 C CD1 . LEU A 1 155 ? -2.014  -8.582  8.892   1.00 19.07 ? 180 LEU A CD1 1 
ATOM   1204 C CD2 . LEU A 1 155 ? 0.036   -7.141  8.688   1.00 20.93 ? 180 LEU A CD2 1 
ATOM   1205 N N   . GLU A 1 156 ? -0.481  -8.099  14.053  1.00 21.84 ? 181 GLU A N   1 
ATOM   1206 C CA  . GLU A 1 156 ? -0.814  -7.723  15.428  1.00 22.52 ? 181 GLU A CA  1 
ATOM   1207 C C   . GLU A 1 156 ? 0.418   -7.256  16.201  1.00 22.24 ? 181 GLU A C   1 
ATOM   1208 O O   . GLU A 1 156 ? 0.391   -6.195  16.838  1.00 22.50 ? 181 GLU A O   1 
ATOM   1209 C CB  . GLU A 1 156 ? -1.472  -8.892  16.181  1.00 22.68 ? 181 GLU A CB  1 
ATOM   1210 C CG  . GLU A 1 156 ? -2.970  -9.029  15.939  1.00 25.22 ? 181 GLU A CG  1 
ATOM   1211 C CD  . GLU A 1 156 ? -3.831  -8.141  16.845  1.00 27.61 ? 181 GLU A CD  1 
ATOM   1212 O OE1 . GLU A 1 156 ? -3.334  -7.130  17.397  1.00 29.02 ? 181 GLU A OE1 1 
ATOM   1213 O OE2 . GLU A 1 156 ? -5.029  -8.450  16.994  1.00 29.08 ? 181 GLU A OE2 1 
ATOM   1214 N N   . SER A 1 157 ? 1.478   -8.061  16.141  1.00 22.31 ? 182 SER A N   1 
ATOM   1215 C CA  A SER A 1 157 ? 2.732   -7.746  16.824  0.50 22.20 ? 182 SER A CA  1 
ATOM   1216 C CA  B SER A 1 157 ? 2.732   -7.745  16.823  0.50 22.24 ? 182 SER A CA  1 
ATOM   1217 C C   . SER A 1 157 ? 3.244   -6.368  16.415  1.00 22.15 ? 182 SER A C   1 
ATOM   1218 O O   . SER A 1 157 ? 3.665   -5.581  17.258  1.00 22.05 ? 182 SER A O   1 
ATOM   1219 C CB  A SER A 1 157 ? 3.792   -8.810  16.537  0.50 22.15 ? 182 SER A CB  1 
ATOM   1220 C CB  B SER A 1 157 ? 3.788   -8.808  16.533  0.50 22.20 ? 182 SER A CB  1 
ATOM   1221 O OG  A SER A 1 157 ? 5.069   -8.395  16.996  0.50 22.41 ? 182 SER A OG  1 
ATOM   1222 O OG  B SER A 1 157 ? 3.456   -10.033 17.155  0.50 22.75 ? 182 SER A OG  1 
ATOM   1223 N N   . VAL A 1 158 ? 3.193   -6.084  15.112  1.00 21.96 ? 183 VAL A N   1 
ATOM   1224 C CA  . VAL A 1 158 ? 3.644   -4.800  14.586  1.00 21.69 ? 183 VAL A CA  1 
ATOM   1225 C C   . VAL A 1 158 ? 2.778   -3.634  15.113  1.00 22.36 ? 183 VAL A C   1 
ATOM   1226 O O   . VAL A 1 158 ? 3.310   -2.643  15.620  1.00 22.09 ? 183 VAL A O   1 
ATOM   1227 C CB  . VAL A 1 158 ? 3.731   -4.832  13.022  1.00 21.58 ? 183 VAL A CB  1 
ATOM   1228 C CG1 . VAL A 1 158 ? 3.955   -3.454  12.458  1.00 20.79 ? 183 VAL A CG1 1 
ATOM   1229 C CG2 . VAL A 1 158 ? 4.838   -5.787  12.564  1.00 21.06 ? 183 VAL A CG2 1 
ATOM   1230 N N   . ILE A 1 159 ? 1.454   -3.765  15.016  1.00 22.93 ? 184 ILE A N   1 
ATOM   1231 C CA  . ILE A 1 159 ? 0.517   -2.714  15.438  1.00 23.75 ? 184 ILE A CA  1 
ATOM   1232 C C   . ILE A 1 159 ? 0.629   -2.436  16.944  1.00 24.06 ? 184 ILE A C   1 
ATOM   1233 O O   . ILE A 1 159 ? 0.518   -1.288  17.382  1.00 24.18 ? 184 ILE A O   1 
ATOM   1234 C CB  . ILE A 1 159 ? -0.952  -3.065  15.040  1.00 23.67 ? 184 ILE A CB  1 
ATOM   1235 C CG1 . ILE A 1 159 ? -1.099  -3.048  13.515  1.00 23.23 ? 184 ILE A CG1 1 
ATOM   1236 C CG2 . ILE A 1 159 ? -1.951  -2.075  15.644  1.00 24.04 ? 184 ILE A CG2 1 
ATOM   1237 C CD1 . ILE A 1 159 ? -2.055  -4.096  12.952  1.00 25.36 ? 184 ILE A CD1 1 
ATOM   1238 N N   . LYS A 1 160 ? 0.866   -3.493  17.715  1.00 24.79 ? 185 LYS A N   1 
ATOM   1239 C CA  . LYS A 1 160 ? 0.953   -3.393  19.173  1.00 25.43 ? 185 LYS A CA  1 
ATOM   1240 C C   . LYS A 1 160 ? 2.202   -2.624  19.605  1.00 26.11 ? 185 LYS A C   1 
ATOM   1241 O O   . LYS A 1 160 ? 2.141   -1.807  20.527  1.00 26.33 ? 185 LYS A O   1 
ATOM   1242 C CB  . LYS A 1 160 ? 0.926   -4.785  19.809  1.00 25.32 ? 185 LYS A CB  1 
ATOM   1243 N N   . SER A 1 161 ? 3.323   -2.876  18.927  1.00 26.84 ? 186 SER A N   1 
ATOM   1244 C CA  . SER A 1 161 ? 4.580   -2.175  19.218  1.00 27.37 ? 186 SER A CA  1 
ATOM   1245 C C   . SER A 1 161 ? 4.446   -0.661  19.023  1.00 27.78 ? 186 SER A C   1 
ATOM   1246 O O   . SER A 1 161 ? 5.133   0.127   19.685  1.00 27.85 ? 186 SER A O   1 
ATOM   1247 C CB  . SER A 1 161 ? 5.711   -2.720  18.353  1.00 27.52 ? 186 SER A CB  1 
ATOM   1248 O OG  . SER A 1 161 ? 5.463   -2.445  16.986  1.00 28.10 ? 186 SER A OG  1 
ATOM   1249 N N   . VAL A 1 162 ? 3.553   -0.264  18.124  1.00 27.96 ? 187 VAL A N   1 
ATOM   1250 C CA  . VAL A 1 162 ? 3.260   1.143   17.875  1.00 28.41 ? 187 VAL A CA  1 
ATOM   1251 C C   . VAL A 1 162 ? 1.834   1.473   18.327  1.00 28.53 ? 187 VAL A C   1 
ATOM   1252 O O   . VAL A 1 162 ? 1.598   2.466   19.016  1.00 28.65 ? 187 VAL A O   1 
ATOM   1253 C CB  . VAL A 1 162 ? 3.454   1.496   16.382  1.00 28.29 ? 187 VAL A CB  1 
ATOM   1254 C CG1 . VAL A 1 162 ? 2.582   0.606   15.500  1.00 28.61 ? 187 VAL A CG1 1 
ATOM   1255 C CG2 . VAL A 1 162 ? 3.174   2.972   16.128  1.00 28.84 ? 187 VAL A CG2 1 
HETATM 1256 O O   . HOH B 2 .   ? 12.266  -2.551  0.773   1.00 18.50 ? 1   HOH A O   1 
HETATM 1257 O O   . HOH B 2 .   ? -7.540  -16.148 0.266   1.00 16.73 ? 2   HOH A O   1 
HETATM 1258 O O   . HOH B 2 .   ? 1.210   5.464   -8.601  1.00 17.44 ? 3   HOH A O   1 
HETATM 1259 O O   . HOH B 2 .   ? 6.520   -14.424 -17.924 1.00 14.64 ? 4   HOH A O   1 
HETATM 1260 O O   . HOH B 2 .   ? 12.664  7.227   9.295   1.00 15.09 ? 5   HOH A O   1 
HETATM 1261 O O   . HOH B 2 .   ? 9.462   -2.903  0.784   1.00 17.40 ? 6   HOH A O   1 
HETATM 1262 O O   . HOH B 2 .   ? 12.637  1.041   -4.489  1.00 10.71 ? 7   HOH A O   1 
HETATM 1263 O O   . HOH B 2 .   ? -13.599 10.851  16.672  1.00 9.47  ? 8   HOH A O   1 
HETATM 1264 O O   . HOH B 2 .   ? -14.536 -0.254  -14.734 1.00 12.90 ? 9   HOH A O   1 
HETATM 1265 O O   . HOH B 2 .   ? -16.027 -0.641  -3.488  1.00 17.43 ? 10  HOH A O   1 
HETATM 1266 O O   . HOH B 2 .   ? -1.768  -9.561  -18.810 1.00 16.66 ? 11  HOH A O   1 
HETATM 1267 O O   . HOH B 2 .   ? 6.156   -12.628 -19.730 1.00 15.73 ? 12  HOH A O   1 
HETATM 1268 O O   . HOH B 2 .   ? -10.472 6.004   -2.218  1.00 21.82 ? 13  HOH A O   1 
HETATM 1269 O O   . HOH B 2 .   ? 4.907   -4.591  -24.507 1.00 20.91 ? 14  HOH A O   1 
HETATM 1270 O O   . HOH B 2 .   ? 7.181   -12.493 -2.562  1.00 16.35 ? 15  HOH A O   1 
HETATM 1271 O O   . HOH B 2 .   ? 15.063  -5.626  -1.747  1.00 21.46 ? 16  HOH A O   1 
HETATM 1272 O O   . HOH B 2 .   ? -0.094  -3.516  -20.763 1.00 18.16 ? 17  HOH A O   1 
HETATM 1273 O O   . HOH B 2 .   ? 12.669  -2.168  -6.788  1.00 12.38 ? 18  HOH A O   1 
HETATM 1274 O O   . HOH B 2 .   ? -18.023 -2.854  -8.922  1.00 21.58 ? 19  HOH A O   1 
HETATM 1275 O O   . HOH B 2 .   ? 9.795   -0.605  2.590   1.00 15.77 ? 20  HOH A O   1 
HETATM 1276 O O   . HOH B 2 .   ? -7.801  -8.906  -13.979 1.00 12.91 ? 21  HOH A O   1 
HETATM 1277 O O   . HOH B 2 .   ? 11.728  -6.307  -1.616  1.00 18.22 ? 22  HOH A O   1 
HETATM 1278 O O   . HOH B 2 .   ? -5.277  -0.582  -16.959 1.00 15.08 ? 23  HOH A O   1 
HETATM 1279 O O   . HOH B 2 .   ? 6.156   -7.573  -22.467 1.00 28.27 ? 24  HOH A O   1 
HETATM 1280 O O   . HOH B 2 .   ? 11.926  9.724   9.388   1.00 23.34 ? 25  HOH A O   1 
HETATM 1281 O O   . HOH B 2 .   ? -15.140 -4.830  -15.478 1.00 18.31 ? 191 HOH A O   1 
HETATM 1282 O O   . HOH B 2 .   ? -1.060  5.635   -7.324  1.00 22.02 ? 192 HOH A O   1 
HETATM 1283 O O   . HOH B 2 .   ? -1.598  -13.671 5.137   1.00 29.56 ? 193 HOH A O   1 
HETATM 1284 O O   . HOH B 2 .   ? -9.229  1.828   11.391  1.00 19.17 ? 194 HOH A O   1 
HETATM 1285 O O   . HOH B 2 .   ? 2.630   -12.701 -6.597  1.00 12.71 ? 195 HOH A O   1 
HETATM 1286 O O   . HOH B 2 .   ? -16.212 -2.147  1.222   1.00 19.35 ? 196 HOH A O   1 
HETATM 1287 O O   . HOH B 2 .   ? 9.094   4.734   -8.323  1.00 17.39 ? 197 HOH A O   1 
HETATM 1288 O O   . HOH B 2 .   ? -17.832 -4.061  2.143   1.00 21.94 ? 198 HOH A O   1 
HETATM 1289 O O   . HOH B 2 .   ? 10.201  -3.246  -7.424  1.00 16.54 ? 199 HOH A O   1 
HETATM 1290 O O   . HOH B 2 .   ? 2.298   -11.570 -26.764 1.00 31.35 ? 200 HOH A O   1 
HETATM 1291 O O   . HOH B 2 .   ? -2.078  2.918   -14.418 1.00 22.36 ? 201 HOH A O   1 
HETATM 1292 O O   . HOH B 2 .   ? -16.253 1.758   -4.649  1.00 20.02 ? 202 HOH A O   1 
HETATM 1293 O O   . HOH B 2 .   ? 13.301  -5.093  0.401   1.00 22.07 ? 203 HOH A O   1 
HETATM 1294 O O   . HOH B 2 .   ? -14.673 -9.928  -6.157  1.00 19.91 ? 204 HOH A O   1 
HETATM 1295 O O   . HOH B 2 .   ? -15.177 -0.022  -0.297  1.00 34.95 ? 205 HOH A O   1 
HETATM 1296 O O   . HOH B 2 .   ? -0.450  -14.575 -3.290  1.00 29.28 ? 206 HOH A O   1 
HETATM 1297 O O   . HOH B 2 .   ? -2.240  -7.532  -20.443 1.00 26.26 ? 207 HOH A O   1 
HETATM 1298 O O   . HOH B 2 .   ? 4.226   1.301   -18.622 1.00 21.14 ? 208 HOH A O   1 
HETATM 1299 O O   . HOH B 2 .   ? 7.418   8.870   2.886   1.00 18.44 ? 209 HOH A O   1 
HETATM 1300 O O   . HOH B 2 .   ? -18.676 -2.509  -6.372  1.00 21.60 ? 210 HOH A O   1 
HETATM 1301 O O   . HOH B 2 .   ? 11.893  5.516   6.817   1.00 18.57 ? 211 HOH A O   1 
HETATM 1302 O O   . HOH B 2 .   ? 1.781   -14.430 -4.850  1.00 24.62 ? 212 HOH A O   1 
HETATM 1303 O O   . HOH B 2 .   ? -11.761 -6.796  15.144  1.00 24.04 ? 213 HOH A O   1 
HETATM 1304 O O   . HOH B 2 .   ? 16.191  9.620   -0.360  1.00 10.25 ? 214 HOH A O   1 
HETATM 1305 O O   . HOH B 2 .   ? 0.513   9.582   -7.861  1.00 20.52 ? 215 HOH A O   1 
HETATM 1306 O O   . HOH B 2 .   ? 5.665   10.559  1.584   1.00 19.13 ? 216 HOH A O   1 
HETATM 1307 O O   . HOH B 2 .   ? 17.963  21.193  9.184   1.00 22.62 ? 217 HOH A O   1 
HETATM 1308 O O   . HOH B 2 .   ? 16.839  24.378  6.985   1.00 19.37 ? 218 HOH A O   1 
HETATM 1309 O O   . HOH B 2 .   ? 20.604  22.088  9.205   1.00 18.56 ? 219 HOH A O   1 
HETATM 1310 O O   . HOH B 2 .   ? -9.202  -12.705 -5.244  1.00 18.33 ? 220 HOH A O   1 
HETATM 1311 O O   . HOH B 2 .   ? -8.999  -15.433 -8.941  1.00 22.23 ? 221 HOH A O   1 
HETATM 1312 O O   . HOH B 2 .   ? -2.819  -11.007 -20.381 1.00 23.95 ? 222 HOH A O   1 
HETATM 1313 O O   . HOH B 2 .   ? 7.203   -1.445  -11.551 1.00 24.52 ? 223 HOH A O   1 
HETATM 1314 O O   . HOH B 2 .   ? -13.846 -8.259  -8.528  1.00 20.35 ? 224 HOH A O   1 
HETATM 1315 O O   . HOH B 2 .   ? 2.596   -7.885  -25.327 1.00 23.83 ? 225 HOH A O   1 
HETATM 1316 O O   . HOH B 2 .   ? 31.260  20.472  12.583  1.00 19.41 ? 226 HOH A O   1 
HETATM 1317 O O   . HOH B 2 .   ? 6.596   -12.689 4.249   1.00 16.98 ? 227 HOH A O   1 
HETATM 1318 O O   . HOH B 2 .   ? 9.884   11.848  -4.228  1.00 21.17 ? 228 HOH A O   1 
HETATM 1319 O O   . HOH B 2 .   ? 2.538   7.240   -7.140  1.00 29.62 ? 229 HOH A O   1 
HETATM 1320 O O   . HOH B 2 .   ? -15.161 2.585   -0.171  1.00 26.76 ? 230 HOH A O   1 
HETATM 1321 O O   . HOH B 2 .   ? 15.043  15.556  -2.682  1.00 37.21 ? 231 HOH A O   1 
HETATM 1322 O O   . HOH B 2 .   ? -5.423  5.539   -8.861  1.00 27.17 ? 232 HOH A O   1 
HETATM 1323 O O   . HOH B 2 .   ? 8.039   3.057   -12.280 1.00 30.12 ? 233 HOH A O   1 
HETATM 1324 O O   . HOH B 2 .   ? -12.959 1.043   0.418   1.00 20.04 ? 234 HOH A O   1 
HETATM 1325 O O   . HOH B 2 .   ? 16.453  17.927  9.031   1.00 17.87 ? 235 HOH A O   1 
HETATM 1326 O O   . HOH B 2 .   ? -5.926  -16.255 11.221  1.00 24.63 ? 236 HOH A O   1 
HETATM 1327 O O   . HOH B 2 .   ? -4.106  5.442   -11.251 1.00 26.86 ? 237 HOH A O   1 
HETATM 1328 O O   . HOH B 2 .   ? -6.647  6.206   -10.828 1.00 22.02 ? 238 HOH A O   1 
HETATM 1329 O O   . HOH B 2 .   ? -8.386  4.043   -11.481 1.00 28.10 ? 239 HOH A O   1 
HETATM 1330 O O   . HOH B 2 .   ? -3.133  -16.390 2.411   1.00 30.79 ? 240 HOH A O   1 
HETATM 1331 O O   . HOH B 2 .   ? -2.817  -13.562 2.708   1.00 26.76 ? 241 HOH A O   1 
HETATM 1332 O O   . HOH B 2 .   ? 5.563   8.275   -5.309  1.00 30.55 ? 242 HOH A O   1 
HETATM 1333 O O   . HOH B 2 .   ? 3.689   11.159  2.010   1.00 32.57 ? 243 HOH A O   1 
HETATM 1334 O O   . HOH B 2 .   ? -2.268  -4.940  -20.544 1.00 23.70 ? 244 HOH A O   1 
HETATM 1335 O O   . HOH B 2 .   ? -10.809 5.050   12.305  1.00 33.78 ? 245 HOH A O   1 
HETATM 1336 O O   . HOH B 2 .   ? -10.413 -14.931 -6.052  1.00 28.64 ? 246 HOH A O   1 
HETATM 1337 O O   . HOH B 2 .   ? 16.197  19.529  10.808  1.00 31.25 ? 247 HOH A O   1 
HETATM 1338 O O   . HOH B 2 .   ? 14.211  21.149  8.702   1.00 32.18 ? 248 HOH A O   1 
HETATM 1339 O O   . HOH B 2 .   ? 9.239   -2.521  -10.358 1.00 30.68 ? 249 HOH A O   1 
HETATM 1340 O O   . HOH B 2 .   ? 6.428   -11.948 7.331   1.00 23.79 ? 250 HOH A O   1 
HETATM 1341 O O   . HOH B 2 .   ? -17.037 -15.395 -2.060  1.00 12.82 ? 251 HOH A O   1 
HETATM 1342 O O   . HOH B 2 .   ? 21.905  26.909  7.130   1.00 18.19 ? 252 HOH A O   1 
HETATM 1343 O O   . HOH B 2 .   ? -2.287  -15.649 -4.227  1.00 23.43 ? 253 HOH A O   1 
HETATM 1344 O O   . HOH B 2 .   ? -2.582  -15.540 9.551   1.00 22.19 ? 254 HOH A O   1 
HETATM 1345 O O   . HOH B 2 .   ? -4.806  -12.517 -20.789 1.00 34.30 ? 255 HOH A O   1 
HETATM 1346 O O   . HOH B 2 .   ? -7.851  8.879   5.680   1.00 32.08 ? 256 HOH A O   1 
HETATM 1347 O O   . HOH B 2 .   ? -15.142 1.023   8.462   1.00 24.12 ? 257 HOH A O   1 
HETATM 1348 O O   . HOH B 2 .   ? -17.493 -2.149  8.233   1.00 25.40 ? 258 HOH A O   1 
HETATM 1349 O O   . HOH B 2 .   ? -13.510 -3.027  9.533   1.00 36.36 ? 259 HOH A O   1 
HETATM 1350 O O   . HOH B 2 .   ? -0.987  -15.694 12.981  1.00 24.02 ? 260 HOH A O   1 
HETATM 1351 O O   . HOH B 2 .   ? -4.328  -4.090  -22.077 1.00 25.89 ? 261 HOH A O   1 
HETATM 1352 O O   . HOH B 2 .   ? 1.177   -17.354 -4.392  1.00 57.36 ? 262 HOH A O   1 
HETATM 1353 O O   . HOH B 2 .   ? 6.804   6.982   -6.648  1.00 35.80 ? 263 HOH A O   1 
HETATM 1354 O O   . HOH B 2 .   ? -13.505 4.758   -11.692 1.00 29.03 ? 264 HOH A O   1 
HETATM 1355 O O   . HOH B 2 .   ? 4.786   13.251  -0.277  1.00 29.68 ? 265 HOH A O   1 
HETATM 1356 O O   . HOH B 2 .   ? 2.395   7.329   13.624  1.00 27.62 ? 266 HOH A O   1 
HETATM 1357 O O   . HOH B 2 .   ? -12.747 -16.879 -7.249  1.00 51.62 ? 267 HOH A O   1 
HETATM 1358 O O   . HOH B 2 .   ? 2.729   -16.774 -5.676  1.00 24.59 ? 268 HOH A O   1 
HETATM 1359 O O   . HOH B 2 .   ? -12.159 0.531   14.484  1.00 28.93 ? 269 HOH A O   1 
HETATM 1360 O O   . HOH B 2 .   ? -5.884  2.295   17.102  1.00 23.50 ? 270 HOH A O   1 
HETATM 1361 O O   . HOH B 2 .   ? -1.590  0.606   18.317  1.00 30.03 ? 271 HOH A O   1 
HETATM 1362 O O   . HOH B 2 .   ? -6.394  1.964   -14.002 1.00 39.13 ? 272 HOH A O   1 
HETATM 1363 O O   . HOH B 2 .   ? -3.449  3.361   -12.705 1.00 36.55 ? 273 HOH A O   1 
HETATM 1364 O O   . HOH B 2 .   ? -7.330  -0.225  -14.873 1.00 27.49 ? 274 HOH A O   1 
HETATM 1365 O O   . HOH B 2 .   ? -9.027  -5.087  -18.662 1.00 31.77 ? 275 HOH A O   1 
HETATM 1366 O O   . HOH B 2 .   ? -6.106  -14.742 -17.908 1.00 34.66 ? 276 HOH A O   1 
HETATM 1367 O O   . HOH B 2 .   ? -12.493 2.346   13.270  1.00 58.20 ? 277 HOH A O   1 
HETATM 1368 O O   . HOH B 2 .   ? -16.892 -6.679  -11.545 1.00 37.06 ? 278 HOH A O   1 
HETATM 1369 O O   . HOH B 2 .   ? -15.733 -8.743  -10.389 1.00 31.39 ? 279 HOH A O   1 
HETATM 1370 O O   . HOH B 2 .   ? -20.085 -4.943  -4.984  1.00 44.94 ? 280 HOH A O   1 
HETATM 1371 O O   . HOH B 2 .   ? -14.152 7.423   4.332   1.00 55.20 ? 281 HOH A O   1 
HETATM 1372 O O   . HOH B 2 .   ? -14.390 5.515   -0.998  1.00 86.15 ? 282 HOH A O   1 
HETATM 1373 O O   . HOH B 2 .   ? 5.589   5.280   -14.446 1.00 29.80 ? 283 HOH A O   1 
HETATM 1374 O O   . HOH B 2 .   ? 7.193   5.612   -12.651 1.00 34.12 ? 284 HOH A O   1 
HETATM 1375 O O   . HOH B 2 .   ? 7.838   1.433   -14.152 1.00 33.58 ? 285 HOH A O   1 
HETATM 1376 O O   . HOH B 2 .   ? 4.861   3.140   -17.310 1.00 34.41 ? 286 HOH A O   1 
HETATM 1377 O O   . HOH B 2 .   ? 6.680   0.649   -19.994 1.00 31.19 ? 287 HOH A O   1 
HETATM 1378 O O   . HOH B 2 .   ? 12.934  4.682   -12.405 1.00 67.47 ? 288 HOH A O   1 
HETATM 1379 O O   . HOH B 2 .   ? 12.633  7.158   -13.171 1.00 61.36 ? 289 HOH A O   1 
HETATM 1380 O O   . HOH B 2 .   ? 6.720   11.028  6.979   1.00 25.85 ? 290 HOH A O   1 
HETATM 1381 O O   . HOH B 2 .   ? 10.945  8.490   14.095  1.00 31.44 ? 291 HOH A O   1 
HETATM 1382 O O   . HOH B 2 .   ? 11.114  7.017   16.216  1.00 40.41 ? 292 HOH A O   1 
HETATM 1383 O O   . HOH B 2 .   ? 9.157   -3.223  13.264  1.00 35.04 ? 293 HOH A O   1 
HETATM 1384 O O   . HOH B 2 .   ? 9.769   -0.993  13.009  1.00 89.12 ? 294 HOH A O   1 
HETATM 1385 O O   . HOH B 2 .   ? 10.024  -0.415  15.598  1.00 34.72 ? 295 HOH A O   1 
# 
